data_9FSK
#
_entry.id   9FSK
#
_cell.length_a   170.157
_cell.length_b   74.318
_cell.length_c   161.063
_cell.angle_alpha   90
_cell.angle_beta   111.93
_cell.angle_gamma   90
#
_symmetry.space_group_name_H-M   'C 1 2 1'
#
loop_
_entity.id
_entity.type
_entity.pdbx_description
1 polymer 'E3 ubiquitin-protein ligase SMURF1'
2 water water
#
_entity_poly.entity_id   1
_entity_poly.type   'polypeptide(L)'
_entity_poly.pdbx_seq_one_letter_code
;GPDLVQKLKVLRHELSLQQPQAGHCRIEVSREEIFEESYRQIMKMRPKDLKKRLMVKFRGEEGLDYGGVAREWLYLLCHE
MLNPYYGLFQYSTDNIYMLQINPDSSINPDHLSYFHFVGRIMGLAVFHGHYINGGFTVPFYKQLLGKPIQLSDLESVDPE
LHKSLVWILENDITPVLDHTFCVEHNAFGRILQHELKPNGRNVPVTEENKKEYVRLYVNWRFMRGIEAQFLALQKGFNEL
IPQHLLKPFDQKELELIIGGLDKIDLNDWKSNTRLKHCVADSNIVRWFWQAVETFDEERRARLLQFVTGSTRVPLQGFKA
LQGSTGAAGPRLFTIHLIDANTDNLPKAHTCFNRIDIPPYESYEKLYEKLLTAVEET
;
_entity_poly.pdbx_strand_id   A,B,C,D
#
# COMPACT_ATOMS: atom_id res chain seq x y z
N ASP A 3 12.07 9.87 -17.87
CA ASP A 3 11.65 10.19 -16.51
C ASP A 3 11.85 11.67 -16.19
N LEU A 4 11.09 12.15 -15.19
CA LEU A 4 11.01 13.55 -14.78
C LEU A 4 12.28 14.15 -14.25
N VAL A 5 13.09 13.38 -13.51
CA VAL A 5 14.36 13.86 -12.96
C VAL A 5 15.36 14.20 -14.07
N GLN A 6 15.29 13.45 -15.19
CA GLN A 6 16.07 13.60 -16.42
C GLN A 6 15.73 14.98 -17.05
N LYS A 7 14.45 15.23 -17.48
CA LYS A 7 13.97 16.52 -18.04
C LYS A 7 14.17 17.65 -17.02
N LEU A 8 14.00 17.37 -15.73
CA LEU A 8 14.18 18.37 -14.69
C LEU A 8 15.62 18.82 -14.65
N LYS A 9 16.60 17.92 -14.57
CA LYS A 9 18.03 18.30 -14.63
C LYS A 9 18.38 19.27 -15.81
N VAL A 10 17.71 19.14 -16.98
CA VAL A 10 17.95 20.09 -18.08
C VAL A 10 17.42 21.49 -17.68
N LEU A 11 16.19 21.55 -17.17
CA LEU A 11 15.58 22.76 -16.62
C LEU A 11 16.44 23.33 -15.47
N ARG A 12 16.90 22.52 -14.51
CA ARG A 12 17.71 22.99 -13.40
C ARG A 12 19.06 23.50 -13.86
N HIS A 13 19.61 22.95 -14.94
CA HIS A 13 20.92 23.42 -15.43
C HIS A 13 20.75 24.76 -16.10
N GLU A 14 19.67 24.94 -16.88
CA GLU A 14 19.43 26.23 -17.53
C GLU A 14 19.19 27.31 -16.48
N LEU A 15 18.43 26.99 -15.41
CA LEU A 15 18.17 27.90 -14.30
C LEU A 15 19.44 28.20 -13.53
N SER A 16 20.30 27.19 -13.32
CA SER A 16 21.56 27.37 -12.58
C SER A 16 22.50 28.35 -13.25
N LEU A 17 22.45 28.47 -14.59
CA LEU A 17 23.27 29.42 -15.34
C LEU A 17 22.86 30.87 -15.04
N GLN A 18 21.56 31.09 -14.72
CA GLN A 18 21.02 32.40 -14.37
C GLN A 18 21.33 32.84 -12.91
N GLN A 19 21.81 31.90 -12.06
CA GLN A 19 22.16 32.20 -10.68
C GLN A 19 23.55 32.79 -10.63
N PRO A 20 23.67 34.09 -10.29
CA PRO A 20 25.02 34.69 -10.17
C PRO A 20 25.79 34.03 -9.03
N GLN A 21 26.96 33.44 -9.32
CA GLN A 21 27.74 32.76 -8.27
C GLN A 21 28.19 33.70 -7.14
N ALA A 22 28.21 35.02 -7.41
CA ALA A 22 28.58 36.02 -6.41
C ALA A 22 27.34 36.65 -5.81
N GLY A 23 27.29 36.71 -4.49
CA GLY A 23 26.19 37.35 -3.79
C GLY A 23 25.18 36.39 -3.19
N HIS A 24 24.35 36.89 -2.27
CA HIS A 24 23.29 36.17 -1.58
C HIS A 24 21.98 36.99 -1.59
N CYS A 25 20.82 36.34 -1.76
CA CYS A 25 19.51 36.96 -1.69
C CYS A 25 19.14 36.85 -0.22
N ARG A 26 19.19 37.98 0.49
CA ARG A 26 19.02 38.04 1.94
C ARG A 26 17.61 38.33 2.40
N ILE A 27 16.97 37.36 3.09
CA ILE A 27 15.63 37.48 3.65
C ILE A 27 15.71 37.25 5.14
N GLU A 28 15.27 38.23 5.94
CA GLU A 28 15.25 38.10 7.38
C GLU A 28 13.87 38.48 7.84
N VAL A 29 13.05 37.50 8.21
CA VAL A 29 11.69 37.79 8.66
C VAL A 29 11.43 37.20 10.04
N SER A 30 10.39 37.67 10.73
CA SER A 30 10.00 37.09 12.01
C SER A 30 9.02 35.92 11.77
N ARG A 31 8.88 35.03 12.72
CA ARG A 31 7.98 33.87 12.56
C ARG A 31 6.52 34.30 12.66
N GLU A 32 6.23 35.23 13.61
CA GLU A 32 4.88 35.71 13.81
C GLU A 32 4.36 36.63 12.72
N GLU A 33 5.24 37.19 11.88
CA GLU A 33 4.80 38.07 10.80
C GLU A 33 5.46 37.64 9.48
N ILE A 34 5.67 36.32 9.28
CA ILE A 34 6.32 35.76 8.09
C ILE A 34 5.61 36.14 6.76
N PHE A 35 4.26 36.19 6.73
CA PHE A 35 3.55 36.52 5.49
C PHE A 35 3.77 37.98 5.02
N GLU A 36 3.47 38.99 5.86
CA GLU A 36 3.63 40.37 5.44
C GLU A 36 5.08 40.83 5.38
N GLU A 37 5.97 40.27 6.21
CA GLU A 37 7.39 40.66 6.17
C GLU A 37 8.08 40.07 4.96
N SER A 38 7.73 38.84 4.56
CA SER A 38 8.30 38.25 3.35
C SER A 38 7.76 38.99 2.15
N TYR A 39 6.49 39.38 2.16
CA TYR A 39 5.87 40.15 1.09
C TYR A 39 6.65 41.45 0.83
N ARG A 40 6.84 42.26 1.89
CA ARG A 40 7.57 43.53 1.80
C ARG A 40 9.00 43.30 1.25
N GLN A 41 9.76 42.36 1.83
CA GLN A 41 11.12 42.06 1.40
C GLN A 41 11.27 41.53 -0.01
N ILE A 42 10.48 40.54 -0.40
CA ILE A 42 10.53 39.97 -1.75
C ILE A 42 10.09 40.96 -2.82
N MET A 43 9.03 41.72 -2.54
CA MET A 43 8.50 42.68 -3.52
C MET A 43 9.33 43.92 -3.69
N LYS A 44 10.22 44.22 -2.75
CA LYS A 44 11.14 45.34 -2.87
C LYS A 44 12.27 44.99 -3.86
N MET A 45 12.62 43.69 -3.99
CA MET A 45 13.68 43.21 -4.85
C MET A 45 13.35 43.17 -6.31
N ARG A 46 14.37 43.25 -7.19
CA ARG A 46 14.21 43.11 -8.64
C ARG A 46 14.42 41.61 -8.92
N PRO A 47 13.84 41.09 -10.03
CA PRO A 47 14.01 39.65 -10.35
C PRO A 47 15.46 39.16 -10.29
N LYS A 48 16.45 39.97 -10.78
CA LYS A 48 17.85 39.62 -10.74
C LYS A 48 18.36 39.37 -9.32
N ASP A 49 17.82 40.10 -8.34
CA ASP A 49 18.22 39.93 -6.94
C ASP A 49 17.75 38.58 -6.39
N LEU A 50 16.58 38.11 -6.84
CA LEU A 50 15.97 36.84 -6.41
C LEU A 50 16.71 35.62 -6.97
N LYS A 51 17.48 35.78 -8.05
CA LYS A 51 18.23 34.69 -8.63
C LYS A 51 19.55 34.42 -7.91
N LYS A 52 19.99 35.29 -6.96
CA LYS A 52 21.20 35.06 -6.16
C LYS A 52 20.96 33.98 -5.12
N ARG A 53 22.03 33.21 -4.71
CA ARG A 53 21.84 32.10 -3.75
C ARG A 53 21.14 32.55 -2.47
N LEU A 54 20.09 31.83 -2.05
CA LEU A 54 19.28 32.22 -0.90
C LEU A 54 19.96 32.16 0.48
N MET A 55 19.68 33.18 1.29
CA MET A 55 20.12 33.29 2.67
C MET A 55 18.95 33.79 3.50
N VAL A 56 18.19 32.85 4.02
CA VAL A 56 17.03 33.15 4.82
C VAL A 56 17.33 32.95 6.29
N LYS A 57 17.13 34.01 7.09
CA LYS A 57 17.32 33.94 8.54
C LYS A 57 16.06 34.39 9.27
N PHE A 58 15.69 33.73 10.40
CA PHE A 58 14.56 34.20 11.21
C PHE A 58 15.09 35.23 12.17
N ARG A 59 14.43 36.37 12.23
CA ARG A 59 14.85 37.49 13.05
C ARG A 59 15.03 37.09 14.52
N GLY A 60 16.25 37.20 15.02
CA GLY A 60 16.57 36.85 16.39
C GLY A 60 17.12 35.44 16.52
N GLU A 61 16.41 34.49 15.94
CA GLU A 61 16.77 33.08 16.00
C GLU A 61 18.15 32.76 15.34
N GLU A 62 18.83 33.77 14.73
CA GLU A 62 20.11 33.53 14.05
C GLU A 62 21.30 33.21 14.99
N GLY A 63 21.16 33.50 16.28
CA GLY A 63 22.20 33.21 17.25
C GLY A 63 22.16 31.76 17.71
N LEU A 64 21.27 31.46 18.69
CA LEU A 64 21.10 30.09 19.20
C LEU A 64 19.85 29.45 18.58
N GLY A 68 21.03 29.56 7.94
CA GLY A 68 19.57 29.53 8.09
C GLY A 68 18.87 28.85 6.92
N VAL A 69 17.57 28.39 7.11
CA VAL A 69 16.99 27.65 5.99
C VAL A 69 15.68 28.18 5.42
N ALA A 70 15.79 28.36 4.12
CA ALA A 70 14.75 28.69 3.17
C ALA A 70 13.75 27.54 3.05
N ARG A 71 14.12 26.34 3.45
CA ARG A 71 13.29 25.15 3.42
C ARG A 71 12.15 25.34 4.44
N GLU A 72 12.52 25.75 5.66
CA GLU A 72 11.52 26.01 6.71
C GLU A 72 10.74 27.30 6.45
N TRP A 73 11.42 28.30 5.94
CA TRP A 73 10.81 29.58 5.64
C TRP A 73 9.77 29.40 4.53
N LEU A 74 10.09 28.63 3.46
CA LEU A 74 9.17 28.38 2.38
C LEU A 74 7.99 27.62 2.90
N TYR A 75 8.21 26.60 3.71
CA TYR A 75 7.18 25.77 4.27
C TYR A 75 6.17 26.59 5.07
N LEU A 76 6.66 27.40 6.03
CA LEU A 76 5.87 28.26 6.88
C LEU A 76 5.22 29.37 6.13
N LEU A 77 5.86 29.89 5.08
CA LEU A 77 5.34 30.96 4.22
C LEU A 77 4.21 30.44 3.32
N CYS A 78 4.37 29.26 2.68
CA CYS A 78 3.31 28.66 1.84
C CYS A 78 2.10 28.33 2.67
N HIS A 79 2.32 27.83 3.89
CA HIS A 79 1.33 27.51 4.86
C HIS A 79 0.43 28.72 5.13
N GLU A 80 1.03 29.89 5.23
CA GLU A 80 0.33 31.13 5.46
C GLU A 80 -0.33 31.66 4.20
N MET A 81 0.43 31.98 3.13
CA MET A 81 -0.15 32.58 1.92
C MET A 81 -1.24 31.76 1.23
N LEU A 82 -1.13 30.43 1.28
CA LEU A 82 -2.13 29.57 0.65
C LEU A 82 -3.36 29.30 1.54
N ASN A 83 -3.41 29.86 2.75
CA ASN A 83 -4.53 29.67 3.64
C ASN A 83 -5.67 30.56 3.18
N PRO A 84 -6.88 30.00 3.01
CA PRO A 84 -8.01 30.82 2.55
C PRO A 84 -8.36 32.02 3.44
N TYR A 85 -7.82 32.08 4.68
CA TYR A 85 -8.01 33.19 5.61
C TYR A 85 -7.58 34.52 4.93
N TYR A 86 -6.49 34.47 4.15
CA TYR A 86 -5.97 35.64 3.44
C TYR A 86 -6.69 36.03 2.14
N GLY A 87 -7.66 35.21 1.73
CA GLY A 87 -8.48 35.52 0.57
C GLY A 87 -7.85 35.46 -0.81
N LEU A 88 -6.59 34.94 -0.92
CA LEU A 88 -6.00 34.82 -2.26
C LEU A 88 -6.46 33.50 -2.89
N PHE A 89 -6.45 32.42 -2.08
CA PHE A 89 -6.85 31.12 -2.56
C PHE A 89 -8.05 30.56 -1.78
N GLN A 90 -8.75 29.61 -2.37
CA GLN A 90 -9.87 28.91 -1.73
C GLN A 90 -9.82 27.44 -2.11
N TYR A 91 -10.40 26.56 -1.29
CA TYR A 91 -10.46 25.13 -1.65
C TYR A 91 -11.53 24.96 -2.75
N SER A 92 -11.31 24.01 -3.67
CA SER A 92 -12.26 23.78 -4.76
C SER A 92 -13.53 23.09 -4.25
N THR A 93 -14.66 23.37 -4.91
CA THR A 93 -15.96 22.81 -4.52
C THR A 93 -16.00 21.30 -4.80
N ASP A 94 -15.55 20.93 -6.03
CA ASP A 94 -15.51 19.57 -6.60
C ASP A 94 -14.18 18.81 -6.34
N ASN A 95 -13.16 19.53 -5.87
CA ASN A 95 -11.84 19.00 -5.52
C ASN A 95 -11.55 19.64 -4.17
N ILE A 96 -12.29 19.22 -3.16
CA ILE A 96 -12.19 19.76 -1.80
C ILE A 96 -10.78 19.64 -1.18
N TYR A 97 -9.84 18.96 -1.88
CA TYR A 97 -8.46 18.74 -1.43
C TYR A 97 -7.40 19.68 -2.12
N MET A 98 -7.82 20.46 -3.12
CA MET A 98 -6.95 21.32 -3.89
C MET A 98 -7.35 22.80 -3.92
N LEU A 99 -6.36 23.68 -3.89
CA LEU A 99 -6.51 25.13 -3.95
C LEU A 99 -6.76 25.66 -5.37
N GLN A 100 -7.49 26.76 -5.44
CA GLN A 100 -7.74 27.51 -6.64
C GLN A 100 -7.80 29.01 -6.30
N ILE A 101 -7.54 29.88 -7.26
CA ILE A 101 -7.63 31.32 -7.05
C ILE A 101 -9.06 31.72 -6.62
N ASN A 102 -9.18 32.58 -5.61
CA ASN A 102 -10.47 33.05 -5.13
C ASN A 102 -10.94 34.17 -6.07
N PRO A 103 -12.10 34.03 -6.75
CA PRO A 103 -12.54 35.10 -7.66
C PRO A 103 -12.94 36.41 -6.97
N ASP A 104 -13.33 36.33 -5.70
CA ASP A 104 -13.70 37.51 -4.92
C ASP A 104 -12.49 38.12 -4.21
N SER A 105 -11.27 37.96 -4.79
CA SER A 105 -10.03 38.47 -4.24
C SER A 105 -9.93 40.00 -4.26
N SER A 106 -10.80 40.69 -5.05
CA SER A 106 -10.82 42.16 -5.21
C SER A 106 -11.07 42.92 -3.90
N ILE A 107 -11.61 42.24 -2.88
CA ILE A 107 -11.90 42.80 -1.56
C ILE A 107 -10.68 43.54 -1.00
N ASN A 108 -9.50 42.94 -1.18
CA ASN A 108 -8.23 43.54 -0.85
C ASN A 108 -7.88 44.31 -2.12
N PRO A 109 -7.82 45.65 -2.11
CA PRO A 109 -7.48 46.38 -3.35
C PRO A 109 -6.10 46.02 -3.91
N ASP A 110 -5.14 45.68 -3.03
CA ASP A 110 -3.79 45.32 -3.42
C ASP A 110 -3.62 43.84 -3.77
N HIS A 111 -4.73 43.10 -3.99
CA HIS A 111 -4.70 41.67 -4.24
C HIS A 111 -3.76 41.29 -5.37
N LEU A 112 -3.78 42.05 -6.45
CA LEU A 112 -2.93 41.78 -7.60
C LEU A 112 -1.44 41.75 -7.27
N SER A 113 -1.00 42.53 -6.30
CA SER A 113 0.39 42.53 -5.88
C SER A 113 0.71 41.29 -5.04
N TYR A 114 -0.28 40.79 -4.28
CA TYR A 114 -0.15 39.59 -3.48
C TYR A 114 -0.08 38.35 -4.32
N PHE A 115 -0.85 38.32 -5.45
CA PHE A 115 -0.80 37.23 -6.41
C PHE A 115 0.53 37.24 -7.10
N HIS A 116 1.05 38.40 -7.47
CA HIS A 116 2.37 38.53 -8.07
C HIS A 116 3.43 38.04 -7.05
N PHE A 117 3.22 38.31 -5.73
CA PHE A 117 4.16 37.81 -4.69
C PHE A 117 4.11 36.32 -4.58
N VAL A 118 2.92 35.70 -4.57
CA VAL A 118 2.77 34.23 -4.53
C VAL A 118 3.49 33.59 -5.72
N GLY A 119 3.36 34.19 -6.90
CA GLY A 119 4.08 33.75 -8.07
C GLY A 119 5.58 33.86 -7.88
N ARG A 120 6.06 34.96 -7.26
CA ARG A 120 7.49 35.11 -6.98
C ARG A 120 7.98 34.02 -6.04
N ILE A 121 7.20 33.73 -4.98
CA ILE A 121 7.55 32.66 -4.07
C ILE A 121 7.57 31.28 -4.78
N MET A 122 6.60 31.01 -5.65
CA MET A 122 6.59 29.73 -6.41
C MET A 122 7.77 29.62 -7.33
N GLY A 123 8.12 30.70 -8.03
CA GLY A 123 9.25 30.68 -8.95
C GLY A 123 10.57 30.59 -8.20
N LEU A 124 10.65 31.24 -7.07
CA LEU A 124 11.83 31.24 -6.23
C LEU A 124 12.07 29.84 -5.69
N ALA A 125 10.99 29.13 -5.30
CA ALA A 125 11.15 27.78 -4.80
C ALA A 125 11.66 26.85 -5.90
N VAL A 126 11.01 26.81 -7.08
CA VAL A 126 11.47 25.98 -8.19
C VAL A 126 12.88 26.36 -8.63
N PHE A 127 13.19 27.68 -8.66
CA PHE A 127 14.49 28.18 -9.10
C PHE A 127 15.62 27.74 -8.16
N HIS A 128 15.37 27.71 -6.85
CA HIS A 128 16.40 27.35 -5.89
C HIS A 128 16.34 25.89 -5.46
N GLY A 129 15.67 25.03 -6.22
CA GLY A 129 15.61 23.60 -5.91
C GLY A 129 14.72 23.21 -4.75
N HIS A 130 13.79 24.08 -4.43
CA HIS A 130 12.86 23.89 -3.33
C HIS A 130 11.45 23.65 -3.84
N TYR A 131 10.53 23.29 -2.95
CA TYR A 131 9.17 22.98 -3.36
C TYR A 131 8.11 23.78 -2.56
N ILE A 132 6.87 23.80 -3.10
CA ILE A 132 5.75 24.47 -2.49
C ILE A 132 4.77 23.52 -1.88
N ASN A 133 4.54 23.61 -0.56
CA ASN A 133 3.55 22.78 0.14
C ASN A 133 2.20 23.43 -0.12
N GLY A 134 1.44 22.82 -1.01
CA GLY A 134 0.13 23.30 -1.38
C GLY A 134 -0.21 22.73 -2.72
N GLY A 135 -1.30 21.98 -2.77
CA GLY A 135 -1.74 21.37 -4.00
C GLY A 135 -2.77 22.24 -4.70
N PHE A 136 -2.63 22.41 -6.01
CA PHE A 136 -3.56 23.21 -6.81
C PHE A 136 -4.45 22.32 -7.71
N THR A 137 -5.46 22.92 -8.37
CA THR A 137 -6.35 22.17 -9.24
C THR A 137 -5.70 21.94 -10.63
N VAL A 138 -6.29 21.03 -11.44
CA VAL A 138 -5.79 20.70 -12.78
C VAL A 138 -5.74 21.92 -13.71
N PRO A 139 -6.80 22.77 -13.79
CA PRO A 139 -6.71 23.94 -14.66
C PRO A 139 -5.67 24.97 -14.18
N PHE A 140 -5.36 25.03 -12.87
CA PHE A 140 -4.32 25.93 -12.37
C PHE A 140 -2.97 25.58 -13.05
N TYR A 141 -2.57 24.29 -12.97
CA TYR A 141 -1.31 23.81 -13.55
C TYR A 141 -1.32 23.93 -15.05
N LYS A 142 -2.48 23.67 -15.70
CA LYS A 142 -2.59 23.80 -17.15
C LYS A 142 -2.43 25.24 -17.61
N GLN A 143 -3.03 26.18 -16.89
CA GLN A 143 -2.98 27.60 -17.18
C GLN A 143 -1.58 28.15 -16.97
N LEU A 144 -0.95 27.84 -15.81
CA LEU A 144 0.41 28.24 -15.43
C LEU A 144 1.47 27.80 -16.45
N LEU A 145 1.26 26.60 -16.99
CA LEU A 145 2.07 25.95 -18.02
C LEU A 145 1.94 26.63 -19.40
N GLY A 146 0.87 27.41 -19.61
CA GLY A 146 0.64 28.10 -20.88
C GLY A 146 -0.07 27.27 -21.93
N LYS A 147 -0.48 26.03 -21.60
CA LYS A 147 -1.15 25.15 -22.57
C LYS A 147 -2.67 25.32 -22.53
N PRO A 148 -3.38 25.10 -23.66
CA PRO A 148 -4.83 25.35 -23.68
C PRO A 148 -5.68 24.30 -23.02
N ILE A 149 -6.77 24.73 -22.39
CA ILE A 149 -7.71 23.81 -21.75
C ILE A 149 -8.61 23.17 -22.84
N GLN A 150 -8.93 21.88 -22.69
CA GLN A 150 -9.77 21.20 -23.67
C GLN A 150 -11.23 21.41 -23.39
N LEU A 151 -12.02 21.32 -24.43
CA LEU A 151 -13.44 21.52 -24.37
C LEU A 151 -14.12 20.56 -23.41
N SER A 152 -13.59 19.32 -23.26
CA SER A 152 -14.16 18.34 -22.34
C SER A 152 -14.04 18.76 -20.89
N ASP A 153 -12.99 19.52 -20.55
CA ASP A 153 -12.81 20.00 -19.18
C ASP A 153 -13.90 21.01 -18.75
N LEU A 154 -14.56 21.64 -19.74
CA LEU A 154 -15.61 22.64 -19.55
C LEU A 154 -16.97 22.03 -19.24
N GLU A 155 -17.21 20.72 -19.55
CA GLU A 155 -18.52 20.11 -19.29
C GLU A 155 -18.93 20.21 -17.83
N SER A 156 -17.97 19.96 -16.94
CA SER A 156 -18.21 20.01 -15.50
C SER A 156 -18.46 21.45 -14.99
N VAL A 157 -17.77 22.43 -15.58
CA VAL A 157 -17.83 23.83 -15.18
C VAL A 157 -19.06 24.56 -15.70
N ASP A 158 -19.33 24.46 -17.01
CA ASP A 158 -20.50 25.09 -17.63
C ASP A 158 -21.03 24.13 -18.71
N PRO A 159 -21.98 23.27 -18.33
CA PRO A 159 -22.51 22.30 -19.32
C PRO A 159 -23.37 22.93 -20.42
N GLU A 160 -23.92 24.13 -20.20
CA GLU A 160 -24.72 24.77 -21.24
C GLU A 160 -23.80 25.39 -22.31
N LEU A 161 -22.72 26.04 -21.90
CA LEU A 161 -21.74 26.57 -22.84
C LEU A 161 -21.05 25.42 -23.56
N HIS A 162 -20.69 24.33 -22.84
CA HIS A 162 -20.06 23.15 -23.42
C HIS A 162 -20.93 22.54 -24.49
N LYS A 163 -22.25 22.47 -24.25
CA LYS A 163 -23.23 21.94 -25.20
C LYS A 163 -23.21 22.80 -26.47
N SER A 164 -23.13 24.15 -26.32
CA SER A 164 -23.13 25.10 -27.43
C SER A 164 -21.91 25.01 -28.28
N LEU A 165 -20.74 24.88 -27.64
CA LEU A 165 -19.45 24.78 -28.30
C LEU A 165 -19.24 23.42 -28.99
N VAL A 166 -19.87 22.37 -28.45
CA VAL A 166 -19.85 21.06 -29.08
C VAL A 166 -20.73 21.15 -30.33
N TRP A 167 -21.89 21.85 -30.26
CA TRP A 167 -22.76 22.05 -31.42
C TRP A 167 -21.95 22.70 -32.56
N ILE A 168 -21.25 23.80 -32.27
CA ILE A 168 -20.44 24.51 -33.26
C ILE A 168 -19.43 23.60 -33.97
N LEU A 169 -18.69 22.83 -33.23
CA LEU A 169 -17.70 21.93 -33.81
C LEU A 169 -18.26 20.81 -34.70
N GLU A 170 -19.43 20.22 -34.39
CA GLU A 170 -19.95 19.14 -35.24
C GLU A 170 -21.09 19.55 -36.18
N ASN A 171 -21.33 20.87 -36.34
CA ASN A 171 -22.36 21.37 -37.23
C ASN A 171 -21.83 22.46 -38.16
N ASP A 172 -22.50 22.64 -39.30
CA ASP A 172 -22.14 23.66 -40.26
C ASP A 172 -22.83 24.94 -39.77
N ILE A 173 -22.05 25.85 -39.20
CA ILE A 173 -22.59 27.08 -38.64
C ILE A 173 -22.97 28.15 -39.67
N THR A 174 -22.70 27.90 -40.95
CA THR A 174 -22.95 28.89 -41.99
C THR A 174 -24.41 29.35 -42.10
N PRO A 175 -25.43 28.50 -42.31
CA PRO A 175 -26.79 29.03 -42.47
C PRO A 175 -27.57 29.25 -41.18
N VAL A 176 -26.90 29.16 -40.03
CA VAL A 176 -27.56 29.25 -38.75
C VAL A 176 -26.98 30.31 -37.83
N LEU A 177 -25.66 30.32 -37.63
CA LEU A 177 -25.02 31.19 -36.66
C LEU A 177 -24.68 32.58 -37.12
N ASP A 178 -24.76 33.53 -36.14
CA ASP A 178 -24.35 34.92 -36.28
C ASP A 178 -23.57 35.34 -35.02
N HIS A 179 -22.40 34.72 -34.86
CA HIS A 179 -21.51 34.96 -33.76
C HIS A 179 -20.29 35.81 -34.21
N THR A 180 -19.66 36.47 -33.21
CA THR A 180 -18.43 37.26 -33.33
C THR A 180 -17.45 36.78 -32.26
N PHE A 181 -16.18 37.21 -32.32
CA PHE A 181 -15.20 36.83 -31.31
C PHE A 181 -15.41 37.76 -30.12
N CYS A 182 -16.63 37.81 -29.64
CA CYS A 182 -17.06 38.64 -28.53
C CYS A 182 -18.06 37.83 -27.72
N VAL A 183 -17.91 37.86 -26.41
CA VAL A 183 -18.81 37.15 -25.51
C VAL A 183 -19.44 38.17 -24.59
N GLU A 184 -20.75 38.17 -24.52
CA GLU A 184 -21.49 39.10 -23.68
C GLU A 184 -21.94 38.34 -22.42
N HIS A 185 -21.55 38.81 -21.23
CA HIS A 185 -21.90 38.09 -19.98
C HIS A 185 -22.43 39.00 -18.89
N ASN A 186 -23.21 38.45 -17.94
CA ASN A 186 -23.69 39.24 -16.82
C ASN A 186 -22.53 39.44 -15.83
N ALA A 187 -21.97 40.66 -15.81
CA ALA A 187 -20.90 41.08 -14.91
C ALA A 187 -21.53 41.60 -13.61
N PHE A 188 -21.98 40.65 -12.74
CA PHE A 188 -22.64 40.80 -11.43
C PHE A 188 -24.02 41.47 -11.52
N GLY A 189 -24.11 42.63 -12.17
CA GLY A 189 -25.35 43.37 -12.33
C GLY A 189 -25.65 43.83 -13.74
N ARG A 190 -24.65 43.82 -14.66
CA ARG A 190 -24.88 44.27 -16.04
C ARG A 190 -24.17 43.43 -17.11
N ILE A 191 -24.74 43.33 -18.33
CA ILE A 191 -24.11 42.56 -19.42
C ILE A 191 -22.90 43.33 -20.02
N LEU A 192 -21.75 42.64 -20.15
CA LEU A 192 -20.48 43.20 -20.62
C LEU A 192 -19.95 42.47 -21.84
N GLN A 193 -19.59 43.21 -22.89
CA GLN A 193 -19.02 42.61 -24.09
C GLN A 193 -17.52 42.51 -23.93
N HIS A 194 -16.97 41.30 -24.12
CA HIS A 194 -15.55 41.01 -24.02
C HIS A 194 -15.05 40.37 -25.31
N GLU A 195 -14.06 40.99 -25.96
CA GLU A 195 -13.50 40.46 -27.19
C GLU A 195 -12.51 39.34 -26.87
N LEU A 196 -12.59 38.22 -27.60
CA LEU A 196 -11.67 37.09 -27.39
C LEU A 196 -10.32 37.28 -28.10
N LYS A 197 -10.28 38.17 -29.11
CA LYS A 197 -9.06 38.47 -29.87
C LYS A 197 -9.10 39.96 -30.33
N PRO A 198 -7.96 40.55 -30.78
CA PRO A 198 -8.00 41.97 -31.21
C PRO A 198 -9.14 42.34 -32.16
N ASN A 199 -10.02 43.28 -31.75
CA ASN A 199 -11.16 43.71 -32.58
C ASN A 199 -12.16 42.55 -32.86
N GLY A 200 -12.41 41.75 -31.84
CA GLY A 200 -13.33 40.63 -31.90
C GLY A 200 -14.78 40.93 -32.26
N ARG A 201 -15.25 42.17 -31.96
CA ARG A 201 -16.63 42.57 -32.29
C ARG A 201 -16.87 42.65 -33.81
N ASN A 202 -15.80 42.87 -34.61
CA ASN A 202 -15.95 42.91 -36.06
C ASN A 202 -15.31 41.73 -36.78
N VAL A 203 -15.11 40.63 -36.07
CA VAL A 203 -14.61 39.40 -36.67
C VAL A 203 -15.70 38.34 -36.53
N PRO A 204 -16.37 38.01 -37.63
CA PRO A 204 -17.44 37.00 -37.54
C PRO A 204 -16.88 35.59 -37.43
N VAL A 205 -17.66 34.71 -36.78
CA VAL A 205 -17.28 33.32 -36.61
C VAL A 205 -17.77 32.59 -37.83
N THR A 206 -16.84 31.97 -38.56
CA THR A 206 -17.09 31.26 -39.81
C THR A 206 -16.64 29.79 -39.68
N GLU A 207 -16.90 28.95 -40.67
CA GLU A 207 -16.42 27.56 -40.67
C GLU A 207 -14.88 27.48 -40.65
N GLU A 208 -14.22 28.51 -41.20
CA GLU A 208 -12.77 28.61 -41.34
C GLU A 208 -12.05 28.93 -40.02
N ASN A 209 -12.76 29.54 -39.05
CA ASN A 209 -12.16 29.92 -37.80
C ASN A 209 -12.93 29.55 -36.54
N LYS A 210 -13.87 28.59 -36.60
CA LYS A 210 -14.66 28.24 -35.41
C LYS A 210 -13.88 27.42 -34.39
N LYS A 211 -12.83 26.70 -34.82
CA LYS A 211 -11.98 25.94 -33.91
C LYS A 211 -11.24 26.93 -33.00
N GLU A 212 -10.75 28.06 -33.55
CA GLU A 212 -10.04 29.08 -32.81
C GLU A 212 -10.99 29.78 -31.86
N TYR A 213 -12.18 30.13 -32.33
CA TYR A 213 -13.23 30.76 -31.54
C TYR A 213 -13.58 29.86 -30.33
N VAL A 214 -13.82 28.57 -30.56
CA VAL A 214 -14.16 27.60 -29.54
C VAL A 214 -13.06 27.48 -28.49
N ARG A 215 -11.76 27.33 -28.88
CA ARG A 215 -10.71 27.21 -27.87
C ARG A 215 -10.47 28.50 -27.11
N LEU A 216 -10.68 29.65 -27.73
CA LEU A 216 -10.57 30.93 -27.05
C LEU A 216 -11.76 31.14 -26.07
N TYR A 217 -12.97 30.69 -26.42
CA TYR A 217 -14.17 30.80 -25.57
C TYR A 217 -13.98 29.88 -24.33
N VAL A 218 -13.52 28.63 -24.51
CA VAL A 218 -13.23 27.76 -23.38
C VAL A 218 -12.14 28.36 -22.49
N ASN A 219 -11.05 28.87 -23.08
CA ASN A 219 -9.96 29.48 -22.31
C ASN A 219 -10.48 30.69 -21.53
N TRP A 220 -11.30 31.53 -22.17
CA TRP A 220 -11.87 32.70 -21.52
C TRP A 220 -12.80 32.34 -20.38
N ARG A 221 -13.60 31.29 -20.55
CA ARG A 221 -14.53 30.86 -19.51
C ARG A 221 -13.82 30.32 -18.25
N PHE A 222 -12.68 29.63 -18.41
CA PHE A 222 -11.87 29.17 -17.27
C PHE A 222 -11.15 30.32 -16.55
N MET A 223 -10.91 31.42 -17.24
CA MET A 223 -10.26 32.57 -16.64
C MET A 223 -11.26 33.57 -16.00
N ARG A 224 -12.58 33.33 -16.16
CA ARG A 224 -13.64 34.22 -15.67
C ARG A 224 -13.61 34.47 -14.20
N GLY A 225 -13.36 35.70 -13.84
CA GLY A 225 -13.32 36.09 -12.44
C GLY A 225 -11.94 36.08 -11.85
N ILE A 226 -11.03 35.22 -12.40
CA ILE A 226 -9.66 35.12 -11.91
C ILE A 226 -8.63 35.58 -12.97
N GLU A 227 -9.02 36.43 -13.94
CA GLU A 227 -8.11 36.88 -15.00
C GLU A 227 -6.95 37.74 -14.49
N ALA A 228 -7.26 38.85 -13.80
CA ALA A 228 -6.25 39.75 -13.26
C ALA A 228 -5.36 39.04 -12.24
N GLN A 229 -5.96 38.14 -11.42
CA GLN A 229 -5.27 37.36 -10.40
C GLN A 229 -4.22 36.47 -11.03
N PHE A 230 -4.63 35.62 -11.99
CA PHE A 230 -3.77 34.66 -12.69
C PHE A 230 -2.67 35.37 -13.39
N LEU A 231 -2.97 36.46 -14.12
CA LEU A 231 -1.98 37.24 -14.83
C LEU A 231 -0.89 37.73 -13.88
N ALA A 232 -1.31 38.21 -12.69
CA ALA A 232 -0.38 38.69 -11.67
C ALA A 232 0.55 37.54 -11.19
N LEU A 233 -0.03 36.39 -10.76
CA LEU A 233 0.70 35.19 -10.30
C LEU A 233 1.70 34.74 -11.34
N GLN A 234 1.25 34.63 -12.61
CA GLN A 234 2.04 34.21 -13.76
C GLN A 234 3.21 35.12 -14.00
N LYS A 235 3.06 36.42 -13.84
CA LYS A 235 4.18 37.33 -14.09
C LYS A 235 5.27 37.17 -13.00
N GLY A 236 4.86 36.82 -11.78
CA GLY A 236 5.80 36.59 -10.71
C GLY A 236 6.55 35.29 -10.87
N PHE A 237 5.85 34.26 -11.36
CA PHE A 237 6.39 32.93 -11.57
C PHE A 237 7.38 32.95 -12.74
N ASN A 238 7.01 33.63 -13.84
CA ASN A 238 7.89 33.71 -15.01
C ASN A 238 9.07 34.66 -14.81
N GLU A 239 9.07 35.49 -13.78
CA GLU A 239 10.23 36.32 -13.45
C GLU A 239 11.40 35.43 -12.98
N LEU A 240 11.13 34.16 -12.51
CA LEU A 240 12.15 33.21 -12.06
C LEU A 240 12.23 32.03 -13.02
N ILE A 241 11.08 31.52 -13.43
CA ILE A 241 10.98 30.38 -14.33
C ILE A 241 10.44 30.83 -15.68
N PRO A 242 11.35 31.13 -16.64
CA PRO A 242 10.89 31.53 -17.98
C PRO A 242 9.99 30.50 -18.65
N GLN A 243 8.97 31.00 -19.34
CA GLN A 243 7.93 30.23 -20.02
C GLN A 243 8.47 29.16 -20.99
N HIS A 244 9.52 29.49 -21.76
CA HIS A 244 10.08 28.52 -22.72
C HIS A 244 10.65 27.26 -22.05
N LEU A 245 11.21 27.40 -20.84
CA LEU A 245 11.78 26.26 -20.11
C LEU A 245 10.72 25.29 -19.57
N LEU A 246 9.44 25.71 -19.50
CA LEU A 246 8.35 24.84 -19.09
C LEU A 246 7.79 23.98 -20.24
N LYS A 247 8.11 24.34 -21.51
CA LYS A 247 7.63 23.68 -22.73
C LYS A 247 7.66 22.14 -22.69
N PRO A 248 8.79 21.47 -22.32
CA PRO A 248 8.78 19.98 -22.29
C PRO A 248 7.93 19.29 -21.22
N PHE A 249 7.13 20.05 -20.42
CA PHE A 249 6.37 19.43 -19.33
C PHE A 249 4.86 19.49 -19.52
N ASP A 250 4.14 18.58 -18.88
CA ASP A 250 2.68 18.60 -18.88
C ASP A 250 2.15 18.94 -17.45
N GLN A 251 0.82 19.14 -17.29
CA GLN A 251 0.17 19.48 -16.02
C GLN A 251 0.69 18.65 -14.82
N LYS A 252 0.80 17.30 -14.95
CA LYS A 252 1.22 16.43 -13.86
C LYS A 252 2.68 16.58 -13.53
N GLU A 253 3.51 16.83 -14.55
CA GLU A 253 4.94 17.09 -14.40
C GLU A 253 5.21 18.45 -13.75
N LEU A 254 4.34 19.47 -13.99
CA LEU A 254 4.48 20.80 -13.35
C LEU A 254 4.06 20.74 -11.90
N GLU A 255 3.02 20.00 -11.61
CA GLU A 255 2.57 19.77 -10.24
C GLU A 255 3.69 19.12 -9.36
N LEU A 256 4.46 18.17 -9.94
CA LEU A 256 5.58 17.50 -9.29
C LEU A 256 6.80 18.42 -9.20
N ILE A 257 7.09 19.17 -10.27
CA ILE A 257 8.20 20.14 -10.22
C ILE A 257 7.96 21.21 -9.12
N ILE A 258 6.75 21.73 -9.04
CA ILE A 258 6.42 22.73 -8.06
C ILE A 258 6.32 22.18 -6.63
N GLY A 259 5.65 21.05 -6.41
CA GLY A 259 5.46 20.54 -5.04
C GLY A 259 6.23 19.34 -4.51
N GLY A 260 7.01 18.68 -5.34
CA GLY A 260 7.75 17.48 -4.95
C GLY A 260 6.88 16.25 -4.82
N LEU A 261 7.45 15.15 -4.34
CA LEU A 261 6.70 13.90 -4.13
C LEU A 261 5.70 14.08 -3.00
N ASP A 262 4.47 13.52 -3.09
CA ASP A 262 3.53 13.72 -1.96
C ASP A 262 3.20 12.42 -1.29
N LYS A 263 4.26 11.62 -1.07
CA LYS A 263 4.27 10.29 -0.47
C LYS A 263 5.72 10.06 -0.03
N ILE A 264 5.94 9.80 1.26
CA ILE A 264 7.28 9.57 1.74
C ILE A 264 7.62 8.10 1.62
N ASP A 265 8.66 7.76 0.82
CA ASP A 265 9.09 6.36 0.75
C ASP A 265 9.99 6.13 1.97
N LEU A 266 9.66 5.12 2.77
CA LEU A 266 10.39 4.76 3.97
C LEU A 266 11.74 4.16 3.66
N ASN A 267 11.83 3.31 2.65
CA ASN A 267 13.09 2.67 2.29
C ASN A 267 14.14 3.67 1.82
N ASP A 268 13.71 4.72 1.10
CA ASP A 268 14.56 5.82 0.64
C ASP A 268 14.94 6.77 1.81
N TRP A 269 14.03 6.96 2.75
CA TRP A 269 14.29 7.76 3.93
C TRP A 269 15.40 7.05 4.77
N LYS A 270 15.31 5.71 4.91
CA LYS A 270 16.27 4.91 5.63
C LYS A 270 17.59 4.79 4.88
N SER A 271 17.58 4.64 3.56
CA SER A 271 18.81 4.52 2.79
C SER A 271 19.59 5.81 2.83
N ASN A 272 18.92 6.98 2.89
CA ASN A 272 19.64 8.26 2.90
C ASN A 272 19.75 8.89 4.28
N THR A 273 19.83 8.06 5.31
CA THR A 273 19.98 8.48 6.69
C THR A 273 21.38 8.15 7.18
N ARG A 274 22.05 9.14 7.77
CA ARG A 274 23.38 8.99 8.33
C ARG A 274 23.30 9.02 9.85
N LEU A 275 24.27 8.40 10.54
CA LEU A 275 24.25 8.34 12.00
C LEU A 275 25.46 9.02 12.66
N LYS A 276 25.22 9.86 13.67
CA LYS A 276 26.28 10.55 14.44
C LYS A 276 26.19 10.08 15.87
N HIS A 277 27.32 9.64 16.43
CA HIS A 277 27.41 9.13 17.81
C HIS A 277 26.66 7.80 18.01
N CYS A 278 26.35 7.08 16.93
CA CYS A 278 25.66 5.81 16.99
C CYS A 278 25.89 4.98 15.73
N VAL A 279 25.61 3.68 15.79
CA VAL A 279 25.78 2.81 14.65
C VAL A 279 24.43 2.14 14.29
N ALA A 280 24.35 1.39 13.18
CA ALA A 280 23.12 0.76 12.74
C ALA A 280 22.39 -0.10 13.79
N ASP A 281 23.13 -0.80 14.66
CA ASP A 281 22.48 -1.66 15.66
C ASP A 281 22.40 -1.01 17.06
N SER A 282 22.40 0.33 17.11
CA SER A 282 22.20 1.06 18.35
C SER A 282 20.70 1.06 18.65
N ASN A 283 20.31 0.80 19.91
CA ASN A 283 18.92 0.76 20.35
C ASN A 283 18.08 1.96 19.90
N ILE A 284 18.60 3.19 20.05
CA ILE A 284 17.96 4.45 19.65
C ILE A 284 17.60 4.44 18.17
N VAL A 285 18.53 3.95 17.33
CA VAL A 285 18.29 3.90 15.88
C VAL A 285 17.21 2.87 15.54
N ARG A 286 17.29 1.71 16.17
CA ARG A 286 16.34 0.63 15.99
C ARG A 286 14.92 1.05 16.43
N TRP A 287 14.86 1.78 17.56
CA TRP A 287 13.63 2.26 18.18
C TRP A 287 13.02 3.38 17.40
N PHE A 288 13.86 4.27 16.85
CA PHE A 288 13.39 5.41 16.07
C PHE A 288 12.67 4.91 14.84
N TRP A 289 13.28 3.98 14.08
CA TRP A 289 12.66 3.43 12.87
C TRP A 289 11.44 2.56 13.16
N GLN A 290 11.40 1.94 14.35
CA GLN A 290 10.25 1.16 14.78
C GLN A 290 9.09 2.13 15.07
N ALA A 291 9.36 3.28 15.71
CA ALA A 291 8.34 4.27 15.96
C ALA A 291 7.85 4.87 14.64
N VAL A 292 8.74 5.06 13.66
CA VAL A 292 8.43 5.61 12.36
C VAL A 292 7.52 4.69 11.52
N GLU A 293 7.72 3.36 11.54
CA GLU A 293 6.79 2.48 10.82
C GLU A 293 5.39 2.53 11.45
N THR A 294 5.34 2.72 12.79
CA THR A 294 4.12 2.84 13.60
C THR A 294 3.33 4.12 13.25
N PHE A 295 4.03 5.19 12.88
CA PHE A 295 3.40 6.46 12.51
C PHE A 295 2.63 6.41 11.17
N ASP A 296 1.51 7.17 11.07
CA ASP A 296 0.75 7.23 9.81
C ASP A 296 1.42 8.19 8.80
N GLU A 297 0.93 8.24 7.54
CA GLU A 297 1.50 9.14 6.53
C GLU A 297 1.51 10.61 7.01
N GLU A 298 0.52 11.00 7.82
CA GLU A 298 0.47 12.36 8.34
C GLU A 298 1.52 12.60 9.43
N ARG A 299 1.64 11.67 10.40
CA ARG A 299 2.63 11.72 11.50
C ARG A 299 4.06 11.65 10.95
N ARG A 300 4.26 10.97 9.83
CA ARG A 300 5.56 10.88 9.20
C ARG A 300 5.93 12.24 8.62
N ALA A 301 4.95 12.94 8.00
CA ALA A 301 5.16 14.26 7.39
C ALA A 301 5.43 15.33 8.44
N ARG A 302 4.79 15.21 9.61
CA ARG A 302 5.02 16.14 10.71
C ARG A 302 6.45 15.88 11.32
N LEU A 303 6.92 14.62 11.30
CA LEU A 303 8.24 14.24 11.77
C LEU A 303 9.27 14.78 10.79
N LEU A 304 9.01 14.71 9.50
CA LEU A 304 9.90 15.26 8.49
C LEU A 304 10.02 16.79 8.67
N GLN A 305 8.88 17.47 8.91
CA GLN A 305 8.82 18.91 9.13
C GLN A 305 9.52 19.31 10.42
N PHE A 306 9.39 18.49 11.46
CA PHE A 306 10.01 18.79 12.74
C PHE A 306 11.51 18.73 12.61
N VAL A 307 12.05 17.76 11.84
CA VAL A 307 13.49 17.61 11.67
C VAL A 307 14.09 18.46 10.55
N THR A 308 13.50 18.42 9.33
CA THR A 308 14.05 19.13 8.16
C THR A 308 13.52 20.54 7.93
N GLY A 309 12.49 20.93 8.70
CA GLY A 309 11.84 22.22 8.60
C GLY A 309 10.71 22.23 7.60
N SER A 310 10.57 21.19 6.78
CA SER A 310 9.57 21.16 5.72
C SER A 310 9.01 19.77 5.59
N THR A 311 7.83 19.68 5.01
CA THR A 311 7.18 18.42 4.73
C THR A 311 7.45 17.89 3.32
N ARG A 312 8.20 18.66 2.51
CA ARG A 312 8.43 18.42 1.10
C ARG A 312 9.56 17.46 0.82
N VAL A 313 9.31 16.53 -0.09
CA VAL A 313 10.32 15.54 -0.49
C VAL A 313 10.78 15.85 -1.92
N PRO A 314 12.11 16.03 -2.12
CA PRO A 314 12.62 16.30 -3.47
C PRO A 314 12.29 15.21 -4.48
N LEU A 315 12.20 15.55 -5.76
CA LEU A 315 11.92 14.55 -6.78
C LEU A 315 13.02 13.51 -6.93
N GLN A 316 14.23 13.82 -6.51
CA GLN A 316 15.34 12.85 -6.48
C GLN A 316 15.32 11.99 -5.20
N GLY A 317 14.52 12.37 -4.23
CA GLY A 317 14.38 11.65 -2.97
C GLY A 317 15.14 12.29 -1.83
N PHE A 318 15.36 11.50 -0.76
CA PHE A 318 16.03 11.98 0.44
C PHE A 318 17.50 12.25 0.25
N LYS A 319 18.10 11.83 -0.88
CA LYS A 319 19.51 12.03 -1.23
C LYS A 319 19.81 13.50 -1.50
N ALA A 320 18.82 14.25 -2.00
CA ALA A 320 19.00 15.65 -2.34
C ALA A 320 18.26 16.51 -1.34
N LEU A 321 18.34 16.15 -0.05
CA LEU A 321 17.49 16.80 0.96
C LEU A 321 17.69 18.33 1.12
N GLN A 322 18.92 18.84 1.37
CA GLN A 322 19.09 20.30 1.50
C GLN A 322 19.14 20.96 0.08
N GLY A 323 17.97 21.09 -0.58
CA GLY A 323 17.75 21.65 -1.92
C GLY A 323 18.95 22.10 -2.73
N SER A 324 18.82 23.23 -3.47
CA SER A 324 19.95 23.73 -4.28
C SER A 324 20.85 24.67 -3.53
N THR A 325 20.29 25.43 -2.56
CA THR A 325 21.12 26.37 -1.81
C THR A 325 20.70 26.49 -0.33
N GLY A 326 21.67 26.85 0.52
CA GLY A 326 21.50 27.02 1.95
C GLY A 326 22.82 27.07 2.71
N ALA A 327 23.80 26.25 2.29
CA ALA A 327 25.11 26.21 2.94
C ALA A 327 26.25 25.64 2.03
N ALA A 328 26.15 24.35 1.57
CA ALA A 328 27.16 23.70 0.74
C ALA A 328 26.56 22.70 -0.28
N GLY A 329 25.71 21.78 0.20
CA GLY A 329 25.05 20.78 -0.65
C GLY A 329 24.08 19.88 0.07
N PRO A 330 24.15 18.56 -0.20
CA PRO A 330 23.22 17.62 0.47
C PRO A 330 23.61 17.25 1.90
N ARG A 331 22.89 17.87 2.85
CA ARG A 331 22.99 17.64 4.29
C ARG A 331 21.90 16.57 4.58
N LEU A 332 22.30 15.31 4.52
CA LEU A 332 21.46 14.13 4.70
C LEU A 332 20.77 14.08 6.05
N PHE A 333 19.60 13.42 6.12
CA PHE A 333 18.85 13.19 7.35
C PHE A 333 19.77 12.45 8.37
N THR A 334 20.00 13.05 9.53
CA THR A 334 20.93 12.48 10.49
C THR A 334 20.27 12.18 11.79
N ILE A 335 20.58 11.00 12.35
CA ILE A 335 20.14 10.64 13.66
C ILE A 335 21.39 10.85 14.54
N HIS A 336 21.27 11.68 15.57
CA HIS A 336 22.38 11.95 16.45
C HIS A 336 22.03 11.55 17.86
N LEU A 337 22.77 10.58 18.41
CA LEU A 337 22.58 10.17 19.79
C LEU A 337 23.36 11.17 20.66
N ILE A 338 22.65 12.01 21.43
CA ILE A 338 23.31 12.95 22.34
C ILE A 338 23.30 12.36 23.73
N ASP A 339 24.32 12.70 24.56
CA ASP A 339 24.24 12.33 25.95
C ASP A 339 23.67 13.58 26.56
N ALA A 340 22.46 13.42 27.04
CA ALA A 340 21.64 14.43 27.66
C ALA A 340 20.60 13.70 28.54
N ASN A 341 19.94 14.45 29.45
CA ASN A 341 18.92 13.94 30.36
C ASN A 341 17.81 13.24 29.59
N THR A 342 17.51 11.98 29.95
CA THR A 342 16.52 11.16 29.26
C THR A 342 15.06 11.67 29.45
N ASP A 343 14.85 12.70 30.29
CA ASP A 343 13.55 13.35 30.44
C ASP A 343 13.34 14.47 29.39
N ASN A 344 14.40 14.83 28.63
CA ASN A 344 14.34 15.81 27.57
C ASN A 344 13.67 15.23 26.33
N LEU A 345 13.10 16.10 25.51
CA LEU A 345 12.52 15.69 24.24
C LEU A 345 13.61 15.70 23.16
N PRO A 346 13.43 14.97 22.05
CA PRO A 346 14.43 15.01 20.97
C PRO A 346 14.54 16.41 20.39
N LYS A 347 15.75 16.94 20.28
CA LYS A 347 15.94 18.26 19.69
C LYS A 347 16.05 18.12 18.18
N ALA A 348 15.82 19.22 17.44
CA ALA A 348 15.93 19.22 15.99
C ALA A 348 16.74 20.40 15.54
N HIS A 349 17.62 20.17 14.56
CA HIS A 349 18.46 21.19 13.95
C HIS A 349 18.05 21.17 12.52
N THR A 350 17.03 21.97 12.14
CA THR A 350 16.46 21.96 10.79
C THR A 350 17.48 22.34 9.72
N CYS A 351 18.41 23.21 10.05
CA CYS A 351 19.48 23.60 9.14
C CYS A 351 20.36 22.40 8.69
N PHE A 352 20.41 21.33 9.51
CA PHE A 352 21.23 20.15 9.16
C PHE A 352 20.44 18.85 8.95
N ASN A 353 19.11 18.92 9.05
CA ASN A 353 18.20 17.78 8.95
C ASN A 353 18.60 16.70 9.99
N ARG A 354 19.00 17.16 11.20
CA ARG A 354 19.51 16.35 12.28
C ARG A 354 18.59 16.33 13.48
N ILE A 355 18.33 15.14 14.04
CA ILE A 355 17.54 14.98 15.26
C ILE A 355 18.44 14.50 16.39
N ASP A 356 18.57 15.30 17.45
CA ASP A 356 19.39 14.93 18.61
C ASP A 356 18.55 14.14 19.60
N ILE A 357 18.70 12.82 19.61
CA ILE A 357 17.97 11.91 20.48
C ILE A 357 18.76 11.49 21.74
N PRO A 358 18.19 11.78 22.94
CA PRO A 358 18.84 11.35 24.20
C PRO A 358 18.91 9.80 24.33
N PRO A 359 19.76 9.26 25.23
CA PRO A 359 19.84 7.79 25.34
C PRO A 359 18.73 7.15 26.13
N TYR A 360 17.50 7.16 25.61
CA TYR A 360 16.33 6.59 26.26
C TYR A 360 16.54 5.16 26.74
N GLU A 361 15.90 4.79 27.85
CA GLU A 361 16.06 3.46 28.41
C GLU A 361 15.06 2.42 27.87
N SER A 362 14.05 2.86 27.11
CA SER A 362 13.06 1.95 26.57
C SER A 362 12.53 2.40 25.20
N TYR A 363 11.91 1.47 24.45
CA TYR A 363 11.30 1.79 23.18
C TYR A 363 10.11 2.71 23.42
N GLU A 364 9.23 2.34 24.38
CA GLU A 364 8.05 3.12 24.69
C GLU A 364 8.40 4.51 25.18
N LYS A 365 9.50 4.63 25.97
CA LYS A 365 10.01 5.93 26.41
C LYS A 365 10.36 6.78 25.16
N LEU A 366 11.13 6.22 24.20
CA LEU A 366 11.48 6.91 22.95
C LEU A 366 10.24 7.30 22.16
N TYR A 367 9.26 6.39 22.04
CA TYR A 367 8.03 6.63 21.30
C TYR A 367 7.25 7.85 21.82
N GLU A 368 6.96 7.87 23.13
CA GLU A 368 6.20 8.97 23.72
C GLU A 368 6.93 10.28 23.59
N LYS A 369 8.26 10.32 23.84
CA LYS A 369 9.00 11.58 23.71
C LYS A 369 9.09 12.02 22.25
N LEU A 370 9.15 11.08 21.30
CA LEU A 370 9.24 11.40 19.87
C LEU A 370 7.90 11.96 19.38
N LEU A 371 6.79 11.32 19.76
CA LEU A 371 5.46 11.78 19.41
C LEU A 371 5.17 13.20 19.98
N THR A 372 5.51 13.42 21.27
CA THR A 372 5.33 14.68 22.00
C THR A 372 6.10 15.83 21.36
N ALA A 373 7.29 15.54 20.84
CA ALA A 373 8.11 16.52 20.13
C ALA A 373 7.51 16.93 18.79
N VAL A 374 6.91 15.99 18.06
CA VAL A 374 6.31 16.24 16.74
C VAL A 374 4.99 17.06 16.80
N GLU A 375 4.19 16.89 17.88
CA GLU A 375 2.94 17.63 18.04
C GLU A 375 3.21 19.09 18.39
N GLU A 376 4.27 19.36 19.21
CA GLU A 376 4.72 20.70 19.62
C GLU A 376 5.03 21.63 18.41
N ASP B 3 18.39 7.77 -6.90
CA ASP B 3 17.70 7.35 -8.14
C ASP B 3 18.67 6.82 -9.24
N LEU B 4 18.57 5.51 -9.51
CA LEU B 4 19.43 4.75 -10.43
C LEU B 4 19.51 5.20 -11.88
N VAL B 5 18.37 5.51 -12.52
CA VAL B 5 18.23 5.95 -13.92
C VAL B 5 19.41 6.87 -14.41
N GLN B 6 19.94 7.76 -13.52
CA GLN B 6 21.04 8.67 -13.84
C GLN B 6 22.31 7.87 -14.20
N LYS B 7 22.88 7.13 -13.22
CA LYS B 7 24.04 6.24 -13.37
C LYS B 7 23.76 5.17 -14.44
N LEU B 8 22.50 4.73 -14.56
CA LEU B 8 22.07 3.77 -15.54
C LEU B 8 22.31 4.29 -16.96
N LYS B 9 21.99 5.56 -17.26
CA LYS B 9 22.20 6.08 -18.63
C LYS B 9 23.69 6.21 -19.00
N VAL B 10 24.58 6.35 -17.99
CA VAL B 10 26.02 6.40 -18.28
C VAL B 10 26.50 5.01 -18.71
N LEU B 11 26.14 3.98 -17.95
CA LEU B 11 26.47 2.59 -18.21
C LEU B 11 25.90 2.15 -19.55
N ARG B 12 24.59 2.38 -19.78
CA ARG B 12 23.98 1.98 -21.04
C ARG B 12 24.63 2.65 -22.24
N HIS B 13 25.23 3.84 -22.05
CA HIS B 13 25.88 4.59 -23.11
C HIS B 13 27.24 4.05 -23.43
N GLU B 14 28.02 3.75 -22.41
CA GLU B 14 29.33 3.14 -22.61
C GLU B 14 29.18 1.79 -23.32
N LEU B 15 28.12 1.03 -22.95
CA LEU B 15 27.79 -0.25 -23.59
C LEU B 15 27.35 -0.04 -25.02
N SER B 16 26.58 1.04 -25.30
CA SER B 16 26.11 1.33 -26.66
C SER B 16 27.25 1.59 -27.65
N LEU B 17 28.38 2.10 -27.18
CA LEU B 17 29.57 2.33 -28.01
C LEU B 17 30.18 1.01 -28.49
N GLN B 18 30.04 -0.07 -27.68
CA GLN B 18 30.53 -1.41 -28.00
C GLN B 18 29.60 -2.18 -28.98
N GLN B 19 28.38 -1.70 -29.20
CA GLN B 19 27.45 -2.34 -30.12
C GLN B 19 27.75 -1.91 -31.53
N PRO B 20 28.21 -2.83 -32.38
CA PRO B 20 28.48 -2.46 -33.78
C PRO B 20 27.18 -2.07 -34.49
N GLN B 21 27.15 -0.85 -35.04
CA GLN B 21 25.99 -0.29 -35.75
C GLN B 21 25.53 -1.13 -36.96
N ALA B 22 26.40 -2.03 -37.44
CA ALA B 22 26.11 -2.90 -38.57
C ALA B 22 26.05 -4.34 -38.12
N GLY B 23 25.07 -5.08 -38.62
CA GLY B 23 24.94 -6.48 -38.30
C GLY B 23 23.91 -6.78 -37.23
N HIS B 24 23.62 -8.07 -37.05
CA HIS B 24 22.67 -8.57 -36.07
C HIS B 24 23.17 -9.85 -35.42
N CYS B 25 22.71 -10.09 -34.18
CA CYS B 25 23.01 -11.31 -33.44
C CYS B 25 21.75 -12.13 -33.63
N ARG B 26 21.80 -13.11 -34.53
CA ARG B 26 20.62 -13.91 -34.86
C ARG B 26 20.51 -15.23 -34.06
N ILE B 27 19.46 -15.30 -33.21
CA ILE B 27 19.16 -16.48 -32.40
C ILE B 27 17.85 -17.01 -32.90
N GLU B 28 17.81 -18.28 -33.29
CA GLU B 28 16.57 -18.90 -33.76
C GLU B 28 16.43 -20.19 -33.02
N VAL B 29 15.57 -20.23 -32.00
CA VAL B 29 15.38 -21.45 -31.21
C VAL B 29 13.92 -21.88 -31.20
N SER B 30 13.65 -23.15 -30.85
CA SER B 30 12.28 -23.63 -30.73
C SER B 30 11.78 -23.35 -29.30
N ARG B 31 10.46 -23.34 -29.10
CA ARG B 31 9.91 -23.09 -27.77
C ARG B 31 10.08 -24.28 -26.86
N GLU B 32 9.89 -25.49 -27.40
CA GLU B 32 10.02 -26.71 -26.61
C GLU B 32 11.45 -27.08 -26.28
N GLU B 33 12.45 -26.51 -26.96
CA GLU B 33 13.85 -26.80 -26.63
C GLU B 33 14.64 -25.51 -26.47
N ILE B 34 14.03 -24.45 -25.91
CA ILE B 34 14.63 -23.14 -25.74
C ILE B 34 15.94 -23.14 -24.88
N PHE B 35 16.03 -24.01 -23.86
CA PHE B 35 17.21 -24.04 -23.00
C PHE B 35 18.46 -24.61 -23.71
N GLU B 36 18.39 -25.82 -24.24
CA GLU B 36 19.54 -26.43 -24.90
C GLU B 36 19.85 -25.83 -26.28
N GLU B 37 18.85 -25.30 -27.00
CA GLU B 37 19.10 -24.68 -28.29
C GLU B 37 19.74 -23.33 -28.14
N SER B 38 19.32 -22.55 -27.11
CA SER B 38 19.93 -21.26 -26.83
C SER B 38 21.35 -21.49 -26.34
N TYR B 39 21.58 -22.52 -25.53
CA TYR B 39 22.90 -22.88 -25.03
C TYR B 39 23.87 -23.12 -26.19
N ARG B 40 23.52 -24.04 -27.13
CA ARG B 40 24.33 -24.36 -28.30
C ARG B 40 24.64 -23.09 -29.14
N GLN B 41 23.60 -22.30 -29.48
CA GLN B 41 23.77 -21.09 -30.27
C GLN B 41 24.61 -20.01 -29.64
N ILE B 42 24.32 -19.65 -28.39
CA ILE B 42 25.05 -18.59 -27.67
C ILE B 42 26.49 -18.98 -27.43
N MET B 43 26.73 -20.24 -27.05
CA MET B 43 28.09 -20.70 -26.74
C MET B 43 28.99 -20.89 -27.95
N LYS B 44 28.39 -20.99 -29.14
CA LYS B 44 29.18 -21.09 -30.37
C LYS B 44 29.77 -19.71 -30.74
N MET B 45 29.06 -18.61 -30.38
CA MET B 45 29.43 -17.23 -30.67
C MET B 45 30.58 -16.68 -29.82
N ARG B 46 31.27 -15.65 -30.32
CA ARG B 46 32.30 -14.91 -29.59
C ARG B 46 31.59 -13.68 -28.95
N PRO B 47 32.17 -12.97 -27.96
CA PRO B 47 31.49 -11.76 -27.43
C PRO B 47 31.27 -10.65 -28.50
N LYS B 48 32.15 -10.57 -29.52
CA LYS B 48 32.02 -9.63 -30.64
C LYS B 48 30.78 -9.86 -31.49
N ASP B 49 30.21 -11.08 -31.44
CA ASP B 49 29.00 -11.41 -32.16
C ASP B 49 27.79 -11.09 -31.29
N LEU B 50 27.88 -11.37 -29.97
CA LEU B 50 26.80 -11.11 -29.00
C LEU B 50 26.50 -9.61 -28.84
N LYS B 51 27.49 -8.74 -29.11
CA LYS B 51 27.30 -7.31 -28.95
C LYS B 51 26.52 -6.67 -30.11
N LYS B 52 26.26 -7.41 -31.21
CA LYS B 52 25.46 -6.92 -32.34
C LYS B 52 23.96 -6.89 -31.94
N ARG B 53 23.15 -5.93 -32.46
CA ARG B 53 21.74 -5.83 -32.02
C ARG B 53 20.97 -7.14 -32.26
N LEU B 54 20.21 -7.53 -31.25
CA LEU B 54 19.52 -8.82 -31.21
C LEU B 54 18.35 -9.02 -32.22
N MET B 55 18.28 -10.23 -32.79
CA MET B 55 17.24 -10.65 -33.71
C MET B 55 16.83 -12.10 -33.36
N VAL B 56 15.98 -12.22 -32.36
CA VAL B 56 15.54 -13.50 -31.87
C VAL B 56 14.27 -14.00 -32.57
N LYS B 57 14.29 -15.24 -33.04
CA LYS B 57 13.21 -15.84 -33.77
C LYS B 57 12.82 -17.21 -33.19
N PHE B 58 11.53 -17.40 -32.91
CA PHE B 58 11.06 -18.71 -32.47
C PHE B 58 10.84 -19.53 -33.75
N ARG B 59 11.42 -20.73 -33.81
CA ARG B 59 11.34 -21.56 -35.02
C ARG B 59 9.90 -21.78 -35.53
N GLY B 60 9.65 -21.39 -36.77
CA GLY B 60 8.33 -21.48 -37.36
C GLY B 60 7.59 -20.15 -37.34
N GLU B 61 7.40 -19.57 -36.12
CA GLU B 61 6.69 -18.31 -35.82
C GLU B 61 6.55 -17.35 -37.03
N GLU B 62 7.63 -16.63 -37.43
CA GLU B 62 7.55 -15.74 -38.59
C GLU B 62 8.40 -16.31 -39.71
N TYR B 66 9.80 -9.22 -35.22
CA TYR B 66 11.19 -9.04 -35.68
C TYR B 66 11.84 -7.82 -34.97
N GLY B 67 12.05 -7.96 -33.66
CA GLY B 67 12.63 -6.90 -32.81
C GLY B 67 12.20 -7.07 -31.36
N GLY B 68 10.89 -7.16 -31.16
CA GLY B 68 10.30 -7.35 -29.82
C GLY B 68 10.06 -8.80 -29.45
N VAL B 69 10.90 -9.69 -29.99
CA VAL B 69 10.83 -11.13 -29.74
C VAL B 69 11.82 -11.55 -28.64
N ALA B 70 13.02 -10.89 -28.63
CA ALA B 70 14.07 -11.09 -27.63
C ALA B 70 13.54 -10.99 -26.23
N ARG B 71 12.61 -10.06 -26.00
CA ARG B 71 11.96 -9.85 -24.71
C ARG B 71 11.34 -11.16 -24.16
N GLU B 72 10.46 -11.83 -24.95
CA GLU B 72 9.81 -13.09 -24.59
C GLU B 72 10.80 -14.24 -24.52
N TRP B 73 11.79 -14.23 -25.39
CA TRP B 73 12.81 -15.28 -25.43
C TRP B 73 13.62 -15.27 -24.14
N LEU B 74 14.01 -14.08 -23.65
CA LEU B 74 14.73 -13.96 -22.40
C LEU B 74 13.89 -14.47 -21.27
N TYR B 75 12.63 -14.08 -21.23
CA TYR B 75 11.68 -14.44 -20.19
C TYR B 75 11.56 -15.94 -20.06
N LEU B 76 11.28 -16.62 -21.19
CA LEU B 76 11.10 -18.06 -21.30
C LEU B 76 12.40 -18.79 -21.06
N LEU B 77 13.54 -18.22 -21.45
CA LEU B 77 14.84 -18.86 -21.24
C LEU B 77 15.28 -18.74 -19.77
N CYS B 78 15.10 -17.58 -19.10
CA CYS B 78 15.41 -17.42 -17.67
C CYS B 78 14.53 -18.35 -16.84
N HIS B 79 13.29 -18.49 -17.23
CA HIS B 79 12.31 -19.36 -16.60
C HIS B 79 12.81 -20.81 -16.58
N GLU B 80 13.43 -21.25 -17.68
CA GLU B 80 14.00 -22.57 -17.80
C GLU B 80 15.34 -22.69 -17.07
N MET B 81 16.39 -21.90 -17.44
CA MET B 81 17.71 -22.03 -16.84
C MET B 81 17.76 -21.81 -15.34
N LEU B 82 16.92 -20.92 -14.79
CA LEU B 82 16.93 -20.68 -13.36
C LEU B 82 16.07 -21.66 -12.55
N ASN B 83 15.45 -22.66 -13.21
CA ASN B 83 14.63 -23.66 -12.55
C ASN B 83 15.54 -24.67 -11.92
N PRO B 84 15.35 -24.95 -10.62
CA PRO B 84 16.23 -25.91 -9.93
C PRO B 84 16.26 -27.31 -10.55
N TYR B 85 15.33 -27.63 -11.46
CA TYR B 85 15.30 -28.91 -12.16
C TYR B 85 16.62 -29.16 -12.90
N TYR B 86 17.21 -28.09 -13.48
CA TYR B 86 18.46 -28.18 -14.20
C TYR B 86 19.73 -28.23 -13.33
N GLY B 87 19.57 -28.10 -12.02
CA GLY B 87 20.68 -28.21 -11.07
C GLY B 87 21.72 -27.12 -11.06
N LEU B 88 21.49 -25.99 -11.78
CA LEU B 88 22.47 -24.90 -11.73
C LEU B 88 22.17 -24.01 -10.53
N PHE B 89 20.87 -23.70 -10.33
CA PHE B 89 20.46 -22.87 -9.23
C PHE B 89 19.56 -23.62 -8.25
N GLN B 90 19.63 -23.17 -7.01
CA GLN B 90 18.97 -23.65 -5.82
C GLN B 90 18.15 -22.51 -5.21
N TYR B 91 17.14 -22.84 -4.40
CA TYR B 91 16.38 -21.84 -3.65
C TYR B 91 17.06 -21.72 -2.26
N SER B 92 17.22 -20.48 -1.73
CA SER B 92 17.93 -20.32 -0.45
C SER B 92 17.20 -20.93 0.76
N THR B 93 17.97 -21.43 1.73
CA THR B 93 17.48 -22.07 2.95
C THR B 93 16.63 -21.10 3.77
N ASP B 94 17.15 -19.86 3.92
CA ASP B 94 16.46 -18.77 4.59
C ASP B 94 15.46 -18.09 3.60
N ASN B 95 15.96 -17.40 2.55
CA ASN B 95 15.07 -16.79 1.56
C ASN B 95 14.62 -17.83 0.53
N ILE B 96 13.54 -18.58 0.83
CA ILE B 96 13.04 -19.61 -0.09
C ILE B 96 12.17 -18.97 -1.21
N TYR B 97 12.63 -17.80 -1.68
CA TYR B 97 12.09 -16.89 -2.68
C TYR B 97 13.25 -16.45 -3.64
N MET B 98 14.51 -16.42 -3.13
CA MET B 98 15.71 -16.02 -3.87
C MET B 98 16.61 -17.21 -4.24
N LEU B 99 17.11 -17.18 -5.49
CA LEU B 99 18.01 -18.18 -6.06
C LEU B 99 19.45 -17.98 -5.62
N GLN B 100 20.18 -19.08 -5.56
CA GLN B 100 21.59 -19.12 -5.30
C GLN B 100 22.21 -20.26 -6.10
N ILE B 101 23.51 -20.19 -6.38
CA ILE B 101 24.21 -21.27 -7.09
C ILE B 101 24.13 -22.57 -6.27
N ASN B 102 23.81 -23.69 -6.94
CA ASN B 102 23.73 -24.97 -6.28
C ASN B 102 25.17 -25.50 -6.12
N PRO B 103 25.66 -25.77 -4.89
CA PRO B 103 27.04 -26.27 -4.74
C PRO B 103 27.25 -27.67 -5.28
N ASP B 104 26.19 -28.48 -5.33
CA ASP B 104 26.27 -29.84 -5.86
C ASP B 104 25.99 -29.88 -7.37
N SER B 105 26.20 -28.76 -8.09
CA SER B 105 25.95 -28.70 -9.53
C SER B 105 26.91 -29.58 -10.36
N SER B 106 28.06 -29.97 -9.76
CA SER B 106 29.10 -30.82 -10.36
C SER B 106 28.62 -32.18 -10.85
N ILE B 107 27.37 -32.55 -10.55
CA ILE B 107 26.72 -33.80 -10.99
C ILE B 107 26.77 -33.86 -12.53
N ASN B 108 26.50 -32.72 -13.17
CA ASN B 108 26.61 -32.57 -14.61
C ASN B 108 28.08 -32.18 -14.80
N PRO B 109 28.92 -32.99 -15.45
CA PRO B 109 30.33 -32.61 -15.59
C PRO B 109 30.52 -31.30 -16.36
N ASP B 110 29.62 -31.01 -17.32
CA ASP B 110 29.67 -29.79 -18.13
C ASP B 110 29.03 -28.59 -17.47
N HIS B 111 28.68 -28.67 -16.17
CA HIS B 111 28.02 -27.61 -15.43
C HIS B 111 28.71 -26.25 -15.55
N LEU B 112 30.05 -26.21 -15.59
CA LEU B 112 30.77 -24.93 -15.69
C LEU B 112 30.51 -24.21 -17.02
N SER B 113 30.27 -24.97 -18.09
CA SER B 113 29.92 -24.38 -19.38
C SER B 113 28.50 -23.79 -19.31
N TYR B 114 27.60 -24.42 -18.53
CA TYR B 114 26.24 -23.97 -18.33
C TYR B 114 26.20 -22.72 -17.48
N PHE B 115 27.09 -22.62 -16.48
CA PHE B 115 27.23 -21.41 -15.66
C PHE B 115 27.77 -20.28 -16.52
N HIS B 116 28.74 -20.57 -17.40
CA HIS B 116 29.27 -19.57 -18.32
C HIS B 116 28.11 -19.08 -19.23
N PHE B 117 27.27 -20.00 -19.75
CA PHE B 117 26.10 -19.66 -20.56
C PHE B 117 25.13 -18.76 -19.80
N VAL B 118 24.78 -19.09 -18.55
CA VAL B 118 23.90 -18.26 -17.73
C VAL B 118 24.45 -16.85 -17.56
N GLY B 119 25.75 -16.73 -17.32
CA GLY B 119 26.41 -15.44 -17.22
C GLY B 119 26.33 -14.69 -18.53
N ARG B 120 26.53 -15.39 -19.65
CA ARG B 120 26.39 -14.79 -20.97
C ARG B 120 24.95 -14.26 -21.19
N ILE B 121 23.92 -15.03 -20.81
CA ILE B 121 22.54 -14.60 -20.93
C ILE B 121 22.25 -13.38 -20.06
N MET B 122 22.72 -13.36 -18.81
CA MET B 122 22.54 -12.20 -17.91
C MET B 122 23.25 -10.97 -18.45
N GLY B 123 24.45 -11.15 -19.00
CA GLY B 123 25.22 -10.05 -19.57
C GLY B 123 24.53 -9.52 -20.80
N LEU B 124 24.09 -10.41 -21.66
CA LEU B 124 23.41 -10.10 -22.91
C LEU B 124 22.15 -9.30 -22.65
N ALA B 125 21.41 -9.67 -21.59
CA ALA B 125 20.19 -8.96 -21.25
C ALA B 125 20.52 -7.54 -20.82
N VAL B 126 21.43 -7.33 -19.84
CA VAL B 126 21.82 -5.99 -19.42
C VAL B 126 22.40 -5.18 -20.59
N PHE B 127 23.21 -5.82 -21.45
CA PHE B 127 23.84 -5.16 -22.57
C PHE B 127 22.83 -4.64 -23.60
N HIS B 128 21.78 -5.40 -23.83
CA HIS B 128 20.79 -5.01 -24.83
C HIS B 128 19.57 -4.31 -24.26
N GLY B 129 19.67 -3.77 -23.05
CA GLY B 129 18.55 -3.05 -22.45
C GLY B 129 17.39 -3.91 -21.99
N HIS B 130 17.66 -5.19 -21.75
CA HIS B 130 16.67 -6.15 -21.30
C HIS B 130 16.95 -6.58 -19.87
N TYR B 131 16.04 -7.33 -19.27
CA TYR B 131 16.19 -7.74 -17.88
C TYR B 131 16.03 -9.26 -17.69
N ILE B 132 16.48 -9.77 -16.52
CA ILE B 132 16.33 -11.19 -16.27
C ILE B 132 15.31 -11.38 -15.15
N ASN B 133 14.36 -12.28 -15.38
CA ASN B 133 13.32 -12.64 -14.42
C ASN B 133 13.85 -13.75 -13.52
N GLY B 134 14.20 -13.37 -12.31
CA GLY B 134 14.76 -14.27 -11.31
C GLY B 134 15.52 -13.46 -10.31
N GLY B 135 15.13 -13.58 -9.06
CA GLY B 135 15.77 -12.86 -7.97
C GLY B 135 16.86 -13.70 -7.33
N PHE B 136 18.02 -13.10 -7.06
CA PHE B 136 19.14 -13.79 -6.44
C PHE B 136 19.35 -13.33 -4.98
N THR B 137 20.24 -14.00 -4.24
CA THR B 137 20.52 -13.63 -2.86
C THR B 137 21.49 -12.43 -2.77
N VAL B 138 21.59 -11.83 -1.57
CA VAL B 138 22.48 -10.69 -1.31
C VAL B 138 23.95 -10.98 -1.66
N PRO B 139 24.55 -12.14 -1.21
CA PRO B 139 25.95 -12.40 -1.56
C PRO B 139 26.16 -12.62 -3.05
N PHE B 140 25.15 -13.12 -3.79
CA PHE B 140 25.25 -13.31 -5.24
C PHE B 140 25.57 -11.95 -5.91
N TYR B 141 24.75 -10.92 -5.62
CA TYR B 141 24.91 -9.58 -6.19
C TYR B 141 26.21 -8.92 -5.74
N LYS B 142 26.63 -9.09 -4.46
CA LYS B 142 27.89 -8.47 -4.00
C LYS B 142 29.09 -9.14 -4.69
N GLN B 143 29.03 -10.47 -4.86
CA GLN B 143 30.10 -11.23 -5.51
C GLN B 143 30.23 -10.86 -6.99
N LEU B 144 29.12 -10.87 -7.75
CA LEU B 144 29.02 -10.51 -9.17
C LEU B 144 29.58 -9.10 -9.46
N LEU B 145 29.28 -8.18 -8.53
CA LEU B 145 29.71 -6.79 -8.54
C LEU B 145 31.22 -6.61 -8.28
N GLY B 146 31.87 -7.64 -7.73
CA GLY B 146 33.29 -7.62 -7.42
C GLY B 146 33.64 -6.98 -6.08
N LYS B 147 32.63 -6.57 -5.29
CA LYS B 147 32.85 -5.91 -3.99
C LYS B 147 32.98 -6.93 -2.87
N PRO B 148 33.77 -6.60 -1.83
CA PRO B 148 33.96 -7.57 -0.73
C PRO B 148 32.78 -7.71 0.23
N ILE B 149 32.57 -8.93 0.72
CA ILE B 149 31.52 -9.20 1.71
C ILE B 149 32.06 -8.77 3.12
N GLN B 150 31.21 -8.14 3.95
CA GLN B 150 31.61 -7.75 5.29
C GLN B 150 31.58 -8.95 6.25
N LEU B 151 32.39 -8.89 7.28
CA LEU B 151 32.52 -9.93 8.26
C LEU B 151 31.19 -10.22 8.96
N SER B 152 30.33 -9.19 9.15
CA SER B 152 29.03 -9.36 9.80
C SER B 152 28.11 -10.28 9.01
N ASP B 153 28.23 -10.28 7.68
CA ASP B 153 27.40 -11.17 6.83
C ASP B 153 27.73 -12.67 7.06
N LEU B 154 28.92 -12.97 7.62
CA LEU B 154 29.38 -14.32 7.89
C LEU B 154 28.81 -14.91 9.19
N GLU B 155 28.30 -14.08 10.12
CA GLU B 155 27.77 -14.60 11.39
C GLU B 155 26.64 -15.62 11.16
N SER B 156 25.74 -15.34 10.20
CA SER B 156 24.63 -16.22 9.86
C SER B 156 25.08 -17.51 9.17
N VAL B 157 26.13 -17.43 8.33
CA VAL B 157 26.64 -18.55 7.55
C VAL B 157 27.52 -19.47 8.35
N ASP B 158 28.48 -18.94 9.08
CA ASP B 158 29.43 -19.76 9.83
C ASP B 158 29.70 -19.04 11.14
N PRO B 159 28.88 -19.31 12.16
CA PRO B 159 29.03 -18.57 13.42
C PRO B 159 30.34 -18.77 14.19
N GLU B 160 31.07 -19.91 14.03
CA GLU B 160 32.34 -20.05 14.78
C GLU B 160 33.57 -19.47 14.04
N LEU B 161 33.55 -19.43 12.69
CA LEU B 161 34.62 -18.75 11.95
C LEU B 161 34.50 -17.24 12.20
N HIS B 162 33.27 -16.70 12.21
CA HIS B 162 32.98 -15.30 12.49
C HIS B 162 33.53 -14.89 13.85
N LYS B 163 33.37 -15.77 14.85
CA LYS B 163 33.84 -15.54 16.21
C LYS B 163 35.37 -15.44 16.20
N SER B 164 36.05 -16.35 15.47
CA SER B 164 37.51 -16.33 15.39
C SER B 164 38.06 -15.13 14.67
N LEU B 165 37.42 -14.70 13.57
CA LEU B 165 37.86 -13.52 12.82
C LEU B 165 37.60 -12.18 13.57
N VAL B 166 36.57 -12.17 14.41
CA VAL B 166 36.28 -11.03 15.26
C VAL B 166 37.38 -11.00 16.35
N TRP B 167 37.79 -12.19 16.90
CA TRP B 167 38.87 -12.26 17.86
C TRP B 167 40.13 -11.62 17.28
N ILE B 168 40.54 -12.02 16.08
CA ILE B 168 41.72 -11.48 15.40
C ILE B 168 41.73 -9.94 15.30
N LEU B 169 40.63 -9.37 14.87
CA LEU B 169 40.51 -7.94 14.72
C LEU B 169 40.57 -7.15 16.00
N GLU B 170 40.03 -7.66 17.13
CA GLU B 170 40.08 -6.87 18.39
C GLU B 170 41.12 -7.32 19.38
N ASN B 171 42.04 -8.20 18.98
CA ASN B 171 43.11 -8.69 19.86
C ASN B 171 44.48 -8.59 19.21
N ASP B 172 45.53 -8.54 20.04
CA ASP B 172 46.90 -8.49 19.54
C ASP B 172 47.29 -9.94 19.29
N ILE B 173 47.32 -10.35 18.03
CA ILE B 173 47.63 -11.73 17.65
C ILE B 173 49.11 -12.11 17.75
N THR B 174 49.98 -11.17 18.08
CA THR B 174 51.41 -11.43 18.11
C THR B 174 51.84 -12.54 19.08
N PRO B 175 51.55 -12.50 20.39
CA PRO B 175 52.05 -13.57 21.28
C PRO B 175 51.16 -14.80 21.39
N VAL B 176 50.16 -14.93 20.51
CA VAL B 176 49.21 -16.02 20.57
C VAL B 176 49.08 -16.80 19.25
N LEU B 177 48.88 -16.09 18.13
CA LEU B 177 48.61 -16.74 16.86
C LEU B 177 49.82 -17.15 16.03
N ASP B 178 49.63 -18.23 15.25
CA ASP B 178 50.59 -18.75 14.29
C ASP B 178 49.82 -19.17 13.05
N HIS B 179 49.25 -18.17 12.39
CA HIS B 179 48.44 -18.35 11.20
C HIS B 179 49.23 -17.93 9.95
N THR B 180 48.81 -18.47 8.80
CA THR B 180 49.35 -18.16 7.47
C THR B 180 48.15 -17.81 6.57
N PHE B 181 48.40 -17.30 5.36
CA PHE B 181 47.31 -16.98 4.43
C PHE B 181 46.93 -18.29 3.75
N CYS B 182 46.65 -19.30 4.54
CA CYS B 182 46.29 -20.63 4.12
C CYS B 182 45.21 -21.15 5.06
N VAL B 183 44.17 -21.75 4.49
CA VAL B 183 43.07 -22.29 5.26
C VAL B 183 42.91 -23.76 4.95
N GLU B 184 42.68 -24.59 5.97
CA GLU B 184 42.43 -26.01 5.76
C GLU B 184 40.99 -26.38 6.16
N HIS B 185 40.46 -27.51 5.65
CA HIS B 185 39.10 -27.94 5.98
C HIS B 185 38.79 -29.37 5.49
N ASN B 186 37.79 -30.05 6.10
CA ASN B 186 37.39 -31.36 5.64
C ASN B 186 36.62 -31.15 4.36
N ALA B 187 37.27 -31.41 3.22
CA ALA B 187 36.63 -31.28 1.92
C ALA B 187 36.93 -32.56 1.18
N PHE B 188 35.92 -33.44 1.06
CA PHE B 188 35.97 -34.75 0.40
C PHE B 188 36.73 -35.79 1.25
N GLY B 189 36.49 -35.78 2.56
CA GLY B 189 37.13 -36.71 3.47
C GLY B 189 38.57 -36.36 3.82
N ARG B 190 39.23 -35.56 2.98
CA ARG B 190 40.62 -35.12 3.15
C ARG B 190 40.70 -33.72 3.78
N ILE B 191 41.91 -33.30 4.18
CA ILE B 191 42.13 -31.96 4.70
C ILE B 191 42.80 -31.14 3.58
N LEU B 192 42.08 -30.13 3.03
CA LEU B 192 42.58 -29.37 1.90
C LEU B 192 43.16 -28.00 2.21
N GLN B 193 44.46 -27.83 1.96
CA GLN B 193 45.16 -26.58 2.17
C GLN B 193 44.97 -25.63 0.99
N HIS B 194 44.36 -24.47 1.25
CA HIS B 194 44.07 -23.47 0.23
C HIS B 194 44.68 -22.12 0.58
N GLU B 195 45.52 -21.58 -0.31
CA GLU B 195 46.14 -20.29 -0.07
C GLU B 195 45.17 -19.16 -0.42
N LEU B 196 45.05 -18.14 0.44
CA LEU B 196 44.17 -17.00 0.20
C LEU B 196 44.80 -15.95 -0.74
N LYS B 197 46.13 -15.97 -0.91
CA LYS B 197 46.85 -15.05 -1.76
C LYS B 197 48.12 -15.76 -2.34
N PRO B 198 48.78 -15.23 -3.40
CA PRO B 198 49.98 -15.91 -3.94
C PRO B 198 51.01 -16.36 -2.88
N ASN B 199 51.23 -17.67 -2.72
CA ASN B 199 52.16 -18.21 -1.72
C ASN B 199 51.75 -17.91 -0.25
N GLY B 200 50.48 -18.16 0.07
CA GLY B 200 49.93 -17.97 1.40
C GLY B 200 50.49 -18.88 2.48
N ARG B 201 51.08 -20.01 2.09
CA ARG B 201 51.68 -20.91 3.09
C ARG B 201 52.94 -20.31 3.71
N ASN B 202 53.65 -19.41 3.00
CA ASN B 202 54.85 -18.77 3.56
C ASN B 202 54.65 -17.29 3.88
N VAL B 203 53.40 -16.87 4.05
CA VAL B 203 53.10 -15.50 4.45
C VAL B 203 52.41 -15.56 5.79
N PRO B 204 53.13 -15.23 6.87
CA PRO B 204 52.50 -15.30 8.20
C PRO B 204 51.53 -14.13 8.43
N VAL B 205 50.51 -14.39 9.25
CA VAL B 205 49.53 -13.37 9.59
C VAL B 205 50.12 -12.59 10.76
N THR B 206 50.30 -11.29 10.55
CA THR B 206 50.89 -10.38 11.52
C THR B 206 49.89 -9.26 11.84
N GLU B 207 50.21 -8.36 12.79
CA GLU B 207 49.34 -7.25 13.12
C GLU B 207 49.20 -6.28 11.94
N GLU B 208 50.22 -6.19 11.05
CA GLU B 208 50.13 -5.22 9.95
C GLU B 208 49.33 -5.74 8.74
N ASN B 209 49.00 -7.05 8.69
CA ASN B 209 48.22 -7.58 7.56
C ASN B 209 47.02 -8.41 7.96
N LYS B 210 46.56 -8.37 9.23
CA LYS B 210 45.43 -9.20 9.64
C LYS B 210 44.09 -8.72 9.08
N LYS B 211 43.94 -7.43 8.65
CA LYS B 211 42.64 -7.01 8.05
C LYS B 211 42.51 -7.68 6.72
N GLU B 212 43.61 -7.69 5.94
CA GLU B 212 43.62 -8.33 4.63
C GLU B 212 43.34 -9.80 4.75
N TYR B 213 43.96 -10.46 5.74
CA TYR B 213 43.76 -11.88 6.01
C TYR B 213 42.28 -12.15 6.32
N VAL B 214 41.70 -11.35 7.21
CA VAL B 214 40.31 -11.47 7.63
C VAL B 214 39.35 -11.30 6.44
N ARG B 215 39.52 -10.25 5.60
CA ARG B 215 38.60 -10.08 4.48
C ARG B 215 38.78 -11.12 3.37
N LEU B 216 39.98 -11.70 3.21
CA LEU B 216 40.18 -12.78 2.24
C LEU B 216 39.58 -14.09 2.77
N TYR B 217 39.61 -14.31 4.09
CA TYR B 217 39.05 -15.50 4.72
C TYR B 217 37.51 -15.45 4.59
N VAL B 218 36.89 -14.29 4.89
CA VAL B 218 35.45 -14.14 4.71
C VAL B 218 35.05 -14.32 3.25
N ASN B 219 35.80 -13.71 2.31
CA ASN B 219 35.51 -13.84 0.87
C ASN B 219 35.63 -15.30 0.44
N TRP B 220 36.67 -16.00 0.91
CA TRP B 220 36.89 -17.39 0.56
C TRP B 220 35.80 -18.30 1.11
N ARG B 221 35.33 -18.02 2.32
CA ARG B 221 34.30 -18.83 2.94
C ARG B 221 32.93 -18.72 2.19
N PHE B 222 32.61 -17.54 1.66
CA PHE B 222 31.40 -17.33 0.87
C PHE B 222 31.48 -18.01 -0.51
N MET B 223 32.67 -18.25 -1.03
CA MET B 223 32.83 -18.96 -2.29
C MET B 223 32.88 -20.47 -2.14
N ARG B 224 32.95 -20.99 -0.91
CA ARG B 224 33.09 -22.41 -0.66
C ARG B 224 32.00 -23.30 -1.27
N GLY B 225 32.43 -24.18 -2.15
CA GLY B 225 31.54 -25.11 -2.83
C GLY B 225 31.03 -24.59 -4.17
N ILE B 226 30.97 -23.26 -4.33
CA ILE B 226 30.49 -22.62 -5.55
C ILE B 226 31.57 -21.78 -6.24
N GLU B 227 32.86 -22.02 -5.95
CA GLU B 227 33.95 -21.23 -6.52
C GLU B 227 34.05 -21.33 -8.04
N ALA B 228 34.21 -22.54 -8.57
CA ALA B 228 34.35 -22.78 -10.00
C ALA B 228 33.12 -22.30 -10.77
N GLN B 229 31.91 -22.52 -10.18
CA GLN B 229 30.62 -22.12 -10.72
C GLN B 229 30.56 -20.60 -10.82
N PHE B 230 30.82 -19.88 -9.70
CA PHE B 230 30.79 -18.41 -9.69
C PHE B 230 31.74 -17.82 -10.73
N LEU B 231 32.96 -18.32 -10.77
CA LEU B 231 33.98 -17.87 -11.71
C LEU B 231 33.51 -18.00 -13.15
N ALA B 232 32.79 -19.08 -13.47
CA ALA B 232 32.28 -19.32 -14.82
C ALA B 232 31.14 -18.32 -15.19
N LEU B 233 30.21 -18.09 -14.26
CA LEU B 233 29.11 -17.17 -14.46
C LEU B 233 29.63 -15.75 -14.61
N GLN B 234 30.59 -15.36 -13.80
CA GLN B 234 31.21 -14.05 -13.84
C GLN B 234 31.97 -13.82 -15.14
N LYS B 235 32.67 -14.84 -15.64
CA LYS B 235 33.43 -14.70 -16.88
C LYS B 235 32.50 -14.39 -18.05
N GLY B 236 31.33 -15.04 -18.09
CA GLY B 236 30.35 -14.83 -19.15
C GLY B 236 29.62 -13.51 -19.03
N PHE B 237 29.37 -13.09 -17.80
CA PHE B 237 28.73 -11.81 -17.52
C PHE B 237 29.67 -10.68 -17.93
N ASN B 238 30.97 -10.80 -17.58
CA ASN B 238 31.95 -9.78 -17.92
C ASN B 238 32.36 -9.78 -19.39
N GLU B 239 32.02 -10.83 -20.14
CA GLU B 239 32.23 -10.83 -21.59
C GLU B 239 31.32 -9.79 -22.28
N LEU B 240 30.22 -9.34 -21.62
CA LEU B 240 29.28 -8.35 -22.16
C LEU B 240 29.33 -7.08 -21.31
N ILE B 241 29.37 -7.24 -19.98
CA ILE B 241 29.40 -6.13 -19.06
C ILE B 241 30.77 -6.08 -18.37
N PRO B 242 31.71 -5.28 -18.92
CA PRO B 242 33.03 -5.13 -18.28
C PRO B 242 32.94 -4.69 -16.81
N GLN B 243 33.82 -5.28 -16.00
CA GLN B 243 33.88 -5.07 -14.55
C GLN B 243 33.97 -3.59 -14.12
N HIS B 244 34.80 -2.78 -14.81
CA HIS B 244 34.96 -1.37 -14.48
C HIS B 244 33.66 -0.59 -14.53
N LEU B 245 32.75 -0.99 -15.42
CA LEU B 245 31.44 -0.34 -15.56
C LEU B 245 30.52 -0.58 -14.36
N LEU B 246 30.75 -1.64 -13.59
CA LEU B 246 29.97 -1.95 -12.39
C LEU B 246 30.39 -1.12 -11.16
N LYS B 247 31.59 -0.50 -11.21
CA LYS B 247 32.18 0.27 -10.12
C LYS B 247 31.22 1.30 -9.44
N PRO B 248 30.51 2.19 -10.16
CA PRO B 248 29.60 3.12 -9.46
C PRO B 248 28.34 2.54 -8.83
N PHE B 249 28.18 1.20 -8.80
CA PHE B 249 26.95 0.60 -8.30
C PHE B 249 27.12 -0.24 -7.04
N ASP B 250 26.03 -0.39 -6.28
CA ASP B 250 26.03 -1.25 -5.10
C ASP B 250 25.10 -2.47 -5.33
N GLN B 251 25.06 -3.43 -4.37
CA GLN B 251 24.24 -4.66 -4.41
C GLN B 251 22.76 -4.47 -4.83
N LYS B 252 22.12 -3.42 -4.33
CA LYS B 252 20.72 -3.17 -4.64
C LYS B 252 20.58 -2.61 -6.02
N GLU B 253 21.54 -1.79 -6.47
CA GLU B 253 21.49 -1.21 -7.81
C GLU B 253 21.75 -2.25 -8.88
N LEU B 254 22.68 -3.21 -8.64
CA LEU B 254 22.96 -4.27 -9.60
C LEU B 254 21.74 -5.20 -9.73
N GLU B 255 21.09 -5.52 -8.61
CA GLU B 255 19.86 -6.31 -8.62
C GLU B 255 18.77 -5.65 -9.53
N LEU B 256 18.68 -4.31 -9.49
CA LEU B 256 17.77 -3.49 -10.30
C LEU B 256 18.23 -3.42 -11.75
N ILE B 257 19.52 -3.23 -12.00
CA ILE B 257 20.06 -3.18 -13.36
C ILE B 257 19.79 -4.49 -14.08
N ILE B 258 20.05 -5.60 -13.39
CA ILE B 258 19.86 -6.92 -13.91
C ILE B 258 18.37 -7.31 -14.08
N GLY B 259 17.54 -7.11 -13.07
CA GLY B 259 16.14 -7.54 -13.14
C GLY B 259 15.01 -6.55 -13.37
N GLY B 260 15.33 -5.27 -13.38
CA GLY B 260 14.34 -4.20 -13.56
C GLY B 260 13.57 -3.93 -12.30
N LEU B 261 12.47 -3.15 -12.40
CA LEU B 261 11.63 -2.84 -11.26
C LEU B 261 10.87 -4.08 -10.86
N ASP B 262 10.73 -4.26 -9.53
CA ASP B 262 10.09 -5.46 -8.99
C ASP B 262 8.58 -5.35 -8.84
N LYS B 263 8.01 -4.12 -8.84
CA LYS B 263 6.57 -3.87 -8.71
C LYS B 263 6.07 -2.94 -9.82
N ILE B 264 4.84 -3.16 -10.35
CA ILE B 264 4.26 -2.41 -11.47
C ILE B 264 3.44 -1.20 -11.03
N ASP B 265 3.83 0.02 -11.43
CA ASP B 265 3.05 1.21 -11.11
C ASP B 265 1.95 1.28 -12.15
N LEU B 266 0.70 1.38 -11.70
CA LEU B 266 -0.47 1.43 -12.56
C LEU B 266 -0.59 2.76 -13.28
N ASN B 267 -0.27 3.87 -12.62
CA ASN B 267 -0.37 5.19 -13.22
C ASN B 267 0.62 5.37 -14.37
N ASP B 268 1.81 4.80 -14.24
CA ASP B 268 2.84 4.83 -15.27
C ASP B 268 2.45 3.93 -16.48
N TRP B 269 1.84 2.77 -16.19
CA TRP B 269 1.35 1.84 -17.18
C TRP B 269 0.25 2.56 -18.01
N LYS B 270 -0.73 3.18 -17.32
CA LYS B 270 -1.81 3.91 -17.98
C LYS B 270 -1.31 5.12 -18.73
N SER B 271 -0.34 5.86 -18.21
CA SER B 271 0.20 7.03 -18.89
C SER B 271 0.90 6.64 -20.17
N ASN B 272 1.55 5.46 -20.22
CA ASN B 272 2.29 5.02 -21.40
C ASN B 272 1.56 4.00 -22.23
N THR B 273 0.23 4.08 -22.24
CA THR B 273 -0.64 3.21 -23.02
C THR B 273 -1.26 4.02 -24.17
N ARG B 274 -1.15 3.48 -25.38
CA ARG B 274 -1.74 4.10 -26.56
C ARG B 274 -2.97 3.30 -27.00
N LEU B 275 -3.92 3.94 -27.72
CA LEU B 275 -5.14 3.26 -28.13
C LEU B 275 -5.31 3.21 -29.66
N LYS B 276 -5.64 2.03 -30.20
CA LYS B 276 -5.89 1.81 -31.63
C LYS B 276 -7.34 1.37 -31.80
N HIS B 277 -8.07 2.02 -32.70
CA HIS B 277 -9.48 1.73 -32.97
C HIS B 277 -10.41 2.06 -31.77
N CYS B 278 -9.94 2.86 -30.81
CA CYS B 278 -10.73 3.26 -29.65
C CYS B 278 -10.21 4.55 -29.04
N VAL B 279 -11.01 5.20 -28.22
CA VAL B 279 -10.61 6.44 -27.55
C VAL B 279 -10.67 6.25 -26.01
N ALA B 280 -10.20 7.22 -25.21
CA ALA B 280 -10.18 7.10 -23.76
C ALA B 280 -11.52 6.77 -23.11
N ASP B 281 -12.66 7.24 -23.66
CA ASP B 281 -13.96 6.95 -23.06
C ASP B 281 -14.70 5.77 -23.76
N SER B 282 -13.95 4.89 -24.41
CA SER B 282 -14.52 3.67 -25.02
C SER B 282 -14.71 2.67 -23.90
N ASN B 283 -15.87 2.00 -23.88
CA ASN B 283 -16.22 1.03 -22.85
C ASN B 283 -15.16 -0.02 -22.60
N ILE B 284 -14.58 -0.60 -23.66
CA ILE B 284 -13.51 -1.59 -23.61
C ILE B 284 -12.28 -1.07 -22.84
N VAL B 285 -11.90 0.18 -23.08
CA VAL B 285 -10.75 0.78 -22.40
C VAL B 285 -11.06 1.00 -20.91
N ARG B 286 -12.28 1.47 -20.62
CA ARG B 286 -12.79 1.72 -19.27
C ARG B 286 -12.81 0.41 -18.48
N TRP B 287 -13.30 -0.64 -19.11
CA TRP B 287 -13.47 -1.96 -18.56
C TRP B 287 -12.18 -2.67 -18.36
N PHE B 288 -11.22 -2.50 -19.29
CA PHE B 288 -9.92 -3.13 -19.22
C PHE B 288 -9.18 -2.61 -17.98
N TRP B 289 -9.12 -1.29 -17.80
CA TRP B 289 -8.45 -0.70 -16.65
C TRP B 289 -9.16 -0.98 -15.33
N GLN B 290 -10.49 -1.15 -15.38
CA GLN B 290 -11.27 -1.51 -14.20
C GLN B 290 -10.93 -2.95 -13.80
N ALA B 291 -10.79 -3.86 -14.79
CA ALA B 291 -10.40 -5.24 -14.51
C ALA B 291 -8.97 -5.28 -13.97
N VAL B 292 -8.07 -4.44 -14.50
CA VAL B 292 -6.67 -4.39 -14.04
C VAL B 292 -6.56 -3.93 -12.58
N GLU B 293 -7.30 -2.88 -12.15
CA GLU B 293 -7.23 -2.47 -10.73
C GLU B 293 -7.70 -3.61 -9.80
N THR B 294 -8.68 -4.40 -10.27
CA THR B 294 -9.25 -5.58 -9.60
C THR B 294 -8.22 -6.71 -9.48
N PHE B 295 -7.29 -6.82 -10.44
CA PHE B 295 -6.25 -7.85 -10.42
C PHE B 295 -5.18 -7.61 -9.34
N ASP B 296 -4.65 -8.70 -8.75
CA ASP B 296 -3.57 -8.58 -7.76
C ASP B 296 -2.20 -8.34 -8.44
N GLU B 297 -1.13 -8.08 -7.66
CA GLU B 297 0.20 -7.88 -8.22
C GLU B 297 0.66 -9.06 -9.09
N GLU B 298 0.25 -10.29 -8.74
CA GLU B 298 0.60 -11.48 -9.52
C GLU B 298 -0.16 -11.53 -10.85
N ARG B 299 -1.47 -11.32 -10.82
CA ARG B 299 -2.29 -11.32 -12.02
C ARG B 299 -1.90 -10.16 -12.96
N ARG B 300 -1.42 -9.05 -12.41
CA ARG B 300 -0.97 -7.93 -13.22
C ARG B 300 0.27 -8.32 -14.02
N ALA B 301 1.19 -9.07 -13.38
CA ALA B 301 2.42 -9.59 -13.96
C ALA B 301 2.11 -10.62 -15.07
N ARG B 302 1.12 -11.49 -14.85
CA ARG B 302 0.72 -12.47 -15.86
C ARG B 302 0.08 -11.76 -17.08
N LEU B 303 -0.63 -10.64 -16.84
CA LEU B 303 -1.24 -9.85 -17.89
C LEU B 303 -0.14 -9.13 -18.68
N LEU B 304 0.90 -8.63 -18.00
CA LEU B 304 2.02 -7.99 -18.66
C LEU B 304 2.76 -9.01 -19.54
N GLN B 305 2.96 -10.23 -19.03
CA GLN B 305 3.63 -11.33 -19.76
C GLN B 305 2.79 -11.78 -20.95
N PHE B 306 1.47 -11.75 -20.80
CA PHE B 306 0.54 -12.11 -21.85
C PHE B 306 0.67 -11.14 -23.00
N VAL B 307 0.62 -9.83 -22.73
CA VAL B 307 0.69 -8.81 -23.77
C VAL B 307 2.12 -8.51 -24.28
N THR B 308 3.09 -8.33 -23.38
CA THR B 308 4.44 -7.93 -23.78
C THR B 308 5.46 -9.07 -23.95
N GLY B 309 5.07 -10.28 -23.57
CA GLY B 309 5.95 -11.45 -23.63
C GLY B 309 6.81 -11.65 -22.39
N SER B 310 6.97 -10.61 -21.57
CA SER B 310 7.80 -10.70 -20.38
C SER B 310 7.13 -9.99 -19.23
N THR B 311 7.46 -10.44 -18.03
CA THR B 311 6.97 -9.84 -16.79
C THR B 311 7.84 -8.66 -16.32
N ARG B 312 8.93 -8.35 -17.02
CA ARG B 312 9.90 -7.36 -16.60
C ARG B 312 9.56 -5.93 -16.92
N VAL B 313 9.74 -5.02 -15.93
CA VAL B 313 9.48 -3.60 -16.12
C VAL B 313 10.79 -2.82 -16.19
N PRO B 314 11.02 -2.06 -17.28
CA PRO B 314 12.29 -1.30 -17.38
C PRO B 314 12.49 -0.29 -16.27
N LEU B 315 13.75 0.03 -15.94
CA LEU B 315 14.02 1.02 -14.89
C LEU B 315 13.53 2.44 -15.24
N GLN B 316 13.36 2.70 -16.53
CA GLN B 316 12.81 3.94 -17.10
C GLN B 316 11.24 3.86 -17.22
N GLY B 317 10.63 2.76 -16.76
CA GLY B 317 9.19 2.57 -16.74
C GLY B 317 8.60 2.04 -18.01
N PHE B 318 7.26 2.18 -18.17
CA PHE B 318 6.50 1.70 -19.34
C PHE B 318 6.72 2.49 -20.61
N LYS B 319 7.48 3.60 -20.53
CA LYS B 319 7.85 4.47 -21.66
C LYS B 319 8.93 3.80 -22.52
N ALA B 320 9.79 2.97 -21.89
CA ALA B 320 10.86 2.29 -22.58
C ALA B 320 10.49 0.83 -22.82
N LEU B 321 9.23 0.57 -23.19
CA LEU B 321 8.79 -0.80 -23.47
C LEU B 321 9.38 -1.20 -24.81
N GLN B 322 10.27 -2.22 -24.75
CA GLN B 322 11.17 -2.85 -25.74
C GLN B 322 12.67 -2.75 -25.19
N GLY B 323 13.67 -3.05 -26.01
CA GLY B 323 15.06 -3.02 -25.56
C GLY B 323 15.99 -2.08 -26.29
N SER B 324 17.09 -2.64 -26.85
CA SER B 324 18.11 -1.90 -27.62
C SER B 324 17.74 -1.92 -29.08
N THR B 325 17.22 -0.77 -29.58
CA THR B 325 16.78 -0.54 -30.96
C THR B 325 15.64 -1.57 -31.29
N GLY B 326 15.96 -2.78 -31.80
CA GLY B 326 15.01 -3.84 -32.14
C GLY B 326 14.11 -3.49 -33.31
N ALA B 327 13.06 -2.70 -33.02
CA ALA B 327 12.11 -2.13 -33.96
C ALA B 327 12.28 -0.52 -33.87
N ALA B 328 11.25 0.36 -34.00
CA ALA B 328 11.46 1.82 -33.94
C ALA B 328 11.69 2.40 -32.52
N GLY B 329 12.36 1.65 -31.64
CA GLY B 329 12.68 2.07 -30.27
C GLY B 329 11.59 1.71 -29.27
N PRO B 330 10.77 2.69 -28.86
CA PRO B 330 9.70 2.38 -27.90
C PRO B 330 8.38 1.97 -28.56
N ARG B 331 8.02 0.68 -28.44
CA ARG B 331 6.75 0.14 -28.97
C ARG B 331 5.76 0.02 -27.80
N LEU B 332 5.20 1.16 -27.37
CA LEU B 332 4.29 1.37 -26.24
C LEU B 332 3.17 0.35 -26.12
N PHE B 333 2.76 0.07 -24.88
CA PHE B 333 1.64 -0.81 -24.58
C PHE B 333 0.37 -0.29 -25.31
N THR B 334 -0.24 -1.09 -26.18
CA THR B 334 -1.38 -0.65 -26.95
C THR B 334 -2.61 -1.48 -26.70
N ILE B 335 -3.76 -0.79 -26.57
CA ILE B 335 -5.04 -1.45 -26.46
C ILE B 335 -5.67 -1.29 -27.83
N HIS B 336 -6.02 -2.38 -28.47
CA HIS B 336 -6.60 -2.35 -29.80
C HIS B 336 -7.99 -2.97 -29.80
N LEU B 337 -9.02 -2.17 -30.11
CA LEU B 337 -10.38 -2.69 -30.19
C LEU B 337 -10.54 -3.35 -31.57
N ILE B 338 -10.79 -4.68 -31.60
CA ILE B 338 -11.03 -5.44 -32.83
C ILE B 338 -12.54 -5.57 -33.05
N ASP B 339 -12.98 -5.71 -34.29
CA ASP B 339 -14.42 -5.83 -34.59
C ASP B 339 -14.90 -7.31 -34.59
N ALA B 340 -14.11 -8.21 -34.00
CA ALA B 340 -14.20 -9.65 -33.97
C ALA B 340 -15.38 -10.20 -33.13
N ASN B 341 -15.69 -11.52 -33.27
CA ASN B 341 -16.73 -12.21 -32.52
C ASN B 341 -16.49 -12.05 -31.01
N THR B 342 -17.51 -11.59 -30.27
CA THR B 342 -17.41 -11.33 -28.82
C THR B 342 -17.25 -12.62 -27.97
N ASP B 343 -17.32 -13.80 -28.60
CA ASP B 343 -17.06 -15.07 -27.90
C ASP B 343 -15.55 -15.41 -27.93
N ASN B 344 -14.74 -14.67 -28.71
CA ASN B 344 -13.30 -14.86 -28.79
C ASN B 344 -12.62 -14.28 -27.55
N LEU B 345 -11.43 -14.81 -27.24
CA LEU B 345 -10.64 -14.28 -26.13
C LEU B 345 -9.76 -13.14 -26.66
N PRO B 346 -9.28 -12.23 -25.79
CA PRO B 346 -8.38 -11.16 -26.27
C PRO B 346 -7.11 -11.75 -26.86
N LYS B 347 -6.73 -11.33 -28.06
CA LYS B 347 -5.51 -11.80 -28.68
C LYS B 347 -4.35 -10.92 -28.20
N ALA B 348 -3.12 -11.43 -28.30
CA ALA B 348 -1.94 -10.66 -27.91
C ALA B 348 -0.89 -10.74 -28.98
N HIS B 349 -0.24 -9.61 -29.27
CA HIS B 349 0.84 -9.51 -30.24
C HIS B 349 2.01 -9.03 -29.41
N THR B 350 2.79 -9.97 -28.83
CA THR B 350 3.90 -9.65 -27.94
C THR B 350 4.98 -8.79 -28.61
N CYS B 351 5.18 -8.96 -29.90
CA CYS B 351 6.13 -8.17 -30.66
C CYS B 351 5.81 -6.67 -30.66
N PHE B 352 4.53 -6.31 -30.45
CA PHE B 352 4.11 -4.90 -30.45
C PHE B 352 3.53 -4.41 -29.11
N ASN B 353 3.51 -5.28 -28.08
CA ASN B 353 2.95 -4.98 -26.76
C ASN B 353 1.49 -4.53 -26.91
N ARG B 354 0.76 -5.22 -27.80
CA ARG B 354 -0.61 -4.97 -28.17
C ARG B 354 -1.52 -6.03 -27.65
N ILE B 355 -2.74 -5.63 -27.26
CA ILE B 355 -3.79 -6.58 -26.90
C ILE B 355 -5.03 -6.28 -27.77
N ASP B 356 -5.43 -7.23 -28.60
CA ASP B 356 -6.60 -7.06 -29.48
C ASP B 356 -7.84 -7.52 -28.73
N ILE B 357 -8.61 -6.56 -28.22
CA ILE B 357 -9.84 -6.81 -27.47
C ILE B 357 -11.12 -6.67 -28.31
N PRO B 358 -11.93 -7.77 -28.37
CA PRO B 358 -13.22 -7.70 -29.10
C PRO B 358 -14.23 -6.72 -28.46
N PRO B 359 -15.30 -6.31 -29.17
CA PRO B 359 -16.25 -5.35 -28.57
C PRO B 359 -17.25 -5.98 -27.61
N TYR B 360 -16.78 -6.44 -26.44
CA TYR B 360 -17.61 -7.05 -25.42
C TYR B 360 -18.84 -6.23 -25.05
N GLU B 361 -19.94 -6.90 -24.70
CA GLU B 361 -21.18 -6.23 -24.36
C GLU B 361 -21.31 -5.83 -22.88
N SER B 362 -20.44 -6.35 -22.01
CA SER B 362 -20.50 -6.05 -20.59
C SER B 362 -19.11 -6.01 -19.94
N TYR B 363 -19.03 -5.40 -18.74
CA TYR B 363 -17.78 -5.34 -17.99
C TYR B 363 -17.42 -6.76 -17.54
N GLU B 364 -18.39 -7.47 -16.95
CA GLU B 364 -18.16 -8.82 -16.46
C GLU B 364 -17.76 -9.76 -17.59
N LYS B 365 -18.33 -9.56 -18.79
CA LYS B 365 -18.04 -10.28 -20.03
C LYS B 365 -16.54 -10.09 -20.40
N LEU B 366 -16.06 -8.84 -20.33
CA LEU B 366 -14.65 -8.52 -20.58
C LEU B 366 -13.77 -9.13 -19.50
N TYR B 367 -14.16 -9.03 -18.23
CA TYR B 367 -13.39 -9.54 -17.10
C TYR B 367 -13.14 -11.05 -17.23
N GLU B 368 -14.21 -11.81 -17.50
CA GLU B 368 -14.18 -13.27 -17.64
C GLU B 368 -13.27 -13.72 -18.80
N LYS B 369 -13.35 -13.05 -19.95
CA LYS B 369 -12.52 -13.41 -21.09
C LYS B 369 -11.06 -12.93 -20.90
N LEU B 370 -10.85 -11.83 -20.17
CA LEU B 370 -9.50 -11.30 -19.93
C LEU B 370 -8.76 -12.21 -18.95
N LEU B 371 -9.44 -12.61 -17.87
CA LEU B 371 -8.86 -13.50 -16.86
C LEU B 371 -8.50 -14.86 -17.49
N THR B 372 -9.43 -15.41 -18.28
CA THR B 372 -9.25 -16.68 -18.98
C THR B 372 -8.01 -16.68 -19.88
N ALA B 373 -7.84 -15.62 -20.67
CA ALA B 373 -6.71 -15.45 -21.58
C ALA B 373 -5.38 -15.38 -20.84
N VAL B 374 -5.37 -14.79 -19.65
CA VAL B 374 -4.19 -14.64 -18.80
C VAL B 374 -3.68 -16.02 -18.29
N GLU B 375 -4.63 -16.93 -18.00
CA GLU B 375 -4.40 -18.28 -17.51
C GLU B 375 -4.61 -19.28 -18.66
N GLU B 376 -3.68 -19.25 -19.63
CA GLU B 376 -3.67 -20.10 -20.83
C GLU B 376 -2.24 -20.42 -21.34
N ASP C 3 -34.28 15.78 33.63
CA ASP C 3 -33.98 17.21 33.60
C ASP C 3 -32.58 17.49 32.98
N LEU C 4 -32.11 18.74 33.10
CA LEU C 4 -30.86 19.27 32.65
C LEU C 4 -29.65 18.37 32.94
N VAL C 5 -29.52 17.86 34.15
CA VAL C 5 -28.40 17.04 34.56
C VAL C 5 -28.23 15.78 33.71
N GLN C 6 -29.30 15.05 33.44
CA GLN C 6 -29.21 13.85 32.58
C GLN C 6 -28.96 14.25 31.13
N LYS C 7 -29.57 15.33 30.68
CA LYS C 7 -29.43 15.81 29.32
C LYS C 7 -28.01 16.30 29.03
N LEU C 8 -27.37 16.92 30.02
CA LEU C 8 -26.00 17.42 29.93
C LEU C 8 -25.05 16.26 29.68
N LYS C 9 -25.30 15.12 30.38
CA LYS C 9 -24.54 13.87 30.31
C LYS C 9 -24.55 13.26 28.90
N VAL C 10 -25.62 13.49 28.15
CA VAL C 10 -25.77 12.94 26.82
C VAL C 10 -25.01 13.81 25.81
N LEU C 11 -25.20 15.13 25.88
CA LEU C 11 -24.54 16.11 25.01
C LEU C 11 -23.04 16.05 25.15
N ARG C 12 -22.53 16.06 26.39
CA ARG C 12 -21.08 15.96 26.64
C ARG C 12 -20.53 14.66 26.05
N HIS C 13 -21.24 13.56 26.20
CA HIS C 13 -20.82 12.30 25.65
C HIS C 13 -20.72 12.29 24.11
N GLU C 14 -21.75 12.81 23.41
CA GLU C 14 -21.80 12.87 21.94
C GLU C 14 -20.70 13.77 21.40
N LEU C 15 -20.41 14.90 22.07
CA LEU C 15 -19.35 15.82 21.67
C LEU C 15 -17.98 15.17 21.82
N SER C 16 -17.78 14.39 22.90
CA SER C 16 -16.52 13.71 23.16
C SER C 16 -16.11 12.71 22.06
N LEU C 17 -17.12 12.10 21.41
CA LEU C 17 -16.91 11.16 20.31
C LEU C 17 -16.35 11.86 19.08
N GLN C 18 -16.67 13.16 18.90
CA GLN C 18 -16.17 13.96 17.78
C GLN C 18 -14.75 14.49 18.00
N GLN C 19 -14.22 14.40 19.23
CA GLN C 19 -12.87 14.84 19.52
C GLN C 19 -11.89 13.75 19.09
N PRO C 20 -11.08 13.99 18.05
CA PRO C 20 -10.10 12.99 17.63
C PRO C 20 -9.08 12.76 18.73
N GLN C 21 -8.95 11.49 19.16
CA GLN C 21 -8.02 11.08 20.22
C GLN C 21 -6.54 11.40 19.90
N ALA C 22 -6.23 11.65 18.61
CA ALA C 22 -4.88 11.97 18.16
C ALA C 22 -4.83 13.39 17.63
N GLY C 23 -3.78 14.11 17.99
CA GLY C 23 -3.60 15.47 17.53
C GLY C 23 -4.01 16.51 18.53
N HIS C 24 -3.80 17.78 18.17
CA HIS C 24 -4.09 18.90 19.05
C HIS C 24 -4.65 20.11 18.33
N CYS C 25 -5.16 21.07 19.12
CA CYS C 25 -5.61 22.35 18.62
C CYS C 25 -4.75 23.38 19.33
N ARG C 26 -3.74 23.91 18.61
CA ARG C 26 -2.74 24.83 19.15
C ARG C 26 -3.10 26.30 19.08
N ILE C 27 -3.16 26.94 20.25
CA ILE C 27 -3.39 28.37 20.35
C ILE C 27 -2.32 29.00 21.22
N GLU C 28 -1.51 29.87 20.64
CA GLU C 28 -0.47 30.59 21.37
C GLU C 28 -0.62 32.06 21.03
N VAL C 29 -1.19 32.83 21.97
CA VAL C 29 -1.42 34.25 21.76
C VAL C 29 -0.76 35.08 22.87
N SER C 30 -0.58 36.39 22.63
CA SER C 30 -0.04 37.28 23.67
C SER C 30 -1.22 37.81 24.50
N ARG C 31 -0.95 38.29 25.71
CA ARG C 31 -2.00 38.83 26.57
C ARG C 31 -2.48 40.17 26.09
N GLU C 32 -1.55 41.02 25.64
CA GLU C 32 -1.86 42.35 25.17
C GLU C 32 -2.59 42.40 23.83
N GLU C 33 -2.52 41.31 23.04
CA GLU C 33 -3.21 41.26 21.75
C GLU C 33 -4.01 39.98 21.61
N ILE C 34 -4.63 39.52 22.70
CA ILE C 34 -5.41 38.31 22.74
C ILE C 34 -6.62 38.27 21.75
N PHE C 35 -7.31 39.41 21.52
CA PHE C 35 -8.45 39.42 20.61
C PHE C 35 -8.04 39.22 19.14
N GLU C 36 -7.14 40.05 18.63
CA GLU C 36 -6.67 39.98 17.27
C GLU C 36 -5.81 38.77 16.94
N GLU C 37 -5.04 38.26 17.90
CA GLU C 37 -4.20 37.09 17.67
C GLU C 37 -5.00 35.80 17.74
N SER C 38 -6.02 35.74 18.61
CA SER C 38 -6.89 34.58 18.67
C SER C 38 -7.73 34.55 17.41
N TYR C 39 -8.19 35.72 16.92
CA TYR C 39 -8.99 35.83 15.71
C TYR C 39 -8.23 35.24 14.53
N ARG C 40 -7.00 35.72 14.28
CA ARG C 40 -6.15 35.22 13.21
C ARG C 40 -5.93 33.70 13.33
N GLN C 41 -5.49 33.18 14.49
CA GLN C 41 -5.27 31.75 14.69
C GLN C 41 -6.49 30.86 14.55
N ILE C 42 -7.61 31.19 15.19
CA ILE C 42 -8.82 30.39 15.11
C ILE C 42 -9.41 30.40 13.70
N MET C 43 -9.42 31.56 13.04
CA MET C 43 -10.00 31.67 11.71
C MET C 43 -9.16 31.07 10.60
N LYS C 44 -7.87 30.81 10.86
CA LYS C 44 -7.02 30.14 9.90
C LYS C 44 -7.33 28.64 9.85
N MET C 45 -7.83 28.06 10.97
CA MET C 45 -8.18 26.65 11.13
C MET C 45 -9.49 26.22 10.46
N ARG C 46 -9.58 24.94 10.12
CA ARG C 46 -10.82 24.32 9.59
C ARG C 46 -11.58 23.75 10.82
N PRO C 47 -12.91 23.51 10.73
CA PRO C 47 -13.65 23.01 11.92
C PRO C 47 -13.07 21.76 12.57
N LYS C 48 -12.57 20.86 11.73
CA LYS C 48 -11.97 19.61 12.16
C LYS C 48 -10.76 19.85 13.06
N ASP C 49 -10.02 20.93 12.81
CA ASP C 49 -8.86 21.26 13.61
C ASP C 49 -9.29 21.72 15.00
N LEU C 50 -10.44 22.40 15.13
CA LEU C 50 -10.98 22.92 16.39
C LEU C 50 -11.52 21.83 17.34
N LYS C 51 -11.85 20.66 16.81
CA LYS C 51 -12.34 19.57 17.65
C LYS C 51 -11.22 18.78 18.34
N LYS C 52 -9.95 19.00 17.93
CA LYS C 52 -8.80 18.33 18.55
C LYS C 52 -8.53 18.91 19.94
N ARG C 53 -7.87 18.12 20.80
CA ARG C 53 -7.58 18.54 22.17
C ARG C 53 -6.96 19.91 22.27
N LEU C 54 -7.69 20.82 22.89
CA LEU C 54 -7.27 22.20 23.02
C LEU C 54 -6.02 22.39 23.87
N MET C 55 -4.95 22.89 23.21
CA MET C 55 -3.74 23.25 23.93
C MET C 55 -3.46 24.72 23.80
N VAL C 56 -3.78 25.49 24.85
CA VAL C 56 -3.57 26.93 24.93
C VAL C 56 -2.30 27.33 25.71
N LYS C 57 -1.63 28.38 25.26
CA LYS C 57 -0.43 28.94 25.91
C LYS C 57 -0.33 30.42 25.62
N PHE C 58 0.20 31.18 26.57
CA PHE C 58 0.44 32.60 26.38
C PHE C 58 1.88 32.77 25.92
N ARG C 59 2.11 33.62 24.91
CA ARG C 59 3.43 33.90 24.35
C ARG C 59 4.46 34.26 25.40
N GLY C 60 5.54 33.48 25.44
CA GLY C 60 6.66 33.68 26.35
C GLY C 60 6.35 33.45 27.81
N GLU C 61 5.42 32.54 28.10
CA GLU C 61 5.03 32.24 29.48
C GLU C 61 5.82 31.03 29.99
N GLU C 62 7.13 31.22 30.16
CA GLU C 62 8.03 30.14 30.58
C GLU C 62 8.15 29.96 32.11
N GLY C 63 7.08 29.44 32.72
CA GLY C 63 7.04 29.17 34.16
C GLY C 63 7.62 27.82 34.55
N ASP C 65 4.80 24.49 32.72
CA ASP C 65 3.69 23.56 32.49
C ASP C 65 2.63 24.09 31.48
N TYR C 66 3.14 24.55 30.29
CA TYR C 66 2.49 25.12 29.08
C TYR C 66 0.99 24.80 28.89
N GLY C 67 0.63 23.52 28.96
CA GLY C 67 -0.75 23.09 28.79
C GLY C 67 -1.62 23.36 30.00
N GLY C 68 -2.81 23.91 29.76
CA GLY C 68 -3.74 24.20 30.86
C GLY C 68 -4.12 25.67 30.97
N VAL C 69 -3.92 26.45 29.91
CA VAL C 69 -4.26 27.86 29.91
C VAL C 69 -5.68 28.16 29.43
N ALA C 70 -6.32 27.24 28.69
CA ALA C 70 -7.66 27.38 28.11
C ALA C 70 -8.65 28.20 28.93
N ARG C 71 -8.81 27.89 30.22
CA ARG C 71 -9.74 28.62 31.07
C ARG C 71 -9.51 30.13 31.12
N GLU C 72 -8.29 30.61 31.46
CA GLU C 72 -7.96 32.03 31.52
C GLU C 72 -7.99 32.69 30.15
N TRP C 73 -7.61 31.94 29.13
CA TRP C 73 -7.62 32.46 27.77
C TRP C 73 -9.06 32.76 27.33
N LEU C 74 -10.02 31.87 27.61
CA LEU C 74 -11.44 32.12 27.28
C LEU C 74 -12.04 33.26 28.06
N TYR C 75 -11.61 33.40 29.30
CA TYR C 75 -12.07 34.46 30.15
C TYR C 75 -11.66 35.82 29.60
N LEU C 76 -10.33 35.98 29.35
CA LEU C 76 -9.72 37.19 28.85
C LEU C 76 -10.16 37.49 27.44
N LEU C 77 -10.37 36.47 26.60
CA LEU C 77 -10.82 36.63 25.22
C LEU C 77 -12.29 37.12 25.15
N CYS C 78 -13.19 36.51 25.96
CA CYS C 78 -14.60 36.92 26.02
C CYS C 78 -14.75 38.37 26.51
N HIS C 79 -13.93 38.81 27.46
CA HIS C 79 -13.99 40.19 27.96
C HIS C 79 -13.80 41.21 26.80
N GLU C 80 -12.84 40.89 25.91
CA GLU C 80 -12.50 41.70 24.78
C GLU C 80 -13.56 41.55 23.71
N MET C 81 -13.73 40.38 23.09
CA MET C 81 -14.70 40.17 22.02
C MET C 81 -16.13 40.62 22.32
N LEU C 82 -16.57 40.53 23.59
CA LEU C 82 -17.93 40.96 23.96
C LEU C 82 -17.99 42.43 24.43
N ASN C 83 -16.87 43.18 24.36
CA ASN C 83 -16.82 44.57 24.77
C ASN C 83 -17.40 45.37 23.63
N PRO C 84 -18.36 46.24 23.93
CA PRO C 84 -18.96 47.05 22.87
C PRO C 84 -18.00 47.94 22.09
N TYR C 85 -16.75 48.12 22.56
CA TYR C 85 -15.75 48.91 21.84
C TYR C 85 -15.50 48.34 20.44
N TYR C 86 -15.54 47.00 20.30
CA TYR C 86 -15.33 46.36 19.03
C TYR C 86 -16.55 46.39 18.09
N GLY C 87 -17.69 46.88 18.55
CA GLY C 87 -18.90 47.03 17.76
C GLY C 87 -19.64 45.77 17.37
N LEU C 88 -19.28 44.60 17.94
CA LEU C 88 -20.00 43.37 17.62
C LEU C 88 -21.23 43.25 18.50
N PHE C 89 -21.06 43.52 19.80
CA PHE C 89 -22.16 43.44 20.76
C PHE C 89 -22.44 44.79 21.42
N GLN C 90 -23.63 44.93 21.97
CA GLN C 90 -24.02 46.13 22.71
C GLN C 90 -24.90 45.71 23.88
N TYR C 91 -24.98 46.54 24.94
CA TYR C 91 -25.84 46.24 26.09
C TYR C 91 -27.27 46.62 25.74
N SER C 92 -28.24 45.77 26.09
CA SER C 92 -29.65 46.00 25.79
C SER C 92 -30.23 47.27 26.46
N THR C 93 -31.23 47.87 25.80
CA THR C 93 -31.93 49.06 26.31
C THR C 93 -32.77 48.69 27.54
N ASP C 94 -33.44 47.54 27.47
CA ASP C 94 -34.34 47.01 28.50
C ASP C 94 -33.57 46.45 29.72
N ASN C 95 -32.79 45.36 29.54
CA ASN C 95 -31.99 44.78 30.63
C ASN C 95 -30.58 45.24 30.38
N ILE C 96 -30.16 46.32 31.07
CA ILE C 96 -28.90 47.03 30.90
C ILE C 96 -27.62 46.16 31.08
N TYR C 97 -27.72 44.96 31.67
CA TYR C 97 -26.54 44.12 31.88
C TYR C 97 -26.36 42.99 30.85
N MET C 98 -27.39 42.72 30.03
CA MET C 98 -27.31 41.66 29.05
C MET C 98 -26.92 42.15 27.65
N LEU C 99 -26.00 41.43 27.00
CA LEU C 99 -25.53 41.71 25.64
C LEU C 99 -26.49 41.24 24.56
N GLN C 100 -26.45 41.92 23.43
CA GLN C 100 -27.19 41.57 22.22
C GLN C 100 -26.33 41.98 21.02
N ILE C 101 -26.59 41.37 19.85
CA ILE C 101 -25.85 41.70 18.64
C ILE C 101 -26.14 43.17 18.27
N ASN C 102 -25.10 43.92 17.92
CA ASN C 102 -25.26 45.31 17.52
C ASN C 102 -25.75 45.31 16.05
N PRO C 103 -26.95 45.88 15.76
CA PRO C 103 -27.42 45.89 14.36
C PRO C 103 -26.60 46.76 13.43
N ASP C 104 -25.92 47.78 13.97
CA ASP C 104 -25.09 48.67 13.17
C ASP C 104 -23.64 48.16 13.10
N SER C 105 -23.39 46.86 13.28
CA SER C 105 -22.05 46.28 13.27
C SER C 105 -21.37 46.35 11.90
N SER C 106 -22.17 46.52 10.81
CA SER C 106 -21.72 46.64 9.41
C SER C 106 -20.69 47.75 9.16
N ILE C 107 -20.42 48.60 10.16
CA ILE C 107 -19.41 49.67 10.12
C ILE C 107 -18.05 49.07 9.79
N ASN C 108 -17.74 47.93 10.42
CA ASN C 108 -16.54 47.15 10.14
C ASN C 108 -16.98 46.26 8.98
N PRO C 109 -16.43 46.42 7.76
CA PRO C 109 -16.89 45.56 6.65
C PRO C 109 -16.67 44.07 6.91
N ASP C 110 -15.60 43.73 7.64
CA ASP C 110 -15.27 42.35 7.99
C ASP C 110 -16.03 41.81 9.20
N HIS C 111 -17.03 42.53 9.70
CA HIS C 111 -17.80 42.17 10.89
C HIS C 111 -18.36 40.76 10.85
N LEU C 112 -18.78 40.25 9.69
CA LEU C 112 -19.33 38.90 9.59
C LEU C 112 -18.30 37.83 9.91
N SER C 113 -17.04 38.08 9.56
CA SER C 113 -15.96 37.15 9.91
C SER C 113 -15.71 37.19 11.44
N TYR C 114 -15.92 38.35 12.08
CA TYR C 114 -15.77 38.50 13.51
C TYR C 114 -16.89 37.83 14.27
N PHE C 115 -18.11 37.88 13.73
CA PHE C 115 -19.25 37.18 14.30
C PHE C 115 -19.05 35.70 14.16
N HIS C 116 -18.53 35.24 13.03
CA HIS C 116 -18.21 33.83 12.84
C HIS C 116 -17.17 33.39 13.90
N PHE C 117 -16.11 34.22 14.12
CA PHE C 117 -15.11 33.99 15.15
C PHE C 117 -15.72 33.86 16.54
N VAL C 118 -16.61 34.77 16.93
CA VAL C 118 -17.28 34.73 18.22
C VAL C 118 -18.07 33.44 18.39
N GLY C 119 -18.79 33.03 17.35
CA GLY C 119 -19.53 31.78 17.36
C GLY C 119 -18.58 30.60 17.51
N ARG C 120 -17.42 30.64 16.81
CA ARG C 120 -16.41 29.61 16.92
C ARG C 120 -15.89 29.51 18.37
N ILE C 121 -15.62 30.65 19.01
CA ILE C 121 -15.17 30.66 20.38
C ILE C 121 -16.23 30.10 21.33
N MET C 122 -17.49 30.52 21.17
CA MET C 122 -18.60 30.01 22.00
C MET C 122 -18.80 28.50 21.86
N GLY C 123 -18.73 27.97 20.63
CA GLY C 123 -18.86 26.54 20.34
C GLY C 123 -17.66 25.72 20.75
N LEU C 124 -16.45 26.33 20.73
CA LEU C 124 -15.20 25.73 21.16
C LEU C 124 -15.21 25.59 22.68
N ALA C 125 -15.73 26.61 23.40
CA ALA C 125 -15.82 26.59 24.84
C ALA C 125 -16.77 25.46 25.26
N VAL C 126 -18.01 25.40 24.73
CA VAL C 126 -18.95 24.34 25.08
C VAL C 126 -18.39 22.97 24.71
N PHE C 127 -17.72 22.87 23.57
CA PHE C 127 -17.19 21.61 23.09
C PHE C 127 -16.09 21.04 23.98
N HIS C 128 -15.24 21.91 24.52
CA HIS C 128 -14.12 21.47 25.35
C HIS C 128 -14.40 21.56 26.86
N GLY C 129 -15.69 21.64 27.25
CA GLY C 129 -16.06 21.67 28.65
C GLY C 129 -15.80 22.98 29.37
N HIS C 130 -15.70 24.06 28.61
CA HIS C 130 -15.46 25.39 29.14
C HIS C 130 -16.67 26.30 28.98
N TYR C 131 -16.65 27.50 29.55
CA TYR C 131 -17.78 28.42 29.51
C TYR C 131 -17.40 29.83 29.01
N ILE C 132 -18.42 30.63 28.64
CA ILE C 132 -18.13 31.98 28.21
C ILE C 132 -18.72 32.94 29.23
N ASN C 133 -17.93 33.92 29.62
CA ASN C 133 -18.29 34.96 30.57
C ASN C 133 -18.89 36.11 29.78
N GLY C 134 -20.19 36.23 29.87
CA GLY C 134 -20.92 37.29 29.17
C GLY C 134 -22.35 36.84 29.10
N GLY C 135 -23.26 37.63 29.63
CA GLY C 135 -24.68 37.26 29.64
C GLY C 135 -25.38 37.85 28.45
N PHE C 136 -26.22 37.07 27.77
CA PHE C 136 -26.95 37.51 26.60
C PHE C 136 -28.45 37.66 26.91
N THR C 137 -29.22 38.24 25.97
CA THR C 137 -30.66 38.43 26.17
C THR C 137 -31.43 37.12 25.87
N VAL C 138 -32.71 37.06 26.29
CA VAL C 138 -33.57 35.89 26.06
C VAL C 138 -33.73 35.54 24.57
N PRO C 139 -34.01 36.49 23.65
CA PRO C 139 -34.12 36.12 22.23
C PRO C 139 -32.79 35.69 21.63
N PHE C 140 -31.63 36.12 22.19
CA PHE C 140 -30.32 35.65 21.69
C PHE C 140 -30.24 34.13 21.86
N TYR C 141 -30.48 33.62 23.08
CA TYR C 141 -30.44 32.20 23.38
C TYR C 141 -31.48 31.44 22.62
N LYS C 142 -32.66 32.04 22.47
CA LYS C 142 -33.79 31.49 21.74
C LYS C 142 -33.38 31.28 20.26
N GLN C 143 -32.67 32.27 19.69
CA GLN C 143 -32.16 32.27 18.33
C GLN C 143 -31.02 31.29 18.13
N LEU C 144 -30.01 31.29 19.04
CA LEU C 144 -28.87 30.35 19.02
C LEU C 144 -29.29 28.90 19.19
N LEU C 145 -30.35 28.67 19.97
CA LEU C 145 -30.89 27.34 20.17
C LEU C 145 -31.42 26.73 18.88
N GLY C 146 -31.92 27.58 17.98
CA GLY C 146 -32.40 27.21 16.66
C GLY C 146 -33.87 26.89 16.53
N LYS C 147 -34.61 27.00 17.62
CA LYS C 147 -36.03 26.73 17.59
C LYS C 147 -36.79 28.01 17.27
N PRO C 148 -37.97 27.89 16.64
CA PRO C 148 -38.74 29.08 16.30
C PRO C 148 -39.21 29.82 17.53
N ILE C 149 -39.26 31.14 17.44
CA ILE C 149 -39.69 32.00 18.55
C ILE C 149 -41.21 31.95 18.70
N GLN C 150 -41.70 32.00 19.96
CA GLN C 150 -43.13 32.05 20.23
C GLN C 150 -43.68 33.45 19.89
N LEU C 151 -44.98 33.54 19.60
CA LEU C 151 -45.63 34.81 19.35
C LEU C 151 -45.72 35.62 20.66
N SER C 152 -45.88 34.95 21.82
CA SER C 152 -45.95 35.64 23.12
C SER C 152 -44.65 36.37 23.46
N ASP C 153 -43.51 35.86 23.01
CA ASP C 153 -42.22 36.51 23.23
C ASP C 153 -42.12 37.88 22.50
N LEU C 154 -42.95 38.11 21.47
CA LEU C 154 -42.97 39.32 20.68
C LEU C 154 -43.77 40.46 21.35
N GLU C 155 -44.64 40.16 22.34
CA GLU C 155 -45.42 41.22 22.99
C GLU C 155 -44.54 42.29 23.62
N SER C 156 -43.44 41.87 24.27
CA SER C 156 -42.49 42.78 24.91
C SER C 156 -41.68 43.61 23.90
N VAL C 157 -41.33 43.00 22.76
CA VAL C 157 -40.52 43.62 21.70
C VAL C 157 -41.31 44.59 20.80
N ASP C 158 -42.47 44.15 20.28
CA ASP C 158 -43.36 44.94 19.44
C ASP C 158 -44.80 44.52 19.72
N PRO C 159 -45.49 45.29 20.57
CA PRO C 159 -46.88 44.94 20.89
C PRO C 159 -47.87 45.35 19.79
N GLU C 160 -47.51 46.32 18.94
CA GLU C 160 -48.36 46.75 17.82
C GLU C 160 -48.48 45.58 16.84
N LEU C 161 -47.35 44.91 16.55
CA LEU C 161 -47.27 43.78 15.64
C LEU C 161 -47.85 42.54 16.28
N HIS C 162 -47.55 42.31 17.57
CA HIS C 162 -48.07 41.18 18.35
C HIS C 162 -49.59 41.20 18.36
N LYS C 163 -50.19 42.39 18.51
CA LYS C 163 -51.63 42.55 18.53
C LYS C 163 -52.23 42.15 17.18
N SER C 164 -51.59 42.58 16.09
CA SER C 164 -52.07 42.27 14.75
C SER C 164 -51.93 40.79 14.41
N LEU C 165 -50.82 40.16 14.79
CA LEU C 165 -50.60 38.74 14.52
C LEU C 165 -51.51 37.84 15.37
N VAL C 166 -51.88 38.30 16.57
CA VAL C 166 -52.83 37.58 17.42
C VAL C 166 -54.19 37.67 16.74
N TRP C 167 -54.57 38.87 16.22
CA TRP C 167 -55.83 39.05 15.49
C TRP C 167 -55.93 38.04 14.35
N ILE C 168 -54.90 37.96 13.50
CA ILE C 168 -54.86 37.04 12.36
C ILE C 168 -55.13 35.59 12.75
N LEU C 169 -54.44 35.12 13.78
CA LEU C 169 -54.59 33.74 14.22
C LEU C 169 -55.96 33.39 14.78
N GLU C 170 -56.65 34.31 15.48
CA GLU C 170 -57.96 33.95 16.05
C GLU C 170 -59.15 34.55 15.33
N ASN C 171 -58.95 35.06 14.10
CA ASN C 171 -60.03 35.63 13.29
C ASN C 171 -60.00 35.09 11.87
N ASP C 172 -61.16 35.10 11.22
CA ASP C 172 -61.26 34.67 9.84
C ASP C 172 -60.81 35.85 8.98
N ILE C 173 -59.61 35.78 8.42
CA ILE C 173 -59.05 36.85 7.62
C ILE C 173 -59.63 36.96 6.20
N THR C 174 -60.50 36.04 5.80
CA THR C 174 -61.04 36.01 4.45
C THR C 174 -61.78 37.29 4.02
N PRO C 175 -62.83 37.77 4.72
CA PRO C 175 -63.55 38.96 4.22
C PRO C 175 -62.98 40.29 4.70
N VAL C 176 -61.77 40.29 5.26
CA VAL C 176 -61.16 41.49 5.81
C VAL C 176 -59.76 41.77 5.28
N LEU C 177 -58.87 40.79 5.32
CA LEU C 177 -57.47 41.00 4.98
C LEU C 177 -57.10 40.84 3.51
N ASP C 178 -56.04 41.56 3.11
CA ASP C 178 -55.44 41.52 1.77
C ASP C 178 -53.93 41.60 1.94
N HIS C 179 -53.36 40.59 2.57
CA HIS C 179 -51.93 40.53 2.87
C HIS C 179 -51.18 39.58 1.90
N THR C 180 -49.85 39.76 1.82
CA THR C 180 -48.93 38.91 1.05
C THR C 180 -47.77 38.49 1.97
N PHE C 181 -46.96 37.52 1.54
CA PHE C 181 -45.81 37.08 2.30
C PHE C 181 -44.69 38.10 2.07
N CYS C 182 -44.98 39.35 2.37
CA CYS C 182 -44.10 40.47 2.19
C CYS C 182 -44.37 41.48 3.30
N VAL C 183 -43.30 42.00 3.92
CA VAL C 183 -43.39 42.97 5.00
C VAL C 183 -42.68 44.24 4.60
N GLU C 184 -43.32 45.39 4.84
CA GLU C 184 -42.75 46.70 4.52
C GLU C 184 -42.06 47.26 5.77
N HIS C 185 -40.71 47.26 5.78
CA HIS C 185 -39.93 47.72 6.93
C HIS C 185 -39.08 48.97 6.67
N ARG C 190 -36.69 53.98 5.39
CA ARG C 190 -37.71 53.78 4.35
C ARG C 190 -38.32 52.37 4.39
N ILE C 191 -39.51 52.21 3.79
CA ILE C 191 -40.18 50.91 3.77
C ILE C 191 -39.91 50.17 2.44
N LEU C 192 -39.17 49.05 2.54
CA LEU C 192 -38.85 48.22 1.36
C LEU C 192 -39.47 46.83 1.46
N GLN C 193 -39.74 46.22 0.31
CA GLN C 193 -40.39 44.92 0.22
C GLN C 193 -39.52 43.74 0.65
N HIS C 194 -39.73 43.22 1.89
CA HIS C 194 -39.00 42.02 2.31
C HIS C 194 -39.92 40.82 2.24
N GLU C 195 -39.61 39.86 1.37
CA GLU C 195 -40.41 38.65 1.24
C GLU C 195 -40.06 37.68 2.37
N LEU C 196 -41.08 37.08 2.99
CA LEU C 196 -40.87 36.11 4.07
C LEU C 196 -40.56 34.70 3.56
N LYS C 197 -40.83 34.42 2.29
CA LYS C 197 -40.57 33.12 1.66
C LYS C 197 -40.18 33.32 0.16
N PRO C 198 -39.61 32.30 -0.54
CA PRO C 198 -39.18 32.49 -1.95
C PRO C 198 -40.13 33.35 -2.79
N ASN C 199 -41.32 32.86 -3.24
CA ASN C 199 -42.25 33.75 -3.95
C ASN C 199 -43.04 34.40 -2.83
N GLY C 200 -42.87 35.70 -2.62
CA GLY C 200 -43.51 36.37 -1.50
C GLY C 200 -44.58 37.37 -1.86
N ARG C 201 -44.20 38.37 -2.64
CA ARG C 201 -45.09 39.42 -3.11
C ARG C 201 -46.27 38.89 -3.93
N ASN C 202 -46.16 37.68 -4.50
CA ASN C 202 -47.21 37.05 -5.29
C ASN C 202 -47.92 35.89 -4.57
N VAL C 203 -47.70 35.75 -3.26
CA VAL C 203 -48.33 34.70 -2.48
C VAL C 203 -49.25 35.37 -1.47
N PRO C 204 -50.56 35.29 -1.70
CA PRO C 204 -51.51 35.92 -0.76
C PRO C 204 -51.65 35.12 0.53
N VAL C 205 -51.92 35.82 1.63
CA VAL C 205 -52.12 35.19 2.93
C VAL C 205 -53.57 34.75 2.99
N THR C 206 -53.76 33.44 3.20
CA THR C 206 -55.08 32.81 3.24
C THR C 206 -55.29 32.13 4.61
N GLU C 207 -56.50 31.60 4.86
CA GLU C 207 -56.78 30.88 6.10
C GLU C 207 -55.90 29.62 6.24
N GLU C 208 -55.50 28.99 5.12
CA GLU C 208 -54.72 27.76 5.13
C GLU C 208 -53.31 28.00 5.65
N ASN C 209 -52.54 28.83 4.95
CA ASN C 209 -51.17 29.17 5.34
C ASN C 209 -51.17 30.36 6.29
N LYS C 210 -52.11 30.40 7.23
CA LYS C 210 -52.21 31.49 8.17
C LYS C 210 -51.12 31.44 9.24
N LYS C 211 -51.01 30.33 10.01
CA LYS C 211 -49.94 30.20 11.00
C LYS C 211 -48.54 30.13 10.34
N GLU C 212 -48.48 29.72 9.05
CA GLU C 212 -47.29 29.68 8.23
C GLU C 212 -46.73 31.12 8.14
N TYR C 213 -47.58 32.07 7.71
CA TYR C 213 -47.27 33.49 7.58
C TYR C 213 -46.88 34.12 8.92
N VAL C 214 -47.61 33.78 10.00
CA VAL C 214 -47.41 34.33 11.34
C VAL C 214 -46.08 33.92 11.97
N ARG C 215 -45.67 32.65 11.81
CA ARG C 215 -44.39 32.22 12.37
C ARG C 215 -43.24 32.87 11.60
N LEU C 216 -43.41 33.12 10.29
CA LEU C 216 -42.36 33.75 9.51
C LEU C 216 -42.24 35.23 9.85
N TYR C 217 -43.36 35.91 10.13
CA TYR C 217 -43.35 37.33 10.49
C TYR C 217 -42.71 37.50 11.87
N VAL C 218 -43.11 36.62 12.82
CA VAL C 218 -42.60 36.60 14.18
C VAL C 218 -41.11 36.31 14.20
N ASN C 219 -40.64 35.39 13.34
CA ASN C 219 -39.22 35.03 13.23
C ASN C 219 -38.43 36.15 12.56
N TRP C 220 -38.98 36.74 11.50
CA TRP C 220 -38.34 37.82 10.77
C TRP C 220 -38.16 39.07 11.63
N ARG C 221 -39.16 39.39 12.48
CA ARG C 221 -39.10 40.57 13.35
C ARG C 221 -37.98 40.46 14.39
N PHE C 222 -37.75 39.25 14.93
CA PHE C 222 -36.68 39.02 15.90
C PHE C 222 -35.30 39.09 15.27
N MET C 223 -35.20 38.81 13.97
CA MET C 223 -33.93 38.81 13.24
C MET C 223 -33.63 40.12 12.49
N ARG C 224 -34.62 40.99 12.26
CA ARG C 224 -34.40 42.20 11.45
C ARG C 224 -33.25 43.08 11.98
N GLY C 225 -32.32 43.39 11.08
CA GLY C 225 -31.13 44.20 11.38
C GLY C 225 -29.90 43.41 11.76
N ILE C 226 -30.13 42.23 12.37
CA ILE C 226 -29.05 41.36 12.83
C ILE C 226 -29.02 40.00 12.11
N GLU C 227 -29.69 39.89 10.94
CA GLU C 227 -29.78 38.64 10.20
C GLU C 227 -28.43 38.08 9.74
N ALA C 228 -27.63 38.85 8.96
CA ALA C 228 -26.31 38.41 8.49
C ALA C 228 -25.37 38.05 9.61
N GLN C 229 -25.38 38.85 10.71
CA GLN C 229 -24.55 38.70 11.92
C GLN C 229 -24.90 37.46 12.69
N PHE C 230 -26.19 37.22 12.94
CA PHE C 230 -26.63 36.02 13.64
C PHE C 230 -26.30 34.78 12.84
N LEU C 231 -26.55 34.80 11.54
CA LEU C 231 -26.24 33.68 10.66
C LEU C 231 -24.76 33.32 10.74
N ALA C 232 -23.88 34.33 10.87
CA ALA C 232 -22.43 34.13 10.97
C ALA C 232 -22.04 33.52 12.34
N LEU C 233 -22.61 34.04 13.42
CA LEU C 233 -22.34 33.55 14.76
C LEU C 233 -22.85 32.11 14.93
N GLN C 234 -24.04 31.83 14.40
CA GLN C 234 -24.65 30.51 14.42
C GLN C 234 -23.84 29.52 13.60
N LYS C 235 -23.33 29.91 12.43
CA LYS C 235 -22.54 29.03 11.59
C LYS C 235 -21.28 28.54 12.32
N GLY C 236 -20.63 29.46 13.06
CA GLY C 236 -19.42 29.15 13.80
C GLY C 236 -19.69 28.31 15.03
N PHE C 237 -20.82 28.58 15.68
CA PHE C 237 -21.25 27.84 16.86
C PHE C 237 -21.58 26.41 16.44
N ASN C 238 -22.31 26.26 15.32
CA ASN C 238 -22.69 24.94 14.82
C ASN C 238 -21.54 24.17 14.17
N GLU C 239 -20.41 24.83 13.90
CA GLU C 239 -19.20 24.15 13.43
C GLU C 239 -18.64 23.24 14.54
N LEU C 240 -18.98 23.49 15.83
CA LEU C 240 -18.51 22.70 16.96
C LEU C 240 -19.70 22.00 17.63
N ILE C 241 -20.82 22.71 17.78
CA ILE C 241 -22.00 22.19 18.43
C ILE C 241 -23.11 22.03 17.38
N PRO C 242 -23.22 20.82 16.79
CA PRO C 242 -24.26 20.59 15.78
C PRO C 242 -25.66 20.86 16.31
N GLN C 243 -26.48 21.41 15.43
CA GLN C 243 -27.85 21.79 15.69
C GLN C 243 -28.75 20.67 16.30
N HIS C 244 -28.61 19.42 15.83
CA HIS C 244 -29.40 18.31 16.37
C HIS C 244 -29.13 18.03 17.86
N LEU C 245 -27.88 18.25 18.33
CA LEU C 245 -27.54 18.01 19.73
C LEU C 245 -28.14 19.05 20.69
N LEU C 246 -28.56 20.21 20.17
CA LEU C 246 -29.22 21.25 20.97
C LEU C 246 -30.72 20.98 21.16
N LYS C 247 -31.33 20.10 20.32
CA LYS C 247 -32.75 19.76 20.34
C LYS C 247 -33.33 19.57 21.73
N PRO C 248 -32.75 18.74 22.63
CA PRO C 248 -33.37 18.55 23.94
C PRO C 248 -33.33 19.73 24.92
N PHE C 249 -32.81 20.91 24.50
CA PHE C 249 -32.68 22.01 25.45
C PHE C 249 -33.56 23.20 25.20
N ASP C 250 -33.81 23.99 26.24
CA ASP C 250 -34.55 25.22 26.10
C ASP C 250 -33.60 26.45 26.32
N GLN C 251 -34.09 27.68 26.06
CA GLN C 251 -33.35 28.94 26.24
C GLN C 251 -32.56 29.00 27.57
N LYS C 252 -33.20 28.65 28.71
CA LYS C 252 -32.54 28.72 30.01
C LYS C 252 -31.44 27.68 30.18
N GLU C 253 -31.63 26.50 29.60
CA GLU C 253 -30.62 25.46 29.64
C GLU C 253 -29.44 25.82 28.75
N LEU C 254 -29.66 26.42 27.57
CA LEU C 254 -28.57 26.82 26.68
C LEU C 254 -27.73 27.94 27.33
N GLU C 255 -28.38 28.90 27.98
CA GLU C 255 -27.71 29.95 28.75
C GLU C 255 -26.76 29.34 29.81
N LEU C 256 -27.17 28.24 30.47
CA LEU C 256 -26.37 27.51 31.47
C LEU C 256 -25.27 26.70 30.80
N ILE C 257 -25.59 26.01 29.69
CA ILE C 257 -24.57 25.25 28.95
C ILE C 257 -23.43 26.18 28.46
N ILE C 258 -23.77 27.34 27.92
CA ILE C 258 -22.80 28.29 27.42
C ILE C 258 -22.03 29.01 28.54
N GLY C 259 -22.71 29.50 29.59
CA GLY C 259 -22.04 30.32 30.60
C GLY C 259 -21.76 29.76 31.98
N GLY C 260 -22.25 28.57 32.29
CA GLY C 260 -22.06 27.95 33.60
C GLY C 260 -22.94 28.55 34.67
N LEU C 261 -22.73 28.10 35.91
CA LEU C 261 -23.50 28.61 37.05
C LEU C 261 -23.13 30.06 37.31
N ASP C 262 -24.06 30.82 37.89
CA ASP C 262 -23.79 32.22 38.24
C ASP C 262 -23.35 32.37 39.71
N LYS C 263 -24.01 31.60 40.57
CA LYS C 263 -23.73 31.62 41.99
C LYS C 263 -22.72 30.55 42.34
N ILE C 264 -21.80 30.89 43.22
CA ILE C 264 -20.77 29.99 43.69
C ILE C 264 -21.24 29.32 44.95
N ASP C 265 -21.36 27.99 44.96
CA ASP C 265 -21.74 27.29 46.20
C ASP C 265 -20.46 27.15 47.00
N LEU C 266 -20.49 27.61 48.25
CA LEU C 266 -19.33 27.59 49.13
C LEU C 266 -18.99 26.19 49.59
N ASN C 267 -20.02 25.37 49.89
CA ASN C 267 -19.79 24.00 50.37
C ASN C 267 -19.14 23.13 49.30
N ASP C 268 -19.51 23.33 48.03
CA ASP C 268 -18.94 22.60 46.90
C ASP C 268 -17.50 23.04 46.63
N TRP C 269 -17.22 24.34 46.80
CA TRP C 269 -15.88 24.90 46.66
C TRP C 269 -14.98 24.25 47.72
N LYS C 270 -15.43 24.25 48.98
CA LYS C 270 -14.69 23.65 50.10
C LYS C 270 -14.51 22.14 49.94
N SER C 271 -15.54 21.44 49.48
CA SER C 271 -15.45 19.99 49.26
C SER C 271 -14.44 19.63 48.19
N ASN C 272 -14.29 20.48 47.16
CA ASN C 272 -13.36 20.19 46.08
C ASN C 272 -12.07 20.96 46.16
N THR C 273 -11.62 21.25 47.41
CA THR C 273 -10.37 21.95 47.67
C THR C 273 -9.35 20.97 48.27
N ARG C 274 -8.15 20.94 47.69
CA ARG C 274 -7.06 20.11 48.19
C ARG C 274 -6.00 21.01 48.86
N LEU C 275 -5.21 20.45 49.78
CA LEU C 275 -4.22 21.25 50.51
C LEU C 275 -2.77 20.78 50.28
N LYS C 276 -1.86 21.71 49.97
CA LYS C 276 -0.43 21.45 49.77
C LYS C 276 0.37 22.16 50.87
N HIS C 277 1.23 21.43 51.59
CA HIS C 277 2.05 21.99 52.66
C HIS C 277 1.20 22.42 53.89
N CYS C 278 -0.03 21.94 54.00
CA CYS C 278 -0.89 22.27 55.15
C CYS C 278 -1.96 21.22 55.33
N VAL C 279 -2.58 21.19 56.51
CA VAL C 279 -3.63 20.24 56.80
C VAL C 279 -4.94 20.99 57.15
N ALA C 280 -6.06 20.27 57.30
CA ALA C 280 -7.37 20.86 57.60
C ALA C 280 -7.39 21.83 58.81
N ASP C 281 -6.60 21.53 59.86
CA ASP C 281 -6.53 22.32 61.09
C ASP C 281 -5.45 23.38 61.10
N SER C 282 -4.91 23.74 59.93
CA SER C 282 -3.87 24.77 59.83
C SER C 282 -4.57 26.13 59.89
N ASN C 283 -4.03 27.05 60.69
CA ASN C 283 -4.60 28.39 60.86
C ASN C 283 -4.90 29.11 59.53
N ILE C 284 -3.96 29.06 58.57
CA ILE C 284 -4.10 29.65 57.24
C ILE C 284 -5.35 29.14 56.50
N VAL C 285 -5.62 27.82 56.61
CA VAL C 285 -6.78 27.23 55.96
C VAL C 285 -8.09 27.68 56.61
N ARG C 286 -8.14 27.69 57.95
CA ARG C 286 -9.33 28.14 58.68
C ARG C 286 -9.60 29.62 58.36
N TRP C 287 -8.52 30.44 58.40
CA TRP C 287 -8.56 31.88 58.16
C TRP C 287 -8.98 32.22 56.75
N PHE C 288 -8.51 31.45 55.77
CA PHE C 288 -8.84 31.66 54.36
C PHE C 288 -10.33 31.48 54.16
N TRP C 289 -10.90 30.38 54.67
CA TRP C 289 -12.33 30.11 54.52
C TRP C 289 -13.19 31.08 55.33
N GLN C 290 -12.67 31.59 56.46
CA GLN C 290 -13.35 32.59 57.28
C GLN C 290 -13.42 33.91 56.50
N ALA C 291 -12.33 34.27 55.81
CA ALA C 291 -12.30 35.48 54.99
C ALA C 291 -13.22 35.34 53.80
N VAL C 292 -13.28 34.14 53.18
CA VAL C 292 -14.15 33.89 52.03
C VAL C 292 -15.62 34.02 52.43
N GLU C 293 -15.98 33.54 53.64
CA GLU C 293 -17.36 33.65 54.12
C GLU C 293 -17.79 35.12 54.23
N THR C 294 -16.87 35.99 54.64
CA THR C 294 -17.13 37.42 54.80
C THR C 294 -16.93 38.19 53.48
N PHE C 295 -17.09 37.54 52.32
CA PHE C 295 -16.93 38.19 51.02
C PHE C 295 -18.20 38.07 50.22
N ASP C 296 -18.73 39.19 49.73
CA ASP C 296 -19.94 39.15 48.92
C ASP C 296 -19.68 38.39 47.61
N GLU C 297 -20.76 37.97 46.97
CA GLU C 297 -20.72 37.20 45.74
C GLU C 297 -19.76 37.76 44.66
N GLU C 298 -19.65 39.09 44.51
CA GLU C 298 -18.73 39.67 43.53
C GLU C 298 -17.27 39.48 43.97
N ARG C 299 -16.98 39.68 45.26
CA ARG C 299 -15.62 39.51 45.79
C ARG C 299 -15.16 38.06 45.66
N ARG C 300 -16.08 37.09 45.85
CA ARG C 300 -15.79 35.67 45.72
C ARG C 300 -15.41 35.31 44.29
N ALA C 301 -16.06 35.91 43.29
CA ALA C 301 -15.77 35.69 41.86
C ALA C 301 -14.41 36.29 41.47
N ARG C 302 -14.02 37.41 42.12
CA ARG C 302 -12.72 38.07 41.94
C ARG C 302 -11.65 37.13 42.48
N LEU C 303 -11.94 36.45 43.60
CA LEU C 303 -11.03 35.50 44.20
C LEU C 303 -10.91 34.26 43.30
N LEU C 304 -12.01 33.84 42.71
CA LEU C 304 -12.07 32.73 41.77
C LEU C 304 -11.29 33.09 40.51
N GLN C 305 -11.43 34.33 40.03
CA GLN C 305 -10.69 34.79 38.86
C GLN C 305 -9.21 34.80 39.15
N PHE C 306 -8.86 35.28 40.35
CA PHE C 306 -7.52 35.43 40.82
C PHE C 306 -6.79 34.09 40.81
N VAL C 307 -7.38 33.09 41.46
CA VAL C 307 -6.76 31.76 41.55
C VAL C 307 -6.88 30.91 40.27
N THR C 308 -8.08 30.80 39.70
CA THR C 308 -8.33 29.91 38.59
C THR C 308 -8.24 30.51 37.19
N GLY C 309 -8.09 31.81 37.10
CA GLY C 309 -7.98 32.48 35.82
C GLY C 309 -9.33 32.90 35.25
N SER C 310 -10.42 32.50 35.91
CA SER C 310 -11.79 32.79 35.48
C SER C 310 -12.77 32.78 36.64
N THR C 311 -13.88 33.50 36.47
CA THR C 311 -15.00 33.58 37.38
C THR C 311 -16.07 32.50 37.02
N ARG C 312 -15.87 31.71 35.91
CA ARG C 312 -16.84 30.71 35.48
C ARG C 312 -16.87 29.47 36.33
N VAL C 313 -18.08 29.04 36.76
CA VAL C 313 -18.22 27.81 37.55
C VAL C 313 -18.89 26.73 36.70
N PRO C 314 -18.22 25.57 36.56
CA PRO C 314 -18.82 24.49 35.75
C PRO C 314 -20.18 24.02 36.26
N LEU C 315 -21.02 23.47 35.37
CA LEU C 315 -22.33 22.98 35.77
C LEU C 315 -22.24 21.75 36.73
N GLN C 316 -21.13 21.01 36.67
CA GLN C 316 -20.85 19.91 37.57
C GLN C 316 -20.24 20.40 38.90
N GLY C 317 -19.86 21.67 38.99
CA GLY C 317 -19.29 22.28 40.18
C GLY C 317 -17.78 22.40 40.15
N PHE C 318 -17.17 22.60 41.33
CA PHE C 318 -15.72 22.78 41.51
C PHE C 318 -14.88 21.54 41.31
N LYS C 319 -15.53 20.38 41.08
CA LYS C 319 -14.90 19.09 40.80
C LYS C 319 -14.37 19.05 39.36
N ALA C 320 -15.02 19.79 38.44
CA ALA C 320 -14.62 19.80 37.04
C ALA C 320 -13.97 21.14 36.72
N LEU C 321 -13.14 21.66 37.64
CA LEU C 321 -12.60 23.00 37.48
C LEU C 321 -11.77 23.23 36.19
N GLN C 322 -10.98 22.24 35.73
CA GLN C 322 -10.20 22.38 34.49
C GLN C 322 -10.96 21.90 33.24
N GLY C 323 -12.29 21.84 33.31
CA GLY C 323 -13.13 21.45 32.18
C GLY C 323 -12.75 20.11 31.57
N SER C 324 -12.55 20.07 30.24
CA SER C 324 -12.20 18.83 29.54
C SER C 324 -10.86 19.00 28.85
N ALA C 327 -3.34 18.74 30.59
CA ALA C 327 -3.12 17.49 29.87
C ALA C 327 -3.06 16.28 30.82
N ALA C 328 -3.86 16.30 31.91
CA ALA C 328 -3.86 15.22 32.89
C ALA C 328 -5.22 15.01 33.57
N GLY C 329 -5.89 16.09 33.94
CA GLY C 329 -7.18 16.05 34.62
C GLY C 329 -7.85 17.40 34.86
N PRO C 330 -8.90 17.43 35.74
CA PRO C 330 -9.63 18.69 35.98
C PRO C 330 -9.12 19.51 37.17
N ARG C 331 -7.76 19.52 37.41
CA ARG C 331 -7.00 20.20 38.48
C ARG C 331 -7.85 20.92 39.53
N LEU C 332 -7.86 20.37 40.74
CA LEU C 332 -8.67 20.91 41.82
C LEU C 332 -8.10 22.15 42.46
N PHE C 333 -8.98 23.01 43.03
CA PHE C 333 -8.59 24.22 43.74
C PHE C 333 -7.64 23.84 44.91
N THR C 334 -6.38 24.30 44.87
CA THR C 334 -5.40 23.94 45.89
C THR C 334 -4.93 25.14 46.74
N ILE C 335 -4.98 25.00 48.09
CA ILE C 335 -4.46 26.01 49.00
C ILE C 335 -3.05 25.54 49.32
N HIS C 336 -2.04 26.36 49.04
CA HIS C 336 -0.65 25.99 49.26
C HIS C 336 0.02 26.93 50.26
N LEU C 337 0.41 26.39 51.43
CA LEU C 337 1.11 27.20 52.42
C LEU C 337 2.58 27.27 52.04
N ILE C 338 3.12 28.48 51.89
CA ILE C 338 4.53 28.65 51.55
C ILE C 338 5.35 29.22 52.71
N ASP C 339 6.67 28.98 52.71
CA ASP C 339 7.55 29.48 53.76
C ASP C 339 8.19 30.77 53.25
N ALA C 340 7.33 31.75 52.94
CA ALA C 340 7.74 33.05 52.39
C ALA C 340 7.48 34.20 53.39
N ASN C 341 8.08 35.39 53.13
CA ASN C 341 7.93 36.60 53.93
C ASN C 341 6.44 36.95 54.10
N THR C 342 5.99 37.14 55.35
CA THR C 342 4.58 37.42 55.67
C THR C 342 4.11 38.81 55.20
N ASP C 343 5.02 39.65 54.67
CA ASP C 343 4.66 40.94 54.08
C ASP C 343 4.26 40.78 52.59
N ASN C 344 4.48 39.59 51.99
CA ASN C 344 4.13 39.30 50.61
C ASN C 344 2.63 39.06 50.51
N LEU C 345 2.07 39.30 49.33
CA LEU C 345 0.67 39.02 49.06
C LEU C 345 0.55 37.56 48.60
N PRO C 346 -0.64 36.95 48.72
CA PRO C 346 -0.80 35.57 48.22
C PRO C 346 -0.55 35.49 46.71
N LYS C 347 0.29 34.57 46.27
CA LYS C 347 0.56 34.38 44.84
C LYS C 347 -0.49 33.45 44.25
N ALA C 348 -0.65 33.47 42.92
CA ALA C 348 -1.63 32.61 42.26
C ALA C 348 -1.02 31.93 41.04
N HIS C 349 -1.30 30.62 40.87
CA HIS C 349 -0.83 29.82 39.74
C HIS C 349 -2.10 29.38 39.07
N THR C 350 -2.62 30.18 38.13
CA THR C 350 -3.91 29.90 37.48
C THR C 350 -3.91 28.58 36.71
N CYS C 351 -2.78 28.18 36.16
CA CYS C 351 -2.64 26.90 35.46
C CYS C 351 -2.96 25.69 36.37
N PHE C 352 -2.82 25.84 37.69
CA PHE C 352 -3.09 24.75 38.63
C PHE C 352 -4.22 25.02 39.61
N ASN C 353 -4.88 26.18 39.50
CA ASN C 353 -5.94 26.60 40.42
C ASN C 353 -5.42 26.60 41.86
N ARG C 354 -4.17 27.04 42.04
CA ARG C 354 -3.45 27.05 43.30
C ARG C 354 -3.14 28.46 43.81
N ILE C 355 -3.36 28.70 45.12
CA ILE C 355 -3.04 29.96 45.76
C ILE C 355 -1.92 29.74 46.78
N ASP C 356 -0.77 30.39 46.58
CA ASP C 356 0.36 30.25 47.50
C ASP C 356 0.26 31.28 48.61
N ILE C 357 -0.19 30.85 49.79
CA ILE C 357 -0.39 31.71 50.95
C ILE C 357 0.77 31.65 51.97
N PRO C 358 1.38 32.82 52.27
CA PRO C 358 2.44 32.87 53.30
C PRO C 358 1.93 32.53 54.72
N PRO C 359 2.81 32.21 55.69
CA PRO C 359 2.31 31.87 57.04
C PRO C 359 1.98 33.09 57.90
N TYR C 360 0.88 33.78 57.57
CA TYR C 360 0.43 34.96 58.30
C TYR C 360 0.30 34.73 59.80
N GLU C 361 0.54 35.77 60.60
CA GLU C 361 0.48 35.67 62.06
C GLU C 361 -0.91 35.93 62.65
N SER C 362 -1.84 36.45 61.86
CA SER C 362 -3.19 36.76 62.35
C SER C 362 -4.25 36.56 61.27
N TYR C 363 -5.53 36.48 61.70
CA TYR C 363 -6.63 36.36 60.75
C TYR C 363 -6.76 37.67 59.97
N GLU C 364 -6.75 38.80 60.69
CA GLU C 364 -6.87 40.11 60.05
C GLU C 364 -5.73 40.37 59.07
N LYS C 365 -4.51 39.87 59.40
CA LYS C 365 -3.31 39.96 58.55
C LYS C 365 -3.59 39.20 57.25
N LEU C 366 -4.16 38.00 57.34
CA LEU C 366 -4.52 37.22 56.16
C LEU C 366 -5.61 37.91 55.36
N TYR C 367 -6.64 38.43 56.04
CA TYR C 367 -7.76 39.11 55.39
C TYR C 367 -7.31 40.29 54.55
N GLU C 368 -6.49 41.17 55.14
CA GLU C 368 -5.97 42.38 54.51
C GLU C 368 -5.13 42.08 53.27
N LYS C 369 -4.26 41.06 53.35
CA LYS C 369 -3.43 40.70 52.21
C LYS C 369 -4.23 39.94 51.14
N LEU C 370 -5.26 39.17 51.55
CA LEU C 370 -6.08 38.43 50.60
C LEU C 370 -6.98 39.40 49.83
N LEU C 371 -7.55 40.40 50.53
CA LEU C 371 -8.45 41.39 49.94
C LEU C 371 -7.77 42.28 48.91
N THR C 372 -6.53 42.74 49.20
CA THR C 372 -5.83 43.57 48.24
C THR C 372 -5.39 42.74 47.05
N ALA C 373 -4.91 41.48 47.24
CA ALA C 373 -4.53 40.61 46.11
C ALA C 373 -5.75 40.41 45.16
N VAL C 374 -6.97 40.42 45.72
CA VAL C 374 -8.26 40.26 45.04
C VAL C 374 -8.71 41.52 44.27
N GLU C 375 -8.54 42.71 44.85
CA GLU C 375 -8.94 43.97 44.19
C GLU C 375 -8.05 44.39 43.01
N GLU C 376 -7.01 43.61 42.70
CA GLU C 376 -6.09 43.87 41.58
C GLU C 376 -6.19 42.76 40.48
N ASP D 3 -18.19 -47.65 6.60
CA ASP D 3 -16.84 -48.17 6.71
C ASP D 3 -15.84 -47.15 6.05
N LEU D 4 -15.19 -47.47 4.90
CA LEU D 4 -14.30 -46.51 4.23
C LEU D 4 -15.02 -45.54 3.27
N VAL D 5 -16.35 -45.67 3.15
CA VAL D 5 -17.20 -44.80 2.35
C VAL D 5 -17.19 -43.41 2.98
N GLN D 6 -17.41 -43.35 4.30
CA GLN D 6 -17.41 -42.09 5.04
C GLN D 6 -16.01 -41.52 5.21
N LYS D 7 -15.02 -42.39 5.32
CA LYS D 7 -13.63 -41.98 5.44
C LYS D 7 -13.12 -41.35 4.13
N LEU D 8 -13.56 -41.90 2.99
CA LEU D 8 -13.22 -41.43 1.65
C LEU D 8 -13.69 -40.00 1.48
N LYS D 9 -14.92 -39.69 1.92
CA LYS D 9 -15.47 -38.35 1.75
C LYS D 9 -14.82 -37.28 2.62
N VAL D 10 -14.14 -37.68 3.70
CA VAL D 10 -13.40 -36.76 4.55
C VAL D 10 -12.11 -36.39 3.83
N LEU D 11 -11.38 -37.40 3.33
CA LEU D 11 -10.12 -37.22 2.61
C LEU D 11 -10.32 -36.39 1.33
N ARG D 12 -11.30 -36.81 0.46
CA ARG D 12 -11.65 -36.16 -0.80
C ARG D 12 -12.28 -34.78 -0.64
N HIS D 13 -12.27 -34.25 0.59
CA HIS D 13 -12.81 -32.94 0.95
C HIS D 13 -11.68 -32.08 1.52
N GLU D 14 -10.81 -32.69 2.38
CA GLU D 14 -9.64 -32.01 2.90
C GLU D 14 -8.68 -31.68 1.76
N LEU D 15 -8.54 -32.60 0.78
CA LEU D 15 -7.68 -32.37 -0.38
C LEU D 15 -8.25 -31.27 -1.28
N SER D 16 -9.58 -31.22 -1.44
CA SER D 16 -10.23 -30.21 -2.26
C SER D 16 -10.00 -28.78 -1.75
N LEU D 17 -9.82 -28.62 -0.43
CA LEU D 17 -9.54 -27.32 0.17
C LEU D 17 -8.14 -26.80 -0.20
N GLN D 18 -7.20 -27.73 -0.48
CA GLN D 18 -5.84 -27.39 -0.91
C GLN D 18 -5.74 -27.05 -2.41
N GLN D 19 -6.78 -27.34 -3.19
CA GLN D 19 -6.80 -27.02 -4.62
C GLN D 19 -7.17 -25.57 -4.80
N PRO D 20 -6.21 -24.74 -5.28
CA PRO D 20 -6.53 -23.33 -5.51
C PRO D 20 -7.59 -23.19 -6.59
N GLN D 21 -8.69 -22.50 -6.23
CA GLN D 21 -9.82 -22.22 -7.10
C GLN D 21 -9.44 -21.43 -8.38
N ALA D 22 -8.24 -20.83 -8.40
CA ALA D 22 -7.78 -20.07 -9.55
C ALA D 22 -6.54 -20.73 -10.13
N GLY D 23 -6.50 -20.84 -11.44
CA GLY D 23 -5.35 -21.40 -12.14
C GLY D 23 -5.52 -22.84 -12.55
N HIS D 24 -4.55 -23.31 -13.35
CA HIS D 24 -4.49 -24.66 -13.90
C HIS D 24 -3.09 -25.25 -13.86
N CYS D 25 -3.01 -26.58 -13.80
CA CYS D 25 -1.76 -27.31 -13.87
C CYS D 25 -1.78 -27.84 -15.30
N ARG D 26 -1.03 -27.20 -16.22
CA ARG D 26 -1.10 -27.64 -17.62
C ARG D 26 0.05 -28.55 -18.00
N ILE D 27 -0.32 -29.71 -18.52
CA ILE D 27 0.59 -30.74 -18.99
C ILE D 27 0.26 -31.00 -20.46
N GLU D 28 1.25 -30.83 -21.33
CA GLU D 28 1.09 -31.07 -22.75
C GLU D 28 2.25 -31.95 -23.19
N VAL D 29 1.98 -33.23 -23.38
CA VAL D 29 3.01 -34.19 -23.77
C VAL D 29 2.62 -34.93 -25.06
N SER D 30 3.60 -35.56 -25.74
CA SER D 30 3.30 -36.36 -26.92
C SER D 30 2.98 -37.80 -26.46
N ARG D 31 2.30 -38.58 -27.29
CA ARG D 31 1.96 -39.95 -26.94
C ARG D 31 3.16 -40.86 -26.99
N GLU D 32 4.01 -40.67 -28.00
CA GLU D 32 5.19 -41.51 -28.16
C GLU D 32 6.31 -41.23 -27.16
N GLU D 33 6.28 -40.06 -26.50
CA GLU D 33 7.30 -39.73 -25.50
C GLU D 33 6.64 -39.29 -24.18
N ILE D 34 5.50 -39.90 -23.82
CA ILE D 34 4.75 -39.57 -22.62
C ILE D 34 5.56 -39.73 -21.29
N PHE D 35 6.44 -40.72 -21.18
CA PHE D 35 7.23 -40.92 -19.96
C PHE D 35 8.26 -39.81 -19.70
N GLU D 36 9.18 -39.55 -20.63
CA GLU D 36 10.20 -38.54 -20.43
C GLU D 36 9.66 -37.12 -20.53
N GLU D 37 8.59 -36.87 -21.32
CA GLU D 37 8.03 -35.52 -21.42
C GLU D 37 7.21 -35.17 -20.17
N SER D 38 6.49 -36.15 -19.60
CA SER D 38 5.75 -35.92 -18.35
C SER D 38 6.74 -35.76 -17.21
N TYR D 39 7.84 -36.52 -17.22
CA TYR D 39 8.89 -36.41 -16.22
C TYR D 39 9.46 -34.99 -16.18
N ARG D 40 9.91 -34.47 -17.33
CA ARG D 40 10.45 -33.13 -17.45
C ARG D 40 9.43 -32.08 -16.96
N GLN D 41 8.20 -32.11 -17.46
CA GLN D 41 7.15 -31.16 -17.07
C GLN D 41 6.76 -31.18 -15.61
N ILE D 42 6.46 -32.37 -15.06
CA ILE D 42 6.05 -32.50 -13.66
C ILE D 42 7.18 -32.13 -12.71
N MET D 43 8.42 -32.55 -13.02
CA MET D 43 9.55 -32.27 -12.14
C MET D 43 10.04 -30.84 -12.16
N LYS D 44 9.67 -30.07 -13.18
CA LYS D 44 10.00 -28.66 -13.24
C LYS D 44 9.11 -27.85 -12.27
N MET D 45 7.88 -28.34 -12.00
CA MET D 45 6.90 -27.68 -11.13
C MET D 45 7.17 -27.84 -9.64
N ARG D 46 6.67 -26.87 -8.84
CA ARG D 46 6.71 -26.95 -7.38
C ARG D 46 5.39 -27.60 -6.90
N PRO D 47 5.36 -28.17 -5.67
CA PRO D 47 4.15 -28.85 -5.22
C PRO D 47 2.86 -28.05 -5.33
N LYS D 48 2.90 -26.75 -5.00
CA LYS D 48 1.74 -25.85 -5.08
C LYS D 48 1.18 -25.77 -6.52
N ASP D 49 2.04 -25.89 -7.53
CA ASP D 49 1.61 -25.86 -8.92
C ASP D 49 0.79 -27.12 -9.28
N LEU D 50 1.17 -28.28 -8.69
CA LEU D 50 0.53 -29.57 -8.92
C LEU D 50 -0.88 -29.66 -8.28
N LYS D 51 -1.17 -28.82 -7.29
CA LYS D 51 -2.47 -28.82 -6.63
C LYS D 51 -3.55 -28.04 -7.43
N LYS D 52 -3.16 -27.28 -8.47
CA LYS D 52 -4.10 -26.56 -9.32
C LYS D 52 -4.84 -27.53 -10.24
N ARG D 53 -6.08 -27.18 -10.60
CA ARG D 53 -6.97 -27.94 -11.50
C ARG D 53 -6.20 -28.52 -12.70
N LEU D 54 -6.25 -29.84 -12.96
CA LEU D 54 -5.51 -30.43 -14.10
C LEU D 54 -6.04 -30.07 -15.46
N MET D 55 -5.11 -29.80 -16.38
CA MET D 55 -5.36 -29.40 -17.74
C MET D 55 -4.37 -30.17 -18.62
N VAL D 56 -4.66 -31.46 -18.88
CA VAL D 56 -3.79 -32.32 -19.68
C VAL D 56 -4.27 -32.31 -21.11
N LYS D 57 -3.30 -32.24 -22.06
CA LYS D 57 -3.50 -32.20 -23.51
C LYS D 57 -2.34 -32.92 -24.19
N PHE D 58 -2.53 -33.31 -25.45
CA PHE D 58 -1.45 -33.89 -26.25
C PHE D 58 -0.93 -32.84 -27.24
N ARG D 59 0.38 -32.88 -27.55
CA ARG D 59 0.99 -31.96 -28.51
C ARG D 59 0.35 -32.15 -29.89
N GLY D 60 0.12 -33.42 -30.24
CA GLY D 60 -0.57 -33.79 -31.46
C GLY D 60 -2.04 -33.85 -31.13
N GLU D 61 -2.68 -32.65 -31.04
CA GLU D 61 -4.10 -32.42 -30.70
C GLU D 61 -4.45 -30.90 -30.70
N GLU D 62 -5.75 -30.56 -30.87
CA GLU D 62 -6.26 -29.18 -30.83
C GLU D 62 -7.60 -29.11 -30.05
N GLY D 67 -12.61 -30.66 -21.91
CA GLY D 67 -11.49 -31.25 -21.17
C GLY D 67 -11.80 -32.57 -20.47
N GLY D 68 -10.75 -33.34 -20.21
CA GLY D 68 -10.85 -34.65 -19.57
C GLY D 68 -9.81 -35.66 -20.05
N VAL D 69 -8.74 -35.15 -20.73
CA VAL D 69 -7.64 -35.96 -21.25
C VAL D 69 -6.77 -36.58 -20.12
N ALA D 70 -6.83 -36.03 -18.88
CA ALA D 70 -6.03 -36.51 -17.74
C ALA D 70 -6.17 -37.99 -17.47
N ARG D 71 -7.38 -38.51 -17.58
CA ARG D 71 -7.66 -39.91 -17.39
C ARG D 71 -6.79 -40.83 -18.28
N GLU D 72 -6.79 -40.65 -19.61
CA GLU D 72 -5.99 -41.46 -20.53
C GLU D 72 -4.48 -41.21 -20.35
N TRP D 73 -4.12 -39.96 -20.01
CA TRP D 73 -2.75 -39.59 -19.81
C TRP D 73 -2.16 -40.36 -18.62
N LEU D 74 -2.92 -40.45 -17.51
CA LEU D 74 -2.49 -41.21 -16.35
C LEU D 74 -2.34 -42.67 -16.70
N TYR D 75 -3.30 -43.21 -17.40
CA TYR D 75 -3.31 -44.62 -17.81
C TYR D 75 -2.08 -44.99 -18.59
N LEU D 76 -1.80 -44.23 -19.67
CA LEU D 76 -0.67 -44.41 -20.57
C LEU D 76 0.64 -44.12 -19.86
N LEU D 77 0.66 -43.15 -18.93
CA LEU D 77 1.86 -42.79 -18.17
C LEU D 77 2.24 -43.88 -17.14
N CYS D 78 1.25 -44.42 -16.39
CA CYS D 78 1.48 -45.51 -15.43
C CYS D 78 1.95 -46.75 -16.13
N HIS D 79 1.39 -47.01 -17.30
CA HIS D 79 1.72 -48.13 -18.14
C HIS D 79 3.22 -48.11 -18.47
N GLU D 80 3.74 -46.93 -18.76
CA GLU D 80 5.14 -46.73 -19.07
C GLU D 80 6.01 -46.76 -17.83
N MET D 81 5.83 -45.84 -16.86
CA MET D 81 6.70 -45.77 -15.69
C MET D 81 6.76 -47.04 -14.85
N LEU D 82 5.66 -47.77 -14.73
CA LEU D 82 5.65 -49.01 -13.96
C LEU D 82 6.13 -50.26 -14.76
N ASN D 83 6.62 -50.06 -15.99
CA ASN D 83 7.10 -51.17 -16.81
C ASN D 83 8.50 -51.47 -16.36
N PRO D 84 8.79 -52.74 -16.08
CA PRO D 84 10.15 -53.09 -15.64
C PRO D 84 11.27 -52.75 -16.63
N TYR D 85 10.94 -52.39 -17.87
CA TYR D 85 11.94 -51.97 -18.85
C TYR D 85 12.73 -50.75 -18.34
N TYR D 86 12.04 -49.82 -17.65
CA TYR D 86 12.68 -48.63 -17.10
C TYR D 86 13.46 -48.85 -15.79
N GLY D 87 13.38 -50.04 -15.21
CA GLY D 87 14.14 -50.40 -14.02
C GLY D 87 13.69 -49.80 -12.71
N LEU D 88 12.52 -49.15 -12.67
CA LEU D 88 12.03 -48.55 -11.44
C LEU D 88 11.31 -49.62 -10.61
N PHE D 89 10.44 -50.39 -11.29
CA PHE D 89 9.68 -51.43 -10.61
C PHE D 89 9.89 -52.82 -11.25
N GLN D 90 9.59 -53.87 -10.50
CA GLN D 90 9.72 -55.24 -10.97
C GLN D 90 8.57 -56.05 -10.43
N TYR D 91 8.23 -57.16 -11.10
CA TYR D 91 7.15 -58.04 -10.65
C TYR D 91 7.69 -58.91 -9.50
N SER D 92 6.91 -59.07 -8.41
CA SER D 92 7.31 -59.84 -7.24
C SER D 92 7.62 -61.33 -7.55
N THR D 93 8.46 -61.96 -6.71
CA THR D 93 8.87 -63.35 -6.84
C THR D 93 7.65 -64.27 -6.74
N ASP D 94 6.76 -63.98 -5.79
CA ASP D 94 5.51 -64.71 -5.62
C ASP D 94 4.45 -64.10 -6.59
N ASN D 95 4.11 -62.82 -6.41
CA ASN D 95 3.13 -62.15 -7.26
C ASN D 95 3.72 -61.83 -8.65
N ILE D 96 3.62 -62.77 -9.60
CA ILE D 96 4.11 -62.50 -10.97
C ILE D 96 3.22 -61.42 -11.71
N TYR D 97 2.29 -60.77 -10.95
CA TYR D 97 1.31 -59.79 -11.43
C TYR D 97 1.40 -58.47 -10.64
N MET D 98 1.88 -58.52 -9.36
CA MET D 98 2.02 -57.34 -8.51
C MET D 98 3.45 -56.74 -8.54
N LEU D 99 3.56 -55.44 -8.28
CA LEU D 99 4.73 -54.58 -8.44
C LEU D 99 5.40 -54.12 -7.19
N GLN D 100 6.72 -54.22 -7.19
CA GLN D 100 7.52 -53.78 -6.08
C GLN D 100 8.69 -52.98 -6.60
N ILE D 101 9.28 -52.13 -5.74
CA ILE D 101 10.44 -51.33 -6.13
C ILE D 101 11.61 -52.27 -6.46
N ASN D 102 12.30 -52.00 -7.56
CA ASN D 102 13.45 -52.79 -7.96
C ASN D 102 14.63 -52.35 -7.10
N PRO D 103 15.21 -53.24 -6.28
CA PRO D 103 16.32 -52.81 -5.40
C PRO D 103 17.62 -52.49 -6.14
N ASP D 104 17.77 -52.98 -7.39
CA ASP D 104 18.94 -52.71 -8.25
C ASP D 104 18.65 -51.53 -9.19
N SER D 105 17.73 -50.62 -8.83
CA SER D 105 17.35 -49.48 -9.66
C SER D 105 18.48 -48.46 -9.83
N SER D 106 19.49 -48.48 -8.91
CA SER D 106 20.67 -47.61 -8.90
C SER D 106 21.50 -47.62 -10.20
N ILE D 107 21.18 -48.52 -11.14
CA ILE D 107 21.80 -48.65 -12.46
C ILE D 107 21.66 -47.30 -13.21
N ASN D 108 20.47 -46.70 -13.10
CA ASN D 108 20.22 -45.36 -13.61
C ASN D 108 20.65 -44.46 -12.46
N PRO D 109 21.71 -43.64 -12.59
CA PRO D 109 22.14 -42.80 -11.45
C PRO D 109 21.05 -41.83 -10.99
N ASP D 110 20.22 -41.34 -11.93
CA ASP D 110 19.13 -40.40 -11.63
C ASP D 110 17.85 -41.09 -11.15
N HIS D 111 17.89 -42.39 -10.83
CA HIS D 111 16.73 -43.18 -10.41
C HIS D 111 15.94 -42.55 -9.27
N LEU D 112 16.60 -41.89 -8.31
CA LEU D 112 15.88 -41.29 -7.20
C LEU D 112 14.97 -40.14 -7.63
N SER D 113 15.36 -39.41 -8.67
CA SER D 113 14.51 -38.35 -9.22
C SER D 113 13.29 -38.97 -9.93
N TYR D 114 13.47 -40.17 -10.52
CA TYR D 114 12.40 -40.90 -11.19
C TYR D 114 11.43 -41.48 -10.19
N PHE D 115 11.92 -41.95 -9.03
CA PHE D 115 11.08 -42.43 -7.94
C PHE D 115 10.32 -41.28 -7.35
N HIS D 116 10.93 -40.10 -7.21
CA HIS D 116 10.23 -38.92 -6.75
C HIS D 116 9.11 -38.57 -7.74
N PHE D 117 9.40 -38.62 -9.08
CA PHE D 117 8.40 -38.41 -10.14
C PHE D 117 7.23 -39.39 -10.04
N VAL D 118 7.53 -40.68 -9.83
CA VAL D 118 6.51 -41.72 -9.71
C VAL D 118 5.58 -41.43 -8.54
N GLY D 119 6.16 -40.99 -7.42
CA GLY D 119 5.41 -40.60 -6.23
C GLY D 119 4.57 -39.39 -6.52
N ARG D 120 5.12 -38.43 -7.26
CA ARG D 120 4.37 -37.24 -7.65
C ARG D 120 3.14 -37.61 -8.50
N ILE D 121 3.32 -38.52 -9.49
CA ILE D 121 2.23 -38.98 -10.31
C ILE D 121 1.15 -39.71 -9.50
N MET D 122 1.54 -40.59 -8.59
CA MET D 122 0.62 -41.30 -7.71
C MET D 122 -0.16 -40.35 -6.79
N GLY D 123 0.50 -39.34 -6.25
CA GLY D 123 -0.13 -38.35 -5.38
C GLY D 123 -1.04 -37.40 -6.14
N LEU D 124 -0.64 -37.06 -7.37
CA LEU D 124 -1.39 -36.21 -8.28
C LEU D 124 -2.68 -36.92 -8.68
N ALA D 125 -2.61 -38.24 -8.92
CA ALA D 125 -3.79 -39.01 -9.30
C ALA D 125 -4.79 -39.04 -8.14
N VAL D 126 -4.37 -39.42 -6.92
CA VAL D 126 -5.26 -39.44 -5.76
C VAL D 126 -5.80 -38.03 -5.46
N PHE D 127 -4.96 -37.02 -5.59
CA PHE D 127 -5.33 -35.65 -5.31
C PHE D 127 -6.42 -35.13 -6.24
N HIS D 128 -6.34 -35.49 -7.52
CA HIS D 128 -7.31 -35.01 -8.49
C HIS D 128 -8.44 -35.99 -8.78
N GLY D 129 -8.68 -36.94 -7.90
CA GLY D 129 -9.78 -37.91 -8.04
C GLY D 129 -9.59 -38.95 -9.12
N HIS D 130 -8.33 -39.20 -9.47
CA HIS D 130 -7.95 -40.17 -10.49
C HIS D 130 -7.24 -41.36 -9.86
N TYR D 131 -6.99 -42.42 -10.65
CA TYR D 131 -6.37 -43.64 -10.14
C TYR D 131 -5.13 -44.08 -10.93
N ILE D 132 -4.32 -44.98 -10.32
CA ILE D 132 -3.16 -45.48 -11.02
C ILE D 132 -3.37 -46.96 -11.32
N ASN D 133 -3.12 -47.34 -12.57
CA ASN D 133 -3.22 -48.71 -13.07
C ASN D 133 -1.89 -49.38 -12.87
N GLY D 134 -1.83 -50.23 -11.87
CA GLY D 134 -0.62 -50.94 -11.53
C GLY D 134 -0.84 -51.50 -10.17
N GLY D 135 -0.78 -52.81 -10.09
CA GLY D 135 -0.99 -53.47 -8.81
C GLY D 135 0.32 -53.62 -8.11
N PHE D 136 0.41 -53.19 -6.86
CA PHE D 136 1.62 -53.29 -6.07
C PHE D 136 1.53 -54.47 -5.05
N THR D 137 2.49 -54.58 -4.08
CA THR D 137 2.50 -55.61 -3.04
C THR D 137 2.01 -55.04 -1.69
N VAL D 138 1.69 -55.93 -0.72
CA VAL D 138 1.21 -55.56 0.60
C VAL D 138 2.18 -54.64 1.37
N PRO D 139 3.51 -54.96 1.44
CA PRO D 139 4.42 -54.06 2.17
C PRO D 139 4.57 -52.70 1.49
N PHE D 140 4.38 -52.61 0.15
CA PHE D 140 4.44 -51.32 -0.56
C PHE D 140 3.38 -50.37 0.03
N TYR D 141 2.11 -50.83 0.09
CA TYR D 141 1.00 -50.04 0.61
C TYR D 141 1.18 -49.75 2.08
N LYS D 142 1.70 -50.73 2.86
CA LYS D 142 1.94 -50.56 4.30
C LYS D 142 2.99 -49.51 4.58
N GLN D 143 4.06 -49.51 3.79
CA GLN D 143 5.17 -48.58 3.91
C GLN D 143 4.75 -47.18 3.53
N LEU D 144 4.10 -47.03 2.36
CA LEU D 144 3.59 -45.76 1.83
C LEU D 144 2.65 -45.05 2.83
N LEU D 145 1.81 -45.87 3.48
CA LEU D 145 0.85 -45.46 4.51
C LEU D 145 1.53 -44.98 5.81
N GLY D 146 2.81 -45.30 6.01
CA GLY D 146 3.58 -44.88 7.16
C GLY D 146 3.38 -45.73 8.40
N LYS D 147 2.65 -46.84 8.29
CA LYS D 147 2.41 -47.70 9.44
C LYS D 147 3.50 -48.77 9.55
N PRO D 148 3.88 -49.19 10.78
CA PRO D 148 4.95 -50.19 10.93
C PRO D 148 4.49 -51.58 10.55
N ILE D 149 5.40 -52.36 10.00
CA ILE D 149 5.08 -53.70 9.55
C ILE D 149 4.97 -54.67 10.69
N GLN D 150 3.98 -55.59 10.57
CA GLN D 150 3.70 -56.67 11.50
C GLN D 150 4.74 -57.74 11.39
N LEU D 151 5.09 -58.36 12.54
CA LEU D 151 6.02 -59.48 12.56
C LEU D 151 5.47 -60.65 11.72
N SER D 152 4.14 -60.83 11.70
CA SER D 152 3.50 -61.90 10.91
C SER D 152 3.70 -61.71 9.40
N ASP D 153 3.77 -60.45 8.94
CA ASP D 153 4.01 -60.17 7.53
C ASP D 153 5.40 -60.64 7.06
N LEU D 154 6.36 -60.81 7.99
CA LEU D 154 7.72 -61.23 7.72
C LEU D 154 7.86 -62.74 7.52
N GLU D 155 6.89 -63.56 7.99
CA GLU D 155 7.01 -65.01 7.83
C GLU D 155 7.15 -65.45 6.38
N SER D 156 6.36 -64.83 5.48
CA SER D 156 6.40 -65.11 4.06
C SER D 156 7.70 -64.65 3.38
N VAL D 157 8.24 -63.50 3.82
CA VAL D 157 9.44 -62.88 3.26
C VAL D 157 10.75 -63.55 3.71
N ASP D 158 10.93 -63.72 5.03
CA ASP D 158 12.10 -64.36 5.60
C ASP D 158 11.65 -65.20 6.80
N PRO D 159 11.36 -66.48 6.57
CA PRO D 159 10.86 -67.32 7.68
C PRO D 159 11.90 -67.63 8.73
N GLU D 160 13.19 -67.59 8.37
CA GLU D 160 14.25 -67.88 9.32
C GLU D 160 14.42 -66.71 10.27
N LEU D 161 14.36 -65.48 9.74
CA LEU D 161 14.44 -64.28 10.57
C LEU D 161 13.20 -64.19 11.44
N HIS D 162 12.01 -64.51 10.89
CA HIS D 162 10.75 -64.52 11.65
C HIS D 162 10.87 -65.48 12.84
N LYS D 163 11.41 -66.68 12.59
CA LYS D 163 11.60 -67.70 13.60
C LYS D 163 12.46 -67.16 14.74
N SER D 164 13.55 -66.48 14.40
CA SER D 164 14.45 -65.93 15.39
C SER D 164 13.86 -64.74 16.15
N LEU D 165 13.16 -63.81 15.46
CA LEU D 165 12.54 -62.68 16.15
C LEU D 165 11.42 -63.15 17.09
N VAL D 166 10.64 -64.15 16.64
CA VAL D 166 9.60 -64.75 17.47
C VAL D 166 10.26 -65.40 18.72
N TRP D 167 11.42 -66.08 18.54
CA TRP D 167 12.14 -66.69 19.65
C TRP D 167 12.56 -65.65 20.69
N ILE D 168 13.08 -64.50 20.22
CA ILE D 168 13.50 -63.40 21.12
C ILE D 168 12.32 -62.89 21.97
N LEU D 169 11.13 -62.67 21.37
CA LEU D 169 9.95 -62.22 22.09
C LEU D 169 9.40 -63.19 23.12
N GLU D 170 9.45 -64.51 22.87
CA GLU D 170 8.87 -65.44 23.85
C GLU D 170 9.87 -66.23 24.64
N ASN D 171 11.13 -65.79 24.69
CA ASN D 171 12.14 -66.46 25.52
C ASN D 171 13.01 -65.46 26.26
N ASP D 172 13.47 -65.83 27.44
CA ASP D 172 14.35 -64.98 28.24
C ASP D 172 15.74 -65.02 27.60
N ILE D 173 16.09 -63.95 26.87
CA ILE D 173 17.36 -63.86 26.16
C ILE D 173 18.58 -63.60 27.05
N THR D 174 18.38 -63.41 28.35
CA THR D 174 19.47 -63.06 29.25
C THR D 174 20.61 -64.10 29.31
N PRO D 175 20.38 -65.39 29.62
CA PRO D 175 21.53 -66.32 29.72
C PRO D 175 21.93 -66.98 28.42
N VAL D 176 21.42 -66.50 27.28
CA VAL D 176 21.65 -67.13 25.99
C VAL D 176 22.19 -66.14 24.94
N LEU D 177 21.52 -65.00 24.74
CA LEU D 177 21.87 -64.08 23.66
C LEU D 177 22.94 -63.04 23.97
N ASP D 178 23.66 -62.65 22.91
CA ASP D 178 24.68 -61.60 22.90
C ASP D 178 24.55 -60.83 21.59
N HIS D 179 23.41 -60.18 21.40
CA HIS D 179 23.10 -59.39 20.22
C HIS D 179 23.26 -57.89 20.47
N THR D 180 23.36 -57.10 19.39
CA THR D 180 23.43 -55.64 19.43
C THR D 180 22.37 -55.07 18.43
N PHE D 181 22.13 -53.75 18.44
CA PHE D 181 21.20 -53.13 17.50
C PHE D 181 21.94 -52.94 16.18
N CYS D 182 22.53 -54.02 15.70
CA CYS D 182 23.31 -54.08 14.48
C CYS D 182 22.98 -55.40 13.80
N VAL D 183 22.63 -55.33 12.52
CA VAL D 183 22.30 -56.52 11.75
C VAL D 183 23.41 -56.80 10.74
N GLU D 184 23.74 -58.07 10.55
CA GLU D 184 24.80 -58.46 9.63
C GLU D 184 24.27 -59.27 8.44
N ILE D 191 28.82 -58.77 3.08
CA ILE D 191 29.16 -59.05 4.48
C ILE D 191 29.27 -57.73 5.29
N LEU D 192 28.27 -56.83 5.18
CA LEU D 192 28.33 -55.54 5.90
C LEU D 192 27.41 -55.47 7.16
N GLN D 193 27.75 -54.55 8.09
CA GLN D 193 27.05 -54.30 9.36
C GLN D 193 26.22 -53.00 9.31
N HIS D 194 24.92 -53.06 9.71
CA HIS D 194 24.00 -51.91 9.67
C HIS D 194 23.37 -51.69 11.03
N GLU D 195 23.51 -50.50 11.60
CA GLU D 195 22.93 -50.19 12.91
C GLU D 195 21.45 -49.86 12.75
N LEU D 196 20.62 -50.41 13.63
CA LEU D 196 19.17 -50.17 13.59
C LEU D 196 18.77 -48.85 14.28
N LYS D 197 19.65 -48.32 15.14
CA LYS D 197 19.42 -47.07 15.87
C LYS D 197 20.76 -46.31 16.08
N PRO D 198 20.74 -45.01 16.49
CA PRO D 198 21.99 -44.23 16.65
C PRO D 198 23.19 -45.00 17.18
N ASN D 199 23.38 -45.27 18.50
CA ASN D 199 24.58 -45.98 18.95
C ASN D 199 24.78 -47.34 18.25
N GLY D 200 23.69 -48.11 18.14
CA GLY D 200 23.66 -49.41 17.46
C GLY D 200 24.61 -50.48 17.94
N ARG D 201 25.85 -50.50 17.39
CA ARG D 201 26.87 -51.50 17.69
C ARG D 201 27.25 -51.57 19.17
N ASN D 202 27.02 -50.48 19.93
CA ASN D 202 27.34 -50.43 21.37
C ASN D 202 26.10 -50.52 22.28
N VAL D 203 24.96 -50.92 21.72
CA VAL D 203 23.74 -51.06 22.50
C VAL D 203 23.36 -52.53 22.48
N PRO D 204 23.55 -53.23 23.60
CA PRO D 204 23.21 -54.64 23.65
C PRO D 204 21.69 -54.87 23.73
N VAL D 205 21.26 -56.03 23.24
CA VAL D 205 19.86 -56.38 23.28
C VAL D 205 19.61 -57.08 24.59
N THR D 206 18.89 -56.41 25.48
CA THR D 206 18.54 -56.96 26.79
C THR D 206 17.02 -57.12 26.83
N GLU D 207 16.50 -57.96 27.74
CA GLU D 207 15.05 -58.15 27.95
C GLU D 207 14.31 -56.78 28.06
N GLU D 208 15.03 -55.77 28.59
CA GLU D 208 14.60 -54.40 28.81
C GLU D 208 14.21 -53.64 27.53
N ASN D 209 14.68 -54.07 26.33
CA ASN D 209 14.38 -53.34 25.10
C ASN D 209 14.20 -54.20 23.84
N LYS D 210 14.19 -55.55 23.96
CA LYS D 210 14.10 -56.46 22.81
C LYS D 210 12.86 -56.26 21.93
N LYS D 211 11.79 -55.62 22.45
CA LYS D 211 10.60 -55.32 21.64
C LYS D 211 10.92 -54.25 20.60
N GLU D 212 11.77 -53.29 20.96
CA GLU D 212 12.21 -52.24 20.06
C GLU D 212 13.17 -52.80 19.02
N TYR D 213 14.09 -53.66 19.47
CA TYR D 213 15.04 -54.35 18.60
C TYR D 213 14.30 -55.16 17.52
N VAL D 214 13.30 -55.96 17.93
CA VAL D 214 12.50 -56.78 17.02
C VAL D 214 11.74 -55.89 16.03
N ARG D 215 11.17 -54.80 16.51
CA ARG D 215 10.41 -53.88 15.66
C ARG D 215 11.30 -53.27 14.57
N LEU D 216 12.46 -52.81 14.96
CA LEU D 216 13.41 -52.19 14.06
C LEU D 216 13.98 -53.19 13.08
N TYR D 217 14.18 -54.45 13.50
CA TYR D 217 14.72 -55.49 12.64
C TYR D 217 13.70 -55.83 11.54
N VAL D 218 12.42 -56.00 11.91
CA VAL D 218 11.37 -56.28 10.91
C VAL D 218 11.27 -55.11 9.93
N ASN D 219 11.23 -53.88 10.46
CA ASN D 219 11.11 -52.68 9.63
C ASN D 219 12.30 -52.55 8.68
N TRP D 220 13.49 -52.80 9.19
CA TRP D 220 14.71 -52.74 8.40
C TRP D 220 14.74 -53.79 7.31
N ARG D 221 14.27 -55.01 7.61
CA ARG D 221 14.27 -56.11 6.64
C ARG D 221 13.35 -55.81 5.43
N PHE D 222 12.23 -55.14 5.68
CA PHE D 222 11.31 -54.78 4.60
C PHE D 222 11.84 -53.63 3.74
N MET D 223 12.70 -52.77 4.29
CA MET D 223 13.31 -51.64 3.58
C MET D 223 14.64 -51.96 2.87
N ARG D 224 15.14 -53.21 3.06
CA ARG D 224 16.40 -53.72 2.53
C ARG D 224 16.56 -53.49 1.06
N GLY D 225 17.56 -52.64 0.71
CA GLY D 225 17.93 -52.37 -0.67
C GLY D 225 17.11 -51.32 -1.39
N ILE D 226 15.91 -51.03 -0.89
CA ILE D 226 14.99 -50.06 -1.48
C ILE D 226 14.75 -48.84 -0.59
N GLU D 227 15.66 -48.58 0.37
CA GLU D 227 15.50 -47.47 1.30
C GLU D 227 15.48 -46.09 0.60
N ALA D 228 16.52 -45.75 -0.17
CA ALA D 228 16.64 -44.46 -0.85
C ALA D 228 15.50 -44.22 -1.85
N GLN D 229 15.12 -45.26 -2.62
CA GLN D 229 14.04 -45.24 -3.61
C GLN D 229 12.69 -45.00 -2.96
N PHE D 230 12.35 -45.77 -1.91
CA PHE D 230 11.09 -45.58 -1.18
C PHE D 230 11.00 -44.15 -0.60
N LEU D 231 12.08 -43.69 0.04
CA LEU D 231 12.10 -42.34 0.62
C LEU D 231 11.79 -41.28 -0.43
N ALA D 232 12.27 -41.49 -1.68
CA ALA D 232 12.04 -40.57 -2.80
C ALA D 232 10.56 -40.63 -3.28
N LEU D 233 10.01 -41.85 -3.41
CA LEU D 233 8.64 -42.05 -3.84
C LEU D 233 7.66 -41.48 -2.83
N GLN D 234 7.94 -41.69 -1.54
CA GLN D 234 7.14 -41.20 -0.42
C GLN D 234 7.16 -39.67 -0.37
N LYS D 235 8.31 -39.06 -0.60
CA LYS D 235 8.43 -37.59 -0.57
C LYS D 235 7.54 -36.94 -1.63
N GLY D 236 7.48 -37.54 -2.82
CA GLY D 236 6.66 -37.04 -3.92
C GLY D 236 5.20 -37.29 -3.72
N PHE D 237 4.86 -38.42 -3.13
CA PHE D 237 3.49 -38.79 -2.82
C PHE D 237 2.96 -37.84 -1.74
N ASN D 238 3.77 -37.58 -0.70
CA ASN D 238 3.37 -36.69 0.38
C ASN D 238 3.39 -35.21 0.00
N GLU D 239 4.00 -34.85 -1.14
CA GLU D 239 3.92 -33.48 -1.65
C GLU D 239 2.47 -33.14 -2.08
N LEU D 240 1.62 -34.16 -2.34
CA LEU D 240 0.21 -33.97 -2.75
C LEU D 240 -0.71 -34.53 -1.68
N ILE D 241 -0.38 -35.69 -1.14
CA ILE D 241 -1.20 -36.35 -0.13
C ILE D 241 -0.43 -36.33 1.21
N PRO D 242 -0.71 -35.32 2.05
CA PRO D 242 -0.05 -35.27 3.36
C PRO D 242 -0.27 -36.52 4.20
N GLN D 243 0.77 -36.92 4.91
CA GLN D 243 0.83 -38.11 5.75
C GLN D 243 -0.31 -38.20 6.80
N HIS D 244 -0.67 -37.08 7.44
CA HIS D 244 -1.74 -37.09 8.44
C HIS D 244 -3.11 -37.49 7.87
N LEU D 245 -3.41 -37.14 6.61
CA LEU D 245 -4.68 -37.49 5.98
C LEU D 245 -4.83 -38.97 5.66
N LEU D 246 -3.72 -39.72 5.62
CA LEU D 246 -3.75 -41.15 5.39
C LEU D 246 -4.01 -41.95 6.70
N LYS D 247 -3.85 -41.31 7.89
CA LYS D 247 -4.02 -41.90 9.22
C LYS D 247 -5.25 -42.82 9.37
N PRO D 248 -6.48 -42.39 8.99
CA PRO D 248 -7.63 -43.29 9.16
C PRO D 248 -7.69 -44.52 8.25
N PHE D 249 -6.67 -44.79 7.43
CA PHE D 249 -6.74 -45.90 6.48
C PHE D 249 -5.78 -47.03 6.73
N ASP D 250 -6.12 -48.21 6.22
CA ASP D 250 -5.24 -49.37 6.30
C ASP D 250 -4.72 -49.73 4.87
N GLN D 251 -3.78 -50.68 4.78
CA GLN D 251 -3.19 -51.15 3.52
C GLN D 251 -4.22 -51.41 2.42
N LYS D 252 -5.32 -52.12 2.72
CA LYS D 252 -6.34 -52.45 1.72
C LYS D 252 -7.12 -51.24 1.26
N GLU D 253 -7.35 -50.28 2.16
CA GLU D 253 -8.06 -49.06 1.81
C GLU D 253 -7.17 -48.15 0.96
N LEU D 254 -5.86 -48.08 1.25
CA LEU D 254 -4.94 -47.25 0.45
C LEU D 254 -4.81 -47.82 -0.95
N GLU D 255 -4.74 -49.16 -1.07
CA GLU D 255 -4.71 -49.85 -2.36
C GLU D 255 -5.93 -49.43 -3.24
N LEU D 256 -7.11 -49.31 -2.61
CA LEU D 256 -8.35 -48.90 -3.25
C LEU D 256 -8.33 -47.41 -3.56
N ILE D 257 -7.86 -46.57 -2.63
CA ILE D 257 -7.77 -45.13 -2.86
C ILE D 257 -6.83 -44.83 -4.07
N ILE D 258 -5.68 -45.51 -4.13
CA ILE D 258 -4.72 -45.31 -5.19
C ILE D 258 -5.16 -45.90 -6.53
N GLY D 259 -5.67 -47.12 -6.56
CA GLY D 259 -6.00 -47.78 -7.82
C GLY D 259 -7.44 -47.97 -8.26
N GLY D 260 -8.39 -47.65 -7.40
CA GLY D 260 -9.80 -47.83 -7.71
C GLY D 260 -10.27 -49.27 -7.62
N LEU D 261 -11.53 -49.51 -7.97
CA LEU D 261 -12.08 -50.86 -7.94
C LEU D 261 -11.40 -51.72 -9.00
N ASP D 262 -11.19 -53.02 -8.72
CA ASP D 262 -10.61 -53.91 -9.74
C ASP D 262 -11.67 -54.72 -10.46
N LYS D 263 -12.84 -54.85 -9.84
CA LYS D 263 -13.99 -55.51 -10.38
C LYS D 263 -14.83 -54.45 -11.08
N ILE D 264 -15.28 -54.72 -12.32
CA ILE D 264 -16.20 -53.82 -13.00
C ILE D 264 -17.59 -54.35 -12.74
N ASP D 265 -18.44 -53.58 -12.03
CA ASP D 265 -19.82 -54.02 -11.82
C ASP D 265 -20.59 -53.63 -13.07
N LEU D 266 -21.26 -54.61 -13.67
CA LEU D 266 -22.02 -54.43 -14.90
C LEU D 266 -23.27 -53.62 -14.68
N ASN D 267 -23.97 -53.85 -13.56
CA ASN D 267 -25.22 -53.14 -13.28
C ASN D 267 -25.00 -51.65 -13.06
N ASP D 268 -23.86 -51.29 -12.44
CA ASP D 268 -23.48 -49.90 -12.20
C ASP D 268 -23.09 -49.21 -13.50
N TRP D 269 -22.40 -49.95 -14.39
CA TRP D 269 -21.97 -49.49 -15.70
C TRP D 269 -23.24 -49.15 -16.50
N LYS D 270 -24.19 -50.09 -16.56
CA LYS D 270 -25.46 -49.92 -17.27
C LYS D 270 -26.31 -48.80 -16.68
N SER D 271 -26.38 -48.69 -15.34
CA SER D 271 -27.15 -47.65 -14.70
C SER D 271 -26.60 -46.25 -15.02
N ASN D 272 -25.28 -46.13 -15.16
CA ASN D 272 -24.67 -44.83 -15.42
C ASN D 272 -24.27 -44.63 -16.88
N THR D 273 -25.06 -45.22 -17.79
CA THR D 273 -24.86 -45.10 -19.23
C THR D 273 -25.98 -44.25 -19.81
N ARG D 274 -25.61 -43.23 -20.59
CA ARG D 274 -26.55 -42.36 -21.27
C ARG D 274 -26.57 -42.71 -22.76
N LEU D 275 -27.69 -42.45 -23.43
CA LEU D 275 -27.84 -42.79 -24.84
C LEU D 275 -28.06 -41.56 -25.73
N LYS D 276 -27.32 -41.49 -26.83
CA LYS D 276 -27.48 -40.41 -27.80
C LYS D 276 -28.01 -41.02 -29.09
N HIS D 277 -29.04 -40.38 -29.65
CA HIS D 277 -29.75 -40.79 -30.86
C HIS D 277 -30.33 -42.22 -30.78
N CYS D 278 -30.57 -42.73 -29.58
CA CYS D 278 -31.17 -44.04 -29.40
C CYS D 278 -31.87 -44.14 -28.04
N VAL D 279 -32.71 -45.17 -27.87
CA VAL D 279 -33.43 -45.36 -26.62
C VAL D 279 -33.10 -46.74 -26.02
N ASN D 283 -32.20 -50.86 -31.12
CA ASN D 283 -31.91 -52.16 -30.52
C ASN D 283 -30.42 -52.52 -30.49
N ILE D 284 -29.54 -51.67 -31.06
CA ILE D 284 -28.08 -51.95 -30.98
C ILE D 284 -27.58 -51.80 -29.51
N VAL D 285 -28.33 -51.05 -28.67
CA VAL D 285 -28.04 -50.87 -27.26
C VAL D 285 -28.20 -52.25 -26.58
N ARG D 286 -29.26 -53.00 -26.88
CA ARG D 286 -29.47 -54.33 -26.28
C ARG D 286 -28.35 -55.29 -26.72
N TRP D 287 -27.92 -55.20 -27.98
CA TRP D 287 -26.88 -56.02 -28.55
C TRP D 287 -25.51 -55.71 -27.97
N PHE D 288 -25.19 -54.41 -27.72
CA PHE D 288 -23.92 -53.97 -27.14
C PHE D 288 -23.78 -54.58 -25.75
N TRP D 289 -24.84 -54.49 -24.93
CA TRP D 289 -24.83 -55.04 -23.58
C TRP D 289 -24.80 -56.58 -23.56
N GLN D 290 -25.35 -57.21 -24.59
CA GLN D 290 -25.32 -58.66 -24.73
C GLN D 290 -23.87 -59.09 -25.06
N ALA D 291 -23.17 -58.33 -25.90
CA ALA D 291 -21.78 -58.60 -26.22
C ALA D 291 -20.90 -58.39 -24.98
N VAL D 292 -21.21 -57.35 -24.17
CA VAL D 292 -20.45 -57.06 -22.96
C VAL D 292 -20.58 -58.19 -21.92
N GLU D 293 -21.80 -58.77 -21.68
CA GLU D 293 -21.91 -59.89 -20.72
C GLU D 293 -21.09 -61.11 -21.20
N THR D 294 -21.00 -61.29 -22.52
CA THR D 294 -20.23 -62.33 -23.21
C THR D 294 -18.71 -62.14 -22.99
N PHE D 295 -18.24 -60.89 -22.87
CA PHE D 295 -16.83 -60.58 -22.65
C PHE D 295 -16.35 -60.96 -21.24
N ASP D 296 -15.08 -61.41 -21.12
CA ASP D 296 -14.51 -61.73 -19.81
C ASP D 296 -14.08 -60.45 -19.05
N GLU D 297 -13.66 -60.57 -17.78
CA GLU D 297 -13.23 -59.41 -16.99
C GLU D 297 -12.07 -58.66 -17.65
N GLU D 298 -11.12 -59.40 -18.21
CA GLU D 298 -9.94 -58.81 -18.87
C GLU D 298 -10.26 -58.17 -20.24
N ARG D 299 -11.38 -58.55 -20.89
CA ARG D 299 -11.82 -57.96 -22.16
C ARG D 299 -12.79 -56.79 -21.95
N ARG D 300 -13.53 -56.79 -20.81
CA ARG D 300 -14.37 -55.68 -20.37
C ARG D 300 -13.48 -54.47 -20.06
N ALA D 301 -12.28 -54.72 -19.48
CA ALA D 301 -11.25 -53.73 -19.15
C ALA D 301 -10.72 -53.05 -20.41
N ARG D 302 -10.44 -53.83 -21.49
CA ARG D 302 -9.99 -53.32 -22.80
C ARG D 302 -11.10 -52.51 -23.51
N LEU D 303 -12.36 -52.81 -23.21
CA LEU D 303 -13.49 -52.05 -23.75
C LEU D 303 -13.61 -50.72 -23.00
N LEU D 304 -13.42 -50.75 -21.68
CA LEU D 304 -13.45 -49.55 -20.87
C LEU D 304 -12.28 -48.61 -21.27
N GLN D 305 -11.08 -49.17 -21.50
CA GLN D 305 -9.91 -48.38 -21.91
C GLN D 305 -10.09 -47.80 -23.31
N PHE D 306 -10.81 -48.55 -24.17
CA PHE D 306 -11.10 -48.15 -25.52
C PHE D 306 -11.98 -46.91 -25.49
N VAL D 307 -13.10 -46.97 -24.75
CA VAL D 307 -14.02 -45.85 -24.68
C VAL D 307 -13.60 -44.69 -23.77
N THR D 308 -13.19 -44.99 -22.53
CA THR D 308 -12.89 -43.97 -21.54
C THR D 308 -11.43 -43.53 -21.44
N GLY D 309 -10.55 -44.23 -22.14
CA GLY D 309 -9.13 -43.93 -22.12
C GLY D 309 -8.39 -44.63 -21.00
N SER D 310 -9.10 -45.18 -20.04
CA SER D 310 -8.49 -45.85 -18.91
C SER D 310 -9.24 -47.11 -18.51
N THR D 311 -8.51 -48.03 -17.87
CA THR D 311 -9.09 -49.27 -17.36
C THR D 311 -9.63 -49.11 -15.91
N ARG D 312 -9.41 -47.95 -15.27
CA ARG D 312 -9.71 -47.69 -13.88
C ARG D 312 -11.16 -47.32 -13.58
N VAL D 313 -11.71 -47.93 -12.53
CA VAL D 313 -13.07 -47.63 -12.10
C VAL D 313 -13.03 -46.85 -10.78
N PRO D 314 -13.67 -45.67 -10.74
CA PRO D 314 -13.68 -44.88 -9.50
C PRO D 314 -14.34 -45.61 -8.34
N LEU D 315 -13.96 -45.26 -7.11
CA LEU D 315 -14.56 -45.89 -5.93
C LEU D 315 -16.04 -45.54 -5.75
N GLN D 316 -16.48 -44.42 -6.33
CA GLN D 316 -17.88 -44.03 -6.35
C GLN D 316 -18.66 -44.73 -7.49
N GLY D 317 -17.96 -45.39 -8.41
CA GLY D 317 -18.56 -46.12 -9.50
C GLY D 317 -18.50 -45.38 -10.82
N PHE D 318 -19.33 -45.86 -11.77
CA PHE D 318 -19.46 -45.32 -13.14
C PHE D 318 -20.16 -43.97 -13.23
N LYS D 319 -20.61 -43.42 -12.08
CA LYS D 319 -21.24 -42.11 -11.97
C LYS D 319 -20.20 -40.97 -11.83
N ALA D 320 -18.95 -41.28 -11.49
CA ALA D 320 -17.91 -40.28 -11.32
C ALA D 320 -16.80 -40.54 -12.35
N LEU D 321 -17.19 -40.78 -13.61
CA LEU D 321 -16.24 -41.12 -14.67
C LEU D 321 -15.22 -40.00 -15.08
N GLN D 322 -15.55 -38.69 -14.96
CA GLN D 322 -14.58 -37.64 -15.35
C GLN D 322 -13.39 -37.55 -14.34
N GLY D 323 -13.59 -38.04 -13.12
CA GLY D 323 -12.57 -38.07 -12.07
C GLY D 323 -12.61 -36.85 -11.17
N SER D 324 -11.93 -35.77 -11.60
CA SER D 324 -11.86 -34.51 -10.86
C SER D 324 -13.23 -33.81 -10.90
N ALA D 328 -20.03 -29.21 -17.36
CA ALA D 328 -20.39 -29.21 -15.95
C ALA D 328 -20.79 -30.61 -15.46
N GLY D 329 -20.00 -31.17 -14.55
CA GLY D 329 -20.26 -32.49 -14.01
C GLY D 329 -19.48 -33.56 -14.75
N PRO D 330 -19.24 -34.71 -14.08
CA PRO D 330 -18.47 -35.80 -14.72
C PRO D 330 -19.23 -36.36 -15.93
N ARG D 331 -18.56 -36.47 -17.10
CA ARG D 331 -19.22 -36.98 -18.29
C ARG D 331 -19.38 -38.50 -18.23
N LEU D 332 -20.63 -38.94 -18.30
CA LEU D 332 -21.07 -40.32 -18.21
C LEU D 332 -20.80 -41.12 -19.47
N PHE D 333 -20.66 -42.44 -19.33
CA PHE D 333 -20.44 -43.37 -20.43
C PHE D 333 -21.63 -43.25 -21.42
N THR D 334 -21.36 -42.90 -22.67
CA THR D 334 -22.42 -42.69 -23.64
C THR D 334 -22.34 -43.63 -24.81
N ILE D 335 -23.51 -44.17 -25.22
CA ILE D 335 -23.62 -45.01 -26.40
C ILE D 335 -24.24 -44.07 -27.42
N HIS D 336 -23.47 -43.71 -28.45
CA HIS D 336 -23.88 -42.77 -29.48
C HIS D 336 -24.25 -43.51 -30.75
N LEU D 337 -25.47 -43.28 -31.25
CA LEU D 337 -25.92 -43.94 -32.46
C LEU D 337 -25.81 -43.00 -33.66
N ILE D 338 -25.18 -43.49 -34.73
CA ILE D 338 -25.01 -42.76 -35.99
C ILE D 338 -25.35 -43.68 -37.19
N ASP D 339 -25.77 -43.09 -38.33
CA ASP D 339 -26.18 -43.84 -39.52
C ASP D 339 -25.01 -44.21 -40.48
N ALA D 340 -23.75 -44.10 -40.00
CA ALA D 340 -22.50 -44.36 -40.73
C ALA D 340 -22.47 -45.75 -41.40
N ASN D 341 -21.52 -45.98 -42.34
CA ASN D 341 -21.33 -47.24 -43.04
C ASN D 341 -21.14 -48.39 -42.04
N THR D 342 -21.95 -49.47 -42.17
CA THR D 342 -21.90 -50.61 -41.25
C THR D 342 -20.60 -51.46 -41.39
N ASP D 343 -19.71 -51.12 -42.34
CA ASP D 343 -18.41 -51.78 -42.45
C ASP D 343 -17.35 -51.08 -41.57
N ASN D 344 -17.69 -49.90 -40.99
CA ASN D 344 -16.81 -49.16 -40.10
C ASN D 344 -16.79 -49.82 -38.73
N LEU D 345 -15.70 -49.63 -38.00
CA LEU D 345 -15.60 -50.13 -36.63
C LEU D 345 -16.18 -49.05 -35.68
N PRO D 346 -16.61 -49.42 -34.47
CA PRO D 346 -17.10 -48.40 -33.53
C PRO D 346 -15.99 -47.40 -33.20
N LYS D 347 -16.27 -46.10 -33.32
CA LYS D 347 -15.30 -45.07 -32.98
C LYS D 347 -15.39 -44.77 -31.48
N ALA D 348 -14.33 -44.17 -30.92
CA ALA D 348 -14.31 -43.83 -29.50
C ALA D 348 -13.81 -42.42 -29.29
N HIS D 349 -14.47 -41.67 -28.41
CA HIS D 349 -14.11 -40.31 -28.06
C HIS D 349 -13.83 -40.37 -26.58
N THR D 350 -12.55 -40.67 -26.21
CA THR D 350 -12.18 -40.86 -24.81
C THR D 350 -12.41 -39.64 -23.95
N CYS D 351 -12.28 -38.46 -24.52
CA CYS D 351 -12.55 -37.21 -23.82
C CYS D 351 -14.00 -37.11 -23.29
N PHE D 352 -14.94 -37.83 -23.92
CA PHE D 352 -16.35 -37.80 -23.49
C PHE D 352 -16.90 -39.13 -23.01
N ASN D 353 -16.06 -40.19 -22.97
CA ASN D 353 -16.46 -41.55 -22.60
C ASN D 353 -17.62 -42.03 -23.50
N ARG D 354 -17.53 -41.69 -24.79
CA ARG D 354 -18.54 -41.96 -25.79
C ARG D 354 -18.06 -42.94 -26.87
N ILE D 355 -18.91 -43.91 -27.23
CA ILE D 355 -18.61 -44.87 -28.29
C ILE D 355 -19.61 -44.65 -29.43
N ASP D 356 -19.11 -44.29 -30.62
CA ASP D 356 -19.97 -44.05 -31.78
C ASP D 356 -20.17 -45.37 -32.53
N ILE D 357 -21.33 -46.00 -32.35
CA ILE D 357 -21.66 -47.28 -32.97
C ILE D 357 -22.55 -47.17 -34.22
N PRO D 358 -22.06 -47.71 -35.36
CA PRO D 358 -22.89 -47.73 -36.59
C PRO D 358 -24.15 -48.62 -36.46
N PRO D 359 -25.16 -48.49 -37.36
CA PRO D 359 -26.36 -49.33 -37.23
C PRO D 359 -26.20 -50.75 -37.77
N TYR D 360 -25.47 -51.63 -37.05
CA TYR D 360 -25.25 -53.02 -37.46
C TYR D 360 -26.53 -53.86 -37.65
N GLU D 361 -26.58 -54.59 -38.77
CA GLU D 361 -27.74 -55.39 -39.17
C GLU D 361 -27.95 -56.67 -38.36
N SER D 362 -26.97 -57.10 -37.57
CA SER D 362 -27.07 -58.31 -36.78
C SER D 362 -26.28 -58.22 -35.46
N TYR D 363 -26.54 -59.14 -34.51
CA TYR D 363 -25.79 -59.20 -33.25
C TYR D 363 -24.40 -59.74 -33.53
N GLU D 364 -24.26 -60.74 -34.43
CA GLU D 364 -22.94 -61.27 -34.79
C GLU D 364 -22.11 -60.27 -35.63
N LYS D 365 -22.76 -59.24 -36.20
CA LYS D 365 -22.12 -58.17 -36.95
C LYS D 365 -21.57 -57.14 -35.94
N LEU D 366 -22.38 -56.77 -34.94
CA LEU D 366 -21.95 -55.84 -33.90
C LEU D 366 -20.85 -56.47 -33.05
N TYR D 367 -21.00 -57.74 -32.68
CA TYR D 367 -20.03 -58.44 -31.84
C TYR D 367 -18.64 -58.47 -32.49
N GLU D 368 -18.58 -58.87 -33.77
CA GLU D 368 -17.34 -58.97 -34.54
C GLU D 368 -16.62 -57.63 -34.69
N LYS D 369 -17.37 -56.56 -34.95
CA LYS D 369 -16.78 -55.23 -35.10
C LYS D 369 -16.39 -54.63 -33.73
N LEU D 370 -17.13 -54.98 -32.66
CA LEU D 370 -16.84 -54.47 -31.32
C LEU D 370 -15.58 -55.14 -30.79
N LEU D 371 -15.45 -56.45 -30.97
CA LEU D 371 -14.29 -57.21 -30.53
C LEU D 371 -13.01 -56.74 -31.22
N THR D 372 -13.03 -56.58 -32.55
CA THR D 372 -11.85 -56.13 -33.28
C THR D 372 -11.44 -54.71 -32.89
N ALA D 373 -12.40 -53.82 -32.62
CA ALA D 373 -12.09 -52.45 -32.18
C ALA D 373 -11.37 -52.46 -30.83
N VAL D 374 -11.74 -53.39 -29.95
CA VAL D 374 -11.17 -53.58 -28.62
C VAL D 374 -9.70 -54.05 -28.70
N GLU D 375 -9.34 -54.78 -29.77
CA GLU D 375 -7.97 -55.24 -29.99
C GLU D 375 -7.05 -54.04 -30.30
N GLU D 376 -6.48 -53.47 -29.22
CA GLU D 376 -5.58 -52.33 -29.11
C GLU D 376 -5.32 -52.15 -27.60
#